data_9QND
#
_entry.id   9QND
#
_cell.length_a   1.00
_cell.length_b   1.00
_cell.length_c   1.00
_cell.angle_alpha   90.00
_cell.angle_beta   90.00
_cell.angle_gamma   90.00
#
_symmetry.space_group_name_H-M   'P 1'
#
_entity_poly.entity_id   1
_entity_poly.type   'polypeptide(L)'
_entity_poly.pdbx_seq_one_letter_code
;MNSTGLYTLLSGVNRHSTAIGRVWLSVIFIFRIMVLVVAAESVWGDEKSSFICNTLQPGCNSVCYDQFFPISHVRLWSLQ
LILVSTPALLVAMHVAHQQHIEKKMLRLEGHGDPLHLEEVKRHKVHISGTLWWTYVISVVFRLLFEAVFMYVFYLLYPGY
AMVRLVKCDVYPCPNTVDCFVSRPTEKTVFTVFMLAASGICIILNVAEVVYLIIRACARRAQRRSNPPSRKGSGFGHRLS
PEYKQNEINKLLSEQDGSLKDILRRSPGTGAGLAEKSDRCSACAAALEVLFQGPGGVSKGEELFTGVVPILVELDGDVNG
HKFSVSGEGEGDATYGKLTLKFICTTGKLPVPWPTLVTTFGYGLQCFARYPDHMKQHDFFKSAMPEGYVQERTIFFKDDG
NYKTRAEVKFEGDTLVNRIELKGIDFKEDGNILGHKLEYNYNSHNVYIMADKQKNGIKVNFKIRHNIEDGSVQLADHYQQ
NTPIGDGPVLLPDNHYLSYQSALSKDPNEKRDHMVLLEFVTAAGITLGMDELYKAASAWSHPQFEKGGGSGGGSGGSAWS
HPQFEK
;
_entity_poly.pdbx_strand_id   A,B,C,D,E,F,G,H,I,J,K,L
#
# COMPACT_ATOMS: atom_id res chain seq x y z
N THR A 4 49.51 15.14 -5.77
CA THR A 4 49.77 14.96 -7.19
C THR A 4 51.08 14.21 -7.42
N GLY A 5 51.99 14.31 -6.44
CA GLY A 5 53.25 13.60 -6.56
C GLY A 5 53.08 12.09 -6.58
N LEU A 6 52.15 11.58 -5.77
CA LEU A 6 51.84 10.16 -5.80
C LEU A 6 51.27 9.76 -7.16
N TYR A 7 50.44 10.63 -7.76
CA TYR A 7 49.89 10.34 -9.07
C TYR A 7 50.98 10.30 -10.14
N THR A 8 51.93 11.23 -10.08
CA THR A 8 53.02 11.22 -11.06
C THR A 8 53.91 10.00 -10.85
N LEU A 9 54.09 9.58 -9.60
CA LEU A 9 54.82 8.34 -9.34
C LEU A 9 54.09 7.14 -9.94
N LEU A 10 52.76 7.09 -9.78
CA LEU A 10 51.97 5.98 -10.34
C LEU A 10 51.90 6.03 -11.85
N SER A 11 52.11 7.20 -12.46
CA SER A 11 52.08 7.29 -13.92
C SER A 11 53.21 6.49 -14.55
N GLY A 12 54.40 6.57 -13.97
CA GLY A 12 55.55 5.86 -14.51
C GLY A 12 56.71 6.78 -14.84
N VAL A 13 56.78 7.92 -14.17
CA VAL A 13 57.88 8.86 -14.40
C VAL A 13 59.18 8.24 -13.91
N ASN A 14 60.19 8.23 -14.78
CA ASN A 14 61.47 7.62 -14.46
C ASN A 14 62.57 8.55 -14.96
N ARG A 15 63.79 8.32 -14.45
CA ARG A 15 64.92 9.14 -14.89
C ARG A 15 65.26 8.90 -16.35
N HIS A 16 64.88 7.75 -16.91
CA HIS A 16 65.06 7.48 -18.33
C HIS A 16 63.88 7.93 -19.18
N SER A 17 62.83 8.46 -18.56
CA SER A 17 61.65 8.87 -19.31
C SER A 17 61.94 10.13 -20.11
N THR A 18 61.40 10.18 -21.33
CA THR A 18 61.53 11.36 -22.17
C THR A 18 60.44 12.36 -21.80
N ALA A 19 60.26 13.39 -22.64
CA ALA A 19 59.22 14.37 -22.36
C ALA A 19 57.82 13.76 -22.44
N ILE A 20 57.61 12.86 -23.40
CA ILE A 20 56.27 12.29 -23.61
C ILE A 20 55.80 11.56 -22.35
N GLY A 21 56.66 10.73 -21.77
CA GLY A 21 56.27 9.97 -20.60
C GLY A 21 56.27 10.78 -19.32
N ARG A 22 56.99 11.90 -19.29
CA ARG A 22 57.15 12.68 -18.06
C ARG A 22 56.13 13.80 -17.92
N VAL A 23 55.74 14.45 -19.00
CA VAL A 23 54.85 15.61 -18.92
C VAL A 23 53.48 15.37 -19.55
N TRP A 24 53.34 14.40 -20.45
CA TRP A 24 52.07 14.18 -21.13
C TRP A 24 51.30 12.98 -20.56
N LEU A 25 51.96 11.84 -20.39
CA LEU A 25 51.26 10.65 -19.92
C LEU A 25 50.74 10.83 -18.50
N SER A 26 51.54 11.46 -17.63
CA SER A 26 51.13 11.65 -16.25
C SER A 26 49.90 12.55 -16.14
N VAL A 27 49.83 13.59 -16.98
CA VAL A 27 48.70 14.49 -16.96
C VAL A 27 47.42 13.75 -17.36
N ILE A 28 47.50 12.92 -18.39
CA ILE A 28 46.32 12.15 -18.80
C ILE A 28 45.92 11.16 -17.71
N PHE A 29 46.90 10.57 -17.02
CA PHE A 29 46.59 9.67 -15.91
C PHE A 29 45.83 10.40 -14.81
N ILE A 30 46.30 11.59 -14.44
CA ILE A 30 45.63 12.37 -13.40
C ILE A 30 44.25 12.81 -13.87
N PHE A 31 44.11 13.14 -15.15
CA PHE A 31 42.82 13.52 -15.71
C PHE A 31 41.82 12.37 -15.58
N ARG A 32 42.24 11.16 -15.93
CA ARG A 32 41.38 9.99 -15.79
C ARG A 32 41.00 9.76 -14.34
N ILE A 33 41.96 9.90 -13.42
CA ILE A 33 41.67 9.73 -12.00
C ILE A 33 40.60 10.73 -11.55
N MET A 34 40.77 12.00 -11.94
CA MET A 34 39.84 13.04 -11.51
C MET A 34 38.44 12.82 -12.09
N VAL A 35 38.36 12.47 -13.37
CA VAL A 35 37.05 12.23 -13.98
C VAL A 35 36.36 11.04 -13.30
N LEU A 36 37.12 9.98 -13.03
CA LEU A 36 36.53 8.83 -12.35
C LEU A 36 36.05 9.18 -10.95
N VAL A 37 36.83 9.99 -10.21
CA VAL A 37 36.40 10.40 -8.88
C VAL A 37 35.12 11.22 -8.95
N VAL A 38 35.02 12.10 -9.95
CA VAL A 38 33.82 12.92 -10.10
C VAL A 38 32.61 12.04 -10.42
N ALA A 39 32.77 11.07 -11.30
CA ALA A 39 31.63 10.32 -11.85
C ALA A 39 31.32 9.03 -11.09
N ALA A 40 32.13 8.64 -10.11
CA ALA A 40 31.94 7.33 -9.48
C ALA A 40 30.57 7.20 -8.83
N GLU A 41 30.32 7.97 -7.77
CA GLU A 41 29.10 7.83 -7.01
C GLU A 41 28.04 8.88 -7.32
N SER A 42 28.40 9.93 -8.07
CA SER A 42 27.41 10.94 -8.43
C SER A 42 26.41 10.40 -9.44
N VAL A 43 26.88 9.73 -10.50
CA VAL A 43 26.02 9.32 -11.59
C VAL A 43 25.82 7.81 -11.65
N TRP A 44 26.78 7.01 -11.17
CA TRP A 44 26.63 5.56 -11.13
C TRP A 44 26.19 5.06 -9.76
N GLY A 45 25.89 5.96 -8.82
CA GLY A 45 25.56 5.53 -7.47
C GLY A 45 24.24 4.79 -7.39
N ASP A 46 23.23 5.25 -8.11
CA ASP A 46 21.90 4.65 -8.07
C ASP A 46 21.60 3.79 -9.29
N GLU A 47 22.63 3.13 -9.83
CA GLU A 47 22.45 2.35 -11.05
C GLU A 47 21.48 1.19 -10.83
N LYS A 48 21.56 0.53 -9.69
CA LYS A 48 20.73 -0.64 -9.42
C LYS A 48 19.47 -0.32 -8.63
N SER A 49 19.52 0.67 -7.73
CA SER A 49 18.35 0.98 -6.92
C SER A 49 17.26 1.67 -7.74
N SER A 50 17.62 2.38 -8.80
CA SER A 50 16.66 3.02 -9.67
C SER A 50 16.31 2.20 -10.90
N PHE A 51 16.90 1.02 -11.06
CA PHE A 51 16.60 0.12 -12.18
C PHE A 51 15.28 -0.57 -11.92
N ILE A 52 14.30 -0.36 -12.79
CA ILE A 52 12.96 -0.91 -12.60
C ILE A 52 12.50 -1.58 -13.89
N CYS A 53 11.62 -2.57 -13.73
CA CYS A 53 11.03 -3.29 -14.85
C CYS A 53 9.52 -3.31 -14.68
N ASN A 54 8.82 -3.38 -15.81
CA ASN A 54 7.36 -3.37 -15.84
C ASN A 54 6.85 -4.80 -15.67
N THR A 55 6.75 -5.22 -14.41
CA THR A 55 6.30 -6.56 -14.08
C THR A 55 5.92 -6.63 -12.61
N LEU A 56 5.17 -7.67 -12.27
CA LEU A 56 4.85 -8.00 -10.88
C LEU A 56 5.63 -9.20 -10.37
N GLN A 57 6.52 -9.76 -11.18
CA GLN A 57 7.24 -10.97 -10.81
C GLN A 57 8.34 -10.65 -9.80
N PRO A 58 8.35 -11.27 -8.62
CA PRO A 58 9.44 -11.00 -7.67
C PRO A 58 10.77 -11.53 -8.19
N GLY A 59 11.82 -10.73 -8.01
CA GLY A 59 13.16 -11.10 -8.40
C GLY A 59 13.54 -10.80 -9.82
N CYS A 60 12.64 -10.23 -10.63
CA CYS A 60 12.97 -9.97 -12.03
C CYS A 60 13.91 -8.78 -12.17
N ASN A 61 13.76 -7.76 -11.33
CA ASN A 61 14.64 -6.59 -11.40
C ASN A 61 16.10 -6.98 -11.21
N SER A 62 16.38 -7.78 -10.18
CA SER A 62 17.76 -8.12 -9.88
C SER A 62 18.39 -8.98 -10.97
N VAL A 63 17.67 -9.98 -11.47
CA VAL A 63 18.23 -10.85 -12.49
C VAL A 63 18.42 -10.09 -13.80
N CYS A 64 17.49 -9.20 -14.15
CA CYS A 64 17.66 -8.42 -15.37
C CYS A 64 18.84 -7.45 -15.24
N TYR A 65 18.99 -6.81 -14.09
CA TYR A 65 20.14 -5.92 -13.90
C TYR A 65 21.44 -6.70 -14.01
N ASP A 66 21.50 -7.88 -13.38
CA ASP A 66 22.72 -8.69 -13.47
C ASP A 66 22.99 -9.14 -14.90
N GLN A 67 21.94 -9.46 -15.66
CA GLN A 67 22.13 -9.88 -17.05
C GLN A 67 22.68 -8.75 -17.90
N PHE A 68 22.17 -7.52 -17.73
CA PHE A 68 22.56 -6.45 -18.63
C PHE A 68 23.80 -5.68 -18.16
N PHE A 69 24.18 -5.77 -16.90
CA PHE A 69 25.36 -5.09 -16.38
C PHE A 69 26.18 -6.08 -15.56
N PRO A 70 26.91 -6.97 -16.24
CA PRO A 70 27.73 -7.96 -15.49
C PRO A 70 28.75 -7.31 -14.58
N ILE A 71 29.32 -6.18 -14.99
CA ILE A 71 30.22 -5.40 -14.15
C ILE A 71 30.07 -3.94 -14.57
N SER A 72 29.96 -3.06 -13.58
CA SER A 72 29.73 -1.65 -13.84
C SER A 72 30.92 -1.02 -14.55
N HIS A 73 30.64 0.05 -15.31
CA HIS A 73 31.70 0.76 -16.02
C HIS A 73 32.73 1.33 -15.05
N VAL A 74 32.27 1.86 -13.91
CA VAL A 74 33.16 2.48 -12.95
C VAL A 74 34.13 1.46 -12.36
N ARG A 75 33.63 0.26 -12.05
CA ARG A 75 34.52 -0.77 -11.52
C ARG A 75 35.54 -1.22 -12.56
N LEU A 76 35.13 -1.32 -13.83
CA LEU A 76 36.07 -1.64 -14.88
C LEU A 76 37.17 -0.60 -15.00
N TRP A 77 36.80 0.68 -14.96
CA TRP A 77 37.80 1.74 -15.05
C TRP A 77 38.72 1.75 -13.83
N SER A 78 38.17 1.47 -12.64
CA SER A 78 39.00 1.40 -11.45
C SER A 78 40.02 0.27 -11.54
N LEU A 79 39.58 -0.92 -11.95
CA LEU A 79 40.51 -2.03 -12.12
C LEU A 79 41.57 -1.71 -13.17
N GLN A 80 41.15 -1.08 -14.27
CA GLN A 80 42.12 -0.70 -15.30
C GLN A 80 43.17 0.25 -14.76
N LEU A 81 42.75 1.25 -13.98
CA LEU A 81 43.71 2.20 -13.43
C LEU A 81 44.66 1.52 -12.46
N ILE A 82 44.15 0.62 -11.60
CA ILE A 82 45.02 -0.07 -10.65
C ILE A 82 46.04 -0.92 -11.38
N LEU A 83 45.60 -1.70 -12.37
CA LEU A 83 46.52 -2.57 -13.09
C LEU A 83 47.52 -1.77 -13.91
N VAL A 84 47.11 -0.62 -14.46
CA VAL A 84 48.05 0.20 -15.23
C VAL A 84 49.09 0.82 -14.30
N SER A 85 48.69 1.22 -13.09
CA SER A 85 49.64 1.84 -12.18
C SER A 85 50.53 0.83 -11.47
N THR A 86 50.19 -0.46 -11.49
CA THR A 86 51.03 -1.45 -10.80
C THR A 86 52.47 -1.51 -11.30
N PRO A 87 52.77 -1.63 -12.60
CA PRO A 87 54.18 -1.75 -13.01
C PRO A 87 55.03 -0.54 -12.65
N ALA A 88 54.46 0.66 -12.63
CA ALA A 88 55.23 1.85 -12.27
C ALA A 88 55.75 1.76 -10.84
N LEU A 89 54.88 1.39 -9.90
CA LEU A 89 55.32 1.26 -8.51
C LEU A 89 56.18 0.02 -8.31
N LEU A 90 56.01 -1.01 -9.14
CA LEU A 90 56.94 -2.13 -9.11
C LEU A 90 58.36 -1.66 -9.46
N VAL A 91 58.48 -0.85 -10.52
CA VAL A 91 59.77 -0.30 -10.91
C VAL A 91 60.32 0.61 -9.81
N ALA A 92 59.46 1.42 -9.21
CA ALA A 92 59.92 2.32 -8.15
C ALA A 92 60.46 1.55 -6.96
N MET A 93 59.76 0.48 -6.55
CA MET A 93 60.25 -0.34 -5.45
C MET A 93 61.55 -1.04 -5.82
N HIS A 94 61.70 -1.49 -7.07
CA HIS A 94 62.96 -2.09 -7.48
C HIS A 94 64.11 -1.07 -7.40
N VAL A 95 63.85 0.17 -7.81
CA VAL A 95 64.87 1.21 -7.73
C VAL A 95 65.24 1.48 -6.28
N ALA A 96 64.23 1.54 -5.39
CA ALA A 96 64.50 1.75 -3.98
C ALA A 96 65.32 0.60 -3.40
N HIS A 97 65.01 -0.63 -3.80
CA HIS A 97 65.78 -1.78 -3.33
C HIS A 97 67.23 -1.71 -3.81
N GLN A 98 67.44 -1.34 -5.07
CA GLN A 98 68.80 -1.22 -5.59
C GLN A 98 69.57 -0.13 -4.86
N GLN A 99 68.92 1.02 -4.60
CA GLN A 99 69.59 2.09 -3.88
C GLN A 99 69.92 1.69 -2.44
N HIS A 100 69.02 0.95 -1.79
CA HIS A 100 69.31 0.46 -0.44
C HIS A 100 70.48 -0.52 -0.44
N ILE A 101 70.53 -1.40 -1.44
CA ILE A 101 71.67 -2.31 -1.55
C ILE A 101 72.96 -1.55 -1.74
N GLU A 102 72.94 -0.50 -2.58
CA GLU A 102 74.12 0.33 -2.76
C GLU A 102 74.51 1.03 -1.47
N LYS A 103 73.53 1.54 -0.73
CA LYS A 103 73.82 2.26 0.51
C LYS A 103 74.44 1.33 1.56
N LYS A 104 73.92 0.11 1.68
CA LYS A 104 74.42 -0.79 2.72
C LYS A 104 75.78 -1.40 2.38
N MET A 105 76.26 -1.24 1.15
CA MET A 105 77.58 -1.74 0.79
C MET A 105 78.59 -0.61 0.73
N ILE A 127 73.48 -1.54 -12.66
CA ILE A 127 73.96 -0.64 -13.70
C ILE A 127 72.78 0.08 -14.35
N SER A 128 73.08 0.96 -15.31
CA SER A 128 72.04 1.72 -15.98
C SER A 128 71.25 0.87 -16.98
N GLY A 129 71.90 -0.14 -17.56
CA GLY A 129 71.21 -0.98 -18.53
C GLY A 129 70.03 -1.72 -17.94
N THR A 130 70.19 -2.21 -16.70
CA THR A 130 69.07 -2.88 -16.04
C THR A 130 67.90 -1.92 -15.85
N LEU A 131 68.18 -0.68 -15.45
CA LEU A 131 67.12 0.32 -15.32
C LEU A 131 66.44 0.58 -16.65
N TRP A 132 67.23 0.69 -17.73
CA TRP A 132 66.66 0.96 -19.05
C TRP A 132 65.73 -0.18 -19.48
N TRP A 133 66.20 -1.42 -19.32
CA TRP A 133 65.38 -2.57 -19.71
C TRP A 133 64.13 -2.68 -18.85
N THR A 134 64.26 -2.43 -17.54
CA THR A 134 63.10 -2.46 -16.67
C THR A 134 62.08 -1.42 -17.09
N TYR A 135 62.54 -0.22 -17.45
CA TYR A 135 61.63 0.84 -17.88
C TYR A 135 60.90 0.45 -19.16
N VAL A 136 61.62 -0.10 -20.15
CA VAL A 136 60.95 -0.44 -21.40
C VAL A 136 59.96 -1.59 -21.18
N ILE A 137 60.31 -2.56 -20.34
CA ILE A 137 59.39 -3.65 -20.06
C ILE A 137 58.14 -3.15 -19.36
N SER A 138 58.29 -2.22 -18.41
CA SER A 138 57.13 -1.68 -17.71
C SER A 138 56.23 -0.90 -18.67
N VAL A 139 56.82 -0.15 -19.60
CA VAL A 139 56.00 0.58 -20.57
C VAL A 139 55.23 -0.41 -21.45
N VAL A 140 55.88 -1.49 -21.88
CA VAL A 140 55.21 -2.49 -22.70
C VAL A 140 54.05 -3.11 -21.92
N PHE A 141 54.25 -3.41 -20.64
CA PHE A 141 53.19 -4.00 -19.84
C PHE A 141 52.02 -3.03 -19.65
N ARG A 142 52.30 -1.75 -19.47
CA ARG A 142 51.21 -0.77 -19.40
C ARG A 142 50.42 -0.74 -20.69
N LEU A 143 51.11 -0.78 -21.83
CA LEU A 143 50.42 -0.80 -23.11
C LEU A 143 49.53 -2.03 -23.23
N LEU A 144 50.05 -3.19 -22.82
CA LEU A 144 49.27 -4.42 -22.90
C LEU A 144 48.02 -4.36 -22.02
N PHE A 145 48.16 -3.83 -20.79
CA PHE A 145 47.01 -3.74 -19.91
C PHE A 145 45.94 -2.81 -20.48
N GLU A 146 46.36 -1.65 -21.00
CA GLU A 146 45.39 -0.74 -21.60
C GLU A 146 44.68 -1.39 -22.78
N ALA A 147 45.42 -2.09 -23.64
CA ALA A 147 44.82 -2.73 -24.80
C ALA A 147 43.82 -3.80 -24.39
N VAL A 148 44.17 -4.64 -23.42
CA VAL A 148 43.26 -5.72 -23.04
C VAL A 148 42.01 -5.17 -22.37
N PHE A 149 42.14 -4.08 -21.60
CA PHE A 149 40.93 -3.51 -20.99
C PHE A 149 40.05 -2.85 -22.04
N MET A 150 40.64 -2.22 -23.05
CA MET A 150 39.84 -1.71 -24.17
C MET A 150 39.08 -2.84 -24.86
N TYR A 151 39.77 -3.96 -25.10
CA TYR A 151 39.12 -5.09 -25.77
C TYR A 151 37.99 -5.68 -24.93
N VAL A 152 38.20 -5.82 -23.62
CA VAL A 152 37.13 -6.39 -22.80
C VAL A 152 35.95 -5.44 -22.71
N PHE A 153 36.20 -4.12 -22.68
CA PHE A 153 35.09 -3.18 -22.72
C PHE A 153 34.32 -3.29 -24.03
N TYR A 154 35.03 -3.46 -25.15
CA TYR A 154 34.37 -3.65 -26.43
C TYR A 154 33.54 -4.92 -26.44
N LEU A 155 34.03 -5.98 -25.80
CA LEU A 155 33.28 -7.23 -25.73
C LEU A 155 32.00 -7.08 -24.92
N LEU A 156 32.09 -6.46 -23.75
CA LEU A 156 30.92 -6.39 -22.87
C LEU A 156 29.90 -5.38 -23.37
N TYR A 157 30.35 -4.21 -23.84
CA TYR A 157 29.46 -3.12 -24.25
C TYR A 157 29.88 -2.64 -25.63
N PRO A 158 29.39 -3.31 -26.68
CA PRO A 158 29.87 -2.98 -28.05
C PRO A 158 29.65 -1.53 -28.44
N GLY A 159 28.52 -0.92 -28.06
CA GLY A 159 28.23 0.45 -28.41
C GLY A 159 28.63 1.40 -27.28
N TYR A 160 29.17 2.56 -27.67
CA TYR A 160 29.56 3.56 -26.69
C TYR A 160 28.34 4.23 -26.04
N ALA A 161 27.17 4.12 -26.66
CA ALA A 161 25.95 4.76 -26.16
C ALA A 161 25.14 3.78 -25.33
N MET A 162 24.45 4.31 -24.33
CA MET A 162 23.58 3.54 -23.46
C MET A 162 22.13 3.88 -23.79
N VAL A 163 21.29 2.85 -23.81
CA VAL A 163 19.90 3.00 -24.25
C VAL A 163 18.99 3.13 -23.04
N ARG A 164 17.81 3.73 -23.25
CA ARG A 164 16.86 3.94 -22.16
C ARG A 164 16.10 2.67 -21.80
N LEU A 165 15.73 1.86 -22.79
CA LEU A 165 14.87 0.70 -22.58
C LEU A 165 15.56 -0.56 -23.05
N VAL A 166 15.49 -1.62 -22.24
CA VAL A 166 16.06 -2.91 -22.57
C VAL A 166 14.99 -3.98 -22.42
N LYS A 167 15.16 -5.07 -23.17
CA LYS A 167 14.23 -6.19 -23.18
C LYS A 167 14.89 -7.37 -22.48
N CYS A 168 14.23 -7.91 -21.46
CA CYS A 168 14.79 -8.95 -20.61
C CYS A 168 13.89 -10.17 -20.61
N ASP A 169 14.49 -11.36 -20.81
CA ASP A 169 13.72 -12.60 -20.81
C ASP A 169 14.38 -13.67 -19.95
N VAL A 170 15.15 -13.27 -18.95
CA VAL A 170 15.84 -14.21 -18.08
C VAL A 170 14.87 -14.73 -17.02
N TYR A 171 15.00 -16.02 -16.70
CA TYR A 171 14.20 -16.59 -15.63
C TYR A 171 14.48 -15.86 -14.32
N PRO A 172 13.45 -15.60 -13.49
CA PRO A 172 12.04 -16.02 -13.58
C PRO A 172 11.12 -15.06 -14.31
N CYS A 173 11.61 -14.07 -15.04
CA CYS A 173 10.72 -13.13 -15.70
C CYS A 173 9.89 -13.84 -16.76
N PRO A 174 8.57 -13.66 -16.78
CA PRO A 174 7.73 -14.34 -17.78
C PRO A 174 7.76 -13.61 -19.12
N ASN A 175 7.95 -14.37 -20.19
CA ASN A 175 7.98 -13.85 -21.57
C ASN A 175 9.11 -12.81 -21.64
N THR A 176 8.88 -11.62 -22.17
CA THR A 176 9.86 -10.56 -22.23
C THR A 176 9.31 -9.34 -21.50
N VAL A 177 10.16 -8.67 -20.71
CA VAL A 177 9.76 -7.50 -19.95
C VAL A 177 10.62 -6.31 -20.37
N ASP A 178 10.05 -5.13 -20.18
CA ASP A 178 10.74 -3.86 -20.43
C ASP A 178 11.38 -3.36 -19.15
N CYS A 179 12.65 -2.98 -19.23
CA CYS A 179 13.36 -2.41 -18.08
C CYS A 179 14.01 -1.11 -18.49
N PHE A 180 14.17 -0.21 -17.52
CA PHE A 180 14.58 1.16 -17.79
C PHE A 180 15.87 1.49 -17.04
N VAL A 181 16.79 2.16 -17.73
CA VAL A 181 18.13 2.45 -17.24
C VAL A 181 18.16 3.87 -16.68
N SER A 182 18.98 4.07 -15.65
CA SER A 182 19.14 5.38 -15.02
C SER A 182 20.22 6.18 -15.73
N ARG A 183 19.90 7.43 -16.07
CA ARG A 183 20.85 8.39 -16.63
C ARG A 183 21.65 7.87 -17.83
N PRO A 184 20.98 7.39 -18.89
CA PRO A 184 21.75 6.90 -20.05
C PRO A 184 22.64 7.94 -20.70
N THR A 185 22.17 9.19 -20.82
CA THR A 185 22.91 10.19 -21.59
C THR A 185 24.17 10.65 -20.87
N GLU A 186 24.07 10.93 -19.57
CA GLU A 186 25.24 11.34 -18.80
C GLU A 186 26.29 10.23 -18.77
N LYS A 187 25.85 8.99 -18.62
CA LYS A 187 26.76 7.86 -18.68
C LYS A 187 27.43 7.75 -20.05
N THR A 188 26.68 8.01 -21.13
CA THR A 188 27.28 8.02 -22.45
C THR A 188 28.36 9.09 -22.57
N VAL A 189 28.11 10.28 -22.04
CA VAL A 189 29.09 11.37 -22.11
C VAL A 189 30.37 10.98 -21.38
N PHE A 190 30.23 10.46 -20.16
CA PHE A 190 31.41 10.08 -19.39
C PHE A 190 32.14 8.90 -20.02
N THR A 191 31.41 7.97 -20.62
CA THR A 191 32.04 6.87 -21.34
C THR A 191 32.88 7.38 -22.50
N VAL A 192 32.36 8.35 -23.25
CA VAL A 192 33.13 8.92 -24.36
C VAL A 192 34.41 9.57 -23.84
N PHE A 193 34.30 10.34 -22.75
CA PHE A 193 35.49 10.96 -22.17
C PHE A 193 36.54 9.90 -21.80
N MET A 194 36.12 8.85 -21.10
CA MET A 194 37.06 7.85 -20.62
C MET A 194 37.70 7.08 -21.77
N LEU A 195 36.91 6.71 -22.78
CA LEU A 195 37.46 5.99 -23.92
C LEU A 195 38.46 6.84 -24.69
N ALA A 196 38.16 8.13 -24.89
CA ALA A 196 39.10 9.00 -25.58
C ALA A 196 40.41 9.10 -24.80
N ALA A 197 40.32 9.25 -23.47
CA ALA A 197 41.54 9.33 -22.67
C ALA A 197 42.35 8.05 -22.78
N SER A 198 41.69 6.89 -22.74
CA SER A 198 42.42 5.63 -22.84
C SER A 198 43.09 5.48 -24.20
N GLY A 199 42.42 5.88 -25.28
CA GLY A 199 43.03 5.82 -26.59
C GLY A 199 44.25 6.71 -26.70
N ILE A 200 44.17 7.92 -26.13
CA ILE A 200 45.32 8.82 -26.13
C ILE A 200 46.47 8.20 -25.36
N CYS A 201 46.19 7.55 -24.23
CA CYS A 201 47.23 6.90 -23.46
C CYS A 201 47.90 5.78 -24.25
N ILE A 202 47.11 4.98 -24.98
CA ILE A 202 47.68 3.91 -25.80
C ILE A 202 48.62 4.49 -26.86
N ILE A 203 48.17 5.54 -27.54
CA ILE A 203 49.01 6.15 -28.58
C ILE A 203 50.30 6.69 -27.98
N LEU A 204 50.21 7.34 -26.81
CA LEU A 204 51.41 7.89 -26.18
C LEU A 204 52.37 6.79 -25.74
N ASN A 205 51.86 5.66 -25.24
CA ASN A 205 52.75 4.57 -24.86
C ASN A 205 53.46 3.98 -26.07
N VAL A 206 52.75 3.83 -27.19
CA VAL A 206 53.39 3.33 -28.41
C VAL A 206 54.48 4.30 -28.87
N ALA A 207 54.18 5.60 -28.85
CA ALA A 207 55.19 6.59 -29.19
C ALA A 207 56.39 6.52 -28.25
N GLU A 208 56.14 6.27 -26.97
CA GLU A 208 57.23 6.19 -26.00
C GLU A 208 58.16 5.03 -26.31
N VAL A 209 57.61 3.84 -26.55
CA VAL A 209 58.48 2.70 -26.82
C VAL A 209 59.23 2.91 -28.14
N VAL A 210 58.56 3.46 -29.16
CA VAL A 210 59.25 3.69 -30.43
C VAL A 210 60.38 4.70 -30.25
N TYR A 211 60.13 5.77 -29.50
CA TYR A 211 61.15 6.79 -29.28
C TYR A 211 62.34 6.23 -28.50
N LEU A 212 62.08 5.42 -27.48
CA LEU A 212 63.16 4.81 -26.72
C LEU A 212 64.00 3.87 -27.59
N ILE A 213 63.33 3.07 -28.43
CA ILE A 213 64.07 2.18 -29.32
C ILE A 213 64.93 2.97 -30.30
N ILE A 214 64.37 4.06 -30.85
CA ILE A 214 65.14 4.88 -31.78
C ILE A 214 66.35 5.50 -31.09
N ARG A 215 66.16 6.03 -29.88
CA ARG A 215 67.28 6.60 -29.15
C ARG A 215 68.32 5.55 -28.78
N ALA A 216 67.90 4.29 -28.62
CA ALA A 216 68.85 3.23 -28.29
C ALA A 216 69.87 3.03 -29.39
N CYS A 217 69.42 3.04 -30.64
CA CYS A 217 70.33 2.86 -31.78
C CYS A 217 70.42 4.12 -32.62
N THR B 4 45.44 25.77 -0.18
CA THR B 4 45.18 26.84 -1.14
C THR B 4 46.31 26.96 -2.16
N GLY B 5 47.50 26.53 -1.76
CA GLY B 5 48.64 26.57 -2.68
C GLY B 5 48.45 25.68 -3.89
N LEU B 6 47.84 24.51 -3.68
CA LEU B 6 47.51 23.64 -4.80
C LEU B 6 46.51 24.31 -5.74
N TYR B 7 45.54 25.04 -5.17
CA TYR B 7 44.58 25.75 -6.00
C TYR B 7 45.25 26.86 -6.82
N THR B 8 46.18 27.59 -6.21
CA THR B 8 46.88 28.63 -6.96
C THR B 8 47.78 28.03 -8.05
N LEU B 9 48.35 26.85 -7.77
CA LEU B 9 49.09 26.14 -8.81
C LEU B 9 48.17 25.73 -9.96
N LEU B 10 46.97 25.23 -9.63
CA LEU B 10 46.02 24.86 -10.67
C LEU B 10 45.46 26.05 -11.43
N SER B 11 45.50 27.24 -10.83
CA SER B 11 45.00 28.43 -11.52
C SER B 11 45.88 28.78 -12.71
N GLY B 12 47.19 28.66 -12.57
CA GLY B 12 48.10 29.00 -13.65
C GLY B 12 49.10 30.07 -13.29
N VAL B 13 49.41 30.19 -12.00
CA VAL B 13 50.38 31.18 -11.56
C VAL B 13 51.76 30.80 -12.08
N ASN B 14 52.44 31.75 -12.72
CA ASN B 14 53.73 31.51 -13.33
C ASN B 14 54.62 32.71 -13.05
N ARG B 15 55.93 32.51 -13.23
CA ARG B 15 56.87 33.61 -13.01
C ARG B 15 56.70 34.72 -14.04
N HIS B 16 56.13 34.42 -15.19
CA HIS B 16 55.83 35.44 -16.19
C HIS B 16 54.45 36.05 -16.03
N SER B 17 53.67 35.59 -15.04
CA SER B 17 52.33 36.11 -14.84
C SER B 17 52.38 37.52 -14.26
N THR B 18 51.44 38.35 -14.70
CA THR B 18 51.32 39.70 -14.16
C THR B 18 50.45 39.66 -12.91
N ALA B 19 50.03 40.83 -12.43
CA ALA B 19 49.15 40.88 -11.26
C ALA B 19 47.81 40.23 -11.54
N ILE B 20 47.26 40.45 -12.74
CA ILE B 20 45.92 39.96 -13.05
C ILE B 20 45.87 38.44 -12.95
N GLY B 21 46.85 37.76 -13.52
CA GLY B 21 46.85 36.31 -13.50
C GLY B 21 47.29 35.71 -12.18
N ARG B 22 48.00 36.48 -11.35
CA ARG B 22 48.57 35.95 -10.12
C ARG B 22 47.71 36.19 -8.89
N VAL B 23 47.01 37.32 -8.80
CA VAL B 23 46.26 37.64 -7.60
C VAL B 23 44.75 37.66 -7.83
N TRP B 24 44.28 37.83 -9.06
CA TRP B 24 42.84 37.91 -9.32
C TRP B 24 42.26 36.62 -9.89
N LEU B 25 42.91 36.02 -10.89
CA LEU B 25 42.37 34.82 -11.50
C LEU B 25 42.34 33.65 -10.53
N SER B 26 43.38 33.50 -9.72
CA SER B 26 43.46 32.39 -8.77
C SER B 26 42.36 32.49 -7.71
N VAL B 27 42.06 33.70 -7.25
CA VAL B 27 41.02 33.88 -6.25
C VAL B 27 39.66 33.49 -6.82
N ILE B 28 39.37 33.86 -8.07
CA ILE B 28 38.10 33.47 -8.67
C ILE B 28 38.05 31.97 -8.87
N PHE B 29 39.19 31.34 -9.21
CA PHE B 29 39.23 29.89 -9.33
C PHE B 29 38.88 29.21 -8.01
N ILE B 30 39.48 29.70 -6.92
CA ILE B 30 39.20 29.13 -5.60
C ILE B 30 37.74 29.38 -5.21
N PHE B 31 37.20 30.55 -5.56
CA PHE B 31 35.81 30.85 -5.27
C PHE B 31 34.88 29.87 -5.97
N ARG B 32 35.15 29.59 -7.25
CA ARG B 32 34.33 28.62 -7.98
C ARG B 32 34.44 27.24 -7.36
N ILE B 33 35.65 26.83 -6.96
CA ILE B 33 35.82 25.53 -6.32
C ILE B 33 35.00 25.45 -5.04
N MET B 34 35.05 26.50 -4.21
CA MET B 34 34.35 26.48 -2.94
C MET B 34 32.83 26.46 -3.14
N VAL B 35 32.32 27.27 -4.07
CA VAL B 35 30.89 27.28 -4.32
C VAL B 35 30.42 25.92 -4.83
N LEU B 36 31.20 25.30 -5.73
CA LEU B 36 30.84 23.99 -6.23
C LEU B 36 30.84 22.95 -5.11
N VAL B 37 31.83 23.01 -4.23
CA VAL B 37 31.89 22.06 -3.11
C VAL B 37 30.67 22.24 -2.20
N VAL B 38 30.29 23.49 -1.95
CA VAL B 38 29.12 23.76 -1.11
C VAL B 38 27.85 23.22 -1.76
N ALA B 39 27.68 23.43 -3.06
CA ALA B 39 26.41 23.17 -3.73
C ALA B 39 26.30 21.78 -4.36
N ALA B 40 27.37 20.99 -4.37
CA ALA B 40 27.35 19.72 -5.10
C ALA B 40 26.29 18.78 -4.57
N GLU B 41 26.44 18.30 -3.33
CA GLU B 41 25.54 17.30 -2.79
C GLU B 41 24.45 17.87 -1.89
N SER B 42 24.58 19.12 -1.47
CA SER B 42 23.54 19.71 -0.62
C SER B 42 22.25 19.93 -1.40
N VAL B 43 22.35 20.55 -2.58
CA VAL B 43 21.16 20.96 -3.30
C VAL B 43 20.90 20.14 -4.56
N TRP B 44 21.93 19.57 -5.18
CA TRP B 44 21.77 18.71 -6.35
C TRP B 44 21.78 17.23 -5.99
N GLY B 45 21.82 16.90 -4.70
CA GLY B 45 21.93 15.51 -4.30
C GLY B 45 20.69 14.69 -4.62
N ASP B 46 19.51 15.28 -4.42
CA ASP B 46 18.24 14.58 -4.63
C ASP B 46 17.55 15.02 -5.91
N GLU B 47 18.32 15.35 -6.95
CA GLU B 47 17.74 15.86 -8.19
C GLU B 47 16.86 14.81 -8.85
N LYS B 48 17.27 13.54 -8.83
CA LYS B 48 16.54 12.48 -9.50
C LYS B 48 15.61 11.71 -8.58
N SER B 49 15.99 11.51 -7.31
CA SER B 49 15.16 10.73 -6.41
C SER B 49 13.88 11.47 -6.02
N SER B 50 13.91 12.81 -6.06
CA SER B 50 12.73 13.61 -5.76
C SER B 50 11.97 14.06 -7.00
N PHE B 51 12.45 13.70 -8.19
CA PHE B 51 11.78 14.03 -9.44
C PHE B 51 10.58 13.10 -9.62
N ILE B 52 9.38 13.67 -9.69
CA ILE B 52 8.16 12.88 -9.79
C ILE B 52 7.28 13.42 -10.91
N CYS B 53 6.48 12.54 -11.48
CA CYS B 53 5.53 12.88 -12.54
C CYS B 53 4.15 12.35 -12.17
N ASN B 54 3.12 13.04 -12.66
CA ASN B 54 1.73 12.68 -12.36
C ASN B 54 1.27 11.63 -13.37
N THR B 55 1.57 10.37 -13.06
CA THR B 55 1.20 9.26 -13.95
C THR B 55 1.33 7.95 -13.18
N LEU B 56 0.67 6.92 -13.70
CA LEU B 56 0.82 5.56 -13.20
C LEU B 56 1.68 4.69 -14.11
N GLN B 57 2.26 5.27 -15.17
CA GLN B 57 3.02 4.50 -16.14
C GLN B 57 4.40 4.16 -15.58
N PRO B 58 4.77 2.89 -15.48
CA PRO B 58 6.12 2.54 -15.01
C PRO B 58 7.18 3.01 -15.97
N GLY B 59 8.26 3.55 -15.42
CA GLY B 59 9.40 3.99 -16.21
C GLY B 59 9.32 5.40 -16.76
N CYS B 60 8.21 6.13 -16.51
CA CYS B 60 8.08 7.47 -17.07
C CYS B 60 8.95 8.49 -16.32
N ASN B 61 9.11 8.32 -15.02
CA ASN B 61 9.95 9.24 -14.25
C ASN B 61 11.38 9.24 -14.77
N SER B 62 11.96 8.05 -14.97
CA SER B 62 13.36 7.98 -15.37
C SER B 62 13.58 8.55 -16.78
N VAL B 63 12.69 8.22 -17.72
CA VAL B 63 12.88 8.71 -19.09
C VAL B 63 12.66 10.22 -19.15
N CYS B 64 11.69 10.74 -18.39
CA CYS B 64 11.48 12.19 -18.40
C CYS B 64 12.66 12.92 -17.77
N TYR B 65 13.20 12.39 -16.66
CA TYR B 65 14.37 13.00 -16.06
C TYR B 65 15.55 12.99 -17.02
N ASP B 66 15.77 11.87 -17.71
CA ASP B 66 16.87 11.80 -18.66
C ASP B 66 16.65 12.77 -19.82
N GLN B 67 15.42 12.92 -20.27
CA GLN B 67 15.13 13.85 -21.36
C GLN B 67 15.41 15.29 -20.96
N PHE B 68 15.01 15.69 -19.74
CA PHE B 68 15.13 17.09 -19.37
C PHE B 68 16.46 17.47 -18.74
N PHE B 69 17.24 16.50 -18.27
CA PHE B 69 18.55 16.75 -17.67
C PHE B 69 19.56 15.78 -18.26
N PRO B 70 20.00 16.01 -19.50
CA PRO B 70 20.98 15.09 -20.11
C PRO B 70 22.26 14.98 -19.31
N ILE B 71 22.71 16.07 -18.71
CA ILE B 71 23.85 16.05 -17.79
C ILE B 71 23.62 17.14 -16.75
N SER B 72 23.87 16.80 -15.49
CA SER B 72 23.61 17.70 -14.39
C SER B 72 24.53 18.92 -14.46
N HIS B 73 24.04 20.04 -13.90
CA HIS B 73 24.83 21.27 -13.88
C HIS B 73 26.13 21.07 -13.12
N VAL B 74 26.08 20.33 -11.99
CA VAL B 74 27.25 20.13 -11.16
C VAL B 74 28.33 19.37 -11.91
N ARG B 75 27.94 18.34 -12.66
CA ARG B 75 28.92 17.58 -13.43
C ARG B 75 29.54 18.43 -14.53
N LEU B 76 28.73 19.27 -15.19
CA LEU B 76 29.27 20.19 -16.19
C LEU B 76 30.31 21.12 -15.57
N TRP B 77 30.00 21.69 -14.41
CA TRP B 77 30.94 22.60 -13.76
C TRP B 77 32.20 21.87 -13.31
N SER B 78 32.06 20.63 -12.84
CA SER B 78 33.23 19.85 -12.45
C SER B 78 34.14 19.57 -13.65
N LEU B 79 33.55 19.16 -14.77
CA LEU B 79 34.34 18.93 -15.97
C LEU B 79 35.01 20.21 -16.46
N GLN B 80 34.29 21.32 -16.40
CA GLN B 80 34.87 22.60 -16.80
C GLN B 80 36.07 22.96 -15.93
N LEU B 81 35.96 22.78 -14.62
CA LEU B 81 37.07 23.08 -13.73
C LEU B 81 38.27 22.17 -14.01
N ILE B 82 38.03 20.88 -14.22
CA ILE B 82 39.13 19.96 -14.48
C ILE B 82 39.85 20.33 -15.77
N LEU B 83 39.08 20.59 -16.84
CA LEU B 83 39.70 20.90 -18.12
C LEU B 83 40.40 22.26 -18.08
N VAL B 84 39.87 23.22 -17.32
CA VAL B 84 40.53 24.51 -17.21
C VAL B 84 41.83 24.38 -16.43
N SER B 85 41.86 23.54 -15.40
CA SER B 85 43.07 23.38 -14.60
C SER B 85 44.12 22.49 -15.27
N THR B 86 43.75 21.72 -16.30
CA THR B 86 44.72 20.84 -16.94
C THR B 86 45.93 21.58 -17.53
N PRO B 87 45.79 22.62 -18.36
CA PRO B 87 46.99 23.24 -18.94
C PRO B 87 47.94 23.84 -17.93
N ALA B 88 47.44 24.34 -16.79
CA ALA B 88 48.33 24.89 -15.77
C ALA B 88 49.27 23.84 -15.22
N LEU B 89 48.74 22.67 -14.87
CA LEU B 89 49.59 21.60 -14.36
C LEU B 89 50.44 20.99 -15.46
N LEU B 90 49.99 21.03 -16.71
CA LEU B 90 50.86 20.63 -17.82
C LEU B 90 52.09 21.53 -17.89
N VAL B 91 51.87 22.85 -17.78
CA VAL B 91 52.99 23.79 -17.78
C VAL B 91 53.88 23.57 -16.57
N ALA B 92 53.28 23.32 -15.41
CA ALA B 92 54.08 23.09 -14.20
C ALA B 92 54.96 21.85 -14.34
N MET B 93 54.42 20.77 -14.88
CA MET B 93 55.22 19.57 -15.10
C MET B 93 56.32 19.82 -16.13
N HIS B 94 56.04 20.60 -17.17
CA HIS B 94 57.09 20.93 -18.14
C HIS B 94 58.21 21.72 -17.48
N VAL B 95 57.85 22.67 -16.62
CA VAL B 95 58.85 23.46 -15.90
C VAL B 95 59.69 22.58 -14.99
N ALA B 96 59.03 21.65 -14.28
CA ALA B 96 59.77 20.73 -13.42
C ALA B 96 60.72 19.86 -14.22
N HIS B 97 60.27 19.38 -15.39
CA HIS B 97 61.14 18.59 -16.25
C HIS B 97 62.34 19.40 -16.72
N GLN B 98 62.11 20.65 -17.13
CA GLN B 98 63.22 21.50 -17.58
C GLN B 98 64.21 21.74 -16.45
N GLN B 99 63.72 22.01 -15.24
CA GLN B 99 64.61 22.26 -14.12
C GLN B 99 65.38 21.00 -13.75
N HIS B 100 64.75 19.82 -13.83
CA HIS B 100 65.46 18.58 -13.56
C HIS B 100 66.55 18.34 -14.61
N ILE B 101 66.25 18.63 -15.88
CA ILE B 101 67.26 18.49 -16.92
C ILE B 101 68.43 19.44 -16.66
N GLU B 102 68.13 20.67 -16.23
CA GLU B 102 69.20 21.61 -15.90
C GLU B 102 70.03 21.11 -14.72
N LYS B 103 69.37 20.56 -13.70
CA LYS B 103 70.09 20.08 -12.52
C LYS B 103 70.98 18.90 -12.85
N LYS B 104 70.51 17.97 -13.69
CA LYS B 104 71.29 16.78 -14.00
C LYS B 104 72.45 17.05 -14.95
N MET B 105 72.52 18.23 -15.56
CA MET B 105 73.63 18.57 -16.43
C MET B 105 74.58 19.55 -15.75
N ILE B 127 65.37 28.22 -22.41
CA ILE B 127 65.51 29.67 -22.30
C ILE B 127 64.20 30.28 -21.81
N SER B 128 64.20 31.61 -21.71
CA SER B 128 63.01 32.30 -21.21
C SER B 128 61.91 32.38 -22.28
N GLY B 129 62.29 32.43 -23.55
CA GLY B 129 61.30 32.54 -24.61
C GLY B 129 60.38 31.34 -24.66
N THR B 130 60.93 30.14 -24.46
CA THR B 130 60.09 28.95 -24.45
C THR B 130 59.07 29.00 -23.32
N LEU B 131 59.50 29.44 -22.14
CA LEU B 131 58.57 29.60 -21.02
C LEU B 131 57.49 30.62 -21.34
N TRP B 132 57.88 31.75 -21.95
CA TRP B 132 56.90 32.78 -22.28
C TRP B 132 55.86 32.27 -23.26
N TRP B 133 56.32 31.57 -24.31
CA TRP B 133 55.38 31.04 -25.30
C TRP B 133 54.49 29.96 -24.70
N THR B 134 55.05 29.11 -23.85
CA THR B 134 54.23 28.09 -23.19
C THR B 134 53.16 28.74 -22.33
N TYR B 135 53.52 29.80 -21.60
CA TYR B 135 52.55 30.48 -20.76
C TYR B 135 51.43 31.09 -21.59
N VAL B 136 51.77 31.76 -22.70
CA VAL B 136 50.71 32.41 -23.48
C VAL B 136 49.82 31.36 -24.14
N ILE B 137 50.40 30.24 -24.58
CA ILE B 137 49.59 29.17 -25.17
C ILE B 137 48.65 28.57 -24.15
N SER B 138 49.14 28.37 -22.92
CA SER B 138 48.28 27.80 -21.88
C SER B 138 47.13 28.75 -21.53
N VAL B 139 47.41 30.06 -21.49
CA VAL B 139 46.34 31.01 -21.21
C VAL B 139 45.30 30.98 -22.33
N VAL B 140 45.75 30.91 -23.59
CA VAL B 140 44.80 30.82 -24.70
C VAL B 140 43.94 29.57 -24.60
N PHE B 141 44.56 28.44 -24.22
CA PHE B 141 43.78 27.20 -24.10
C PHE B 141 42.76 27.29 -22.97
N ARG B 142 43.13 27.92 -21.85
CA ARG B 142 42.16 28.13 -20.78
C ARG B 142 40.99 28.97 -21.26
N LEU B 143 41.27 30.03 -22.01
CA LEU B 143 40.21 30.86 -22.55
C LEU B 143 39.29 30.06 -23.46
N LEU B 144 39.87 29.23 -24.32
CA LEU B 144 39.07 28.41 -25.23
C LEU B 144 38.18 27.44 -24.47
N PHE B 145 38.72 26.79 -23.44
CA PHE B 145 37.93 25.84 -22.67
C PHE B 145 36.76 26.53 -21.97
N GLU B 146 37.02 27.69 -21.36
CA GLU B 146 35.93 28.42 -20.71
C GLU B 146 34.86 28.82 -21.70
N ALA B 147 35.27 29.31 -22.88
CA ALA B 147 34.30 29.74 -23.89
C ALA B 147 33.45 28.57 -24.37
N VAL B 148 34.08 27.42 -24.65
CA VAL B 148 33.31 26.29 -25.18
C VAL B 148 32.36 25.74 -24.12
N PHE B 149 32.75 25.76 -22.84
CA PHE B 149 31.82 25.28 -21.81
C PHE B 149 30.67 26.26 -21.63
N MET B 150 30.93 27.57 -21.72
CA MET B 150 29.83 28.52 -21.71
C MET B 150 28.86 28.26 -22.85
N TYR B 151 29.40 28.02 -24.05
CA TYR B 151 28.54 27.78 -25.21
C TYR B 151 27.71 26.50 -25.05
N VAL B 152 28.33 25.43 -24.55
CA VAL B 152 27.56 24.20 -24.39
C VAL B 152 26.49 24.35 -23.32
N PHE B 153 26.78 25.11 -22.25
CA PHE B 153 25.74 25.38 -21.26
C PHE B 153 24.59 26.16 -21.87
N TYR B 154 24.91 27.13 -22.72
CA TYR B 154 23.86 27.89 -23.41
C TYR B 154 23.03 26.98 -24.31
N LEU B 155 23.68 26.02 -24.97
CA LEU B 155 22.96 25.10 -25.84
C LEU B 155 22.01 24.21 -25.05
N LEU B 156 22.49 23.63 -23.95
CA LEU B 156 21.67 22.67 -23.21
C LEU B 156 20.56 23.36 -22.42
N TYR B 157 20.87 24.47 -21.76
CA TYR B 157 19.93 25.17 -20.89
C TYR B 157 19.89 26.64 -21.28
N PRO B 158 19.07 26.99 -22.28
CA PRO B 158 19.07 28.38 -22.79
C PRO B 158 18.77 29.42 -21.72
N GLY B 159 17.86 29.15 -20.81
CA GLY B 159 17.50 30.10 -19.76
C GLY B 159 18.30 29.83 -18.50
N TYR B 160 18.72 30.91 -17.84
CA TYR B 160 19.44 30.78 -16.59
C TYR B 160 18.54 30.34 -15.44
N ALA B 161 17.23 30.42 -15.61
CA ALA B 161 16.28 30.07 -14.56
C ALA B 161 15.74 28.67 -14.78
N MET B 162 15.41 28.01 -13.68
CA MET B 162 14.84 26.66 -13.70
C MET B 162 13.38 26.74 -13.30
N VAL B 163 12.53 25.99 -13.98
CA VAL B 163 11.08 26.07 -13.80
C VAL B 163 10.61 24.94 -12.90
N ARG B 164 9.45 25.14 -12.26
CA ARG B 164 8.91 24.14 -11.34
C ARG B 164 8.27 22.97 -12.08
N LEU B 165 7.57 23.22 -13.18
CA LEU B 165 6.79 22.21 -13.87
C LEU B 165 7.25 22.08 -15.32
N VAL B 166 7.41 20.84 -15.77
CA VAL B 166 7.79 20.54 -17.13
C VAL B 166 6.80 19.56 -17.73
N LYS B 167 6.70 19.60 -19.06
CA LYS B 167 5.78 18.76 -19.83
C LYS B 167 6.58 17.73 -20.60
N CYS B 168 6.28 16.45 -20.40
CA CYS B 168 7.06 15.36 -20.95
C CYS B 168 6.17 14.45 -21.79
N ASP B 169 6.62 14.13 -23.01
CA ASP B 169 5.86 13.25 -23.89
C ASP B 169 6.73 12.16 -24.48
N VAL B 170 7.80 11.79 -23.79
CA VAL B 170 8.71 10.75 -24.26
C VAL B 170 8.11 9.37 -23.97
N TYR B 171 8.30 8.45 -24.91
CA TYR B 171 7.88 7.07 -24.70
C TYR B 171 8.58 6.50 -23.47
N PRO B 172 7.89 5.71 -22.62
CA PRO B 172 6.52 5.20 -22.74
C PRO B 172 5.43 6.04 -22.11
N CYS B 173 5.69 7.30 -21.75
CA CYS B 173 4.66 8.11 -21.11
C CYS B 173 3.51 8.35 -22.09
N PRO B 174 2.26 8.12 -21.68
CA PRO B 174 1.13 8.34 -22.58
C PRO B 174 0.74 9.80 -22.66
N ASN B 175 0.54 10.29 -23.88
CA ASN B 175 0.16 11.69 -24.16
C ASN B 175 1.23 12.59 -23.56
N THR B 176 0.88 13.60 -22.80
CA THR B 176 1.83 14.48 -22.12
C THR B 176 1.58 14.43 -20.63
N VAL B 177 2.66 14.39 -19.85
CA VAL B 177 2.56 14.30 -18.39
C VAL B 177 3.27 15.51 -17.79
N ASP B 178 2.84 15.87 -16.58
CA ASP B 178 3.44 16.94 -15.79
C ASP B 178 4.47 16.34 -14.85
N CYS B 179 5.65 16.96 -14.80
CA CYS B 179 6.71 16.53 -13.90
C CYS B 179 7.24 17.73 -13.13
N PHE B 180 7.74 17.49 -11.93
CA PHE B 180 8.09 18.56 -11.00
C PHE B 180 9.55 18.46 -10.60
N VAL B 181 10.22 19.60 -10.60
CA VAL B 181 11.66 19.72 -10.37
C VAL B 181 11.92 20.07 -8.91
N SER B 182 13.03 19.56 -8.36
CA SER B 182 13.42 19.83 -6.99
C SER B 182 14.24 21.10 -6.90
N ARG B 183 13.87 21.97 -5.95
CA ARG B 183 14.61 23.18 -5.62
C ARG B 183 14.96 24.06 -6.83
N PRO B 184 13.98 24.48 -7.63
CA PRO B 184 14.30 25.34 -8.78
C PRO B 184 14.96 26.66 -8.41
N THR B 185 14.52 27.30 -7.33
CA THR B 185 15.00 28.66 -7.02
C THR B 185 16.45 28.64 -6.52
N GLU B 186 16.78 27.72 -5.62
CA GLU B 186 18.15 27.62 -5.12
C GLU B 186 19.12 27.28 -6.25
N LYS B 187 18.71 26.37 -7.13
CA LYS B 187 19.53 26.04 -8.29
C LYS B 187 19.70 27.24 -9.21
N THR B 188 18.66 28.05 -9.38
CA THR B 188 18.80 29.28 -10.17
C THR B 188 19.81 30.22 -9.56
N VAL B 189 19.77 30.38 -8.22
CA VAL B 189 20.71 31.29 -7.56
C VAL B 189 22.15 30.81 -7.77
N PHE B 190 22.39 29.52 -7.56
CA PHE B 190 23.75 29.00 -7.72
C PHE B 190 24.20 29.06 -9.18
N THR B 191 23.28 28.84 -10.12
CA THR B 191 23.62 28.97 -11.54
C THR B 191 24.06 30.39 -11.86
N VAL B 192 23.35 31.39 -11.33
CA VAL B 192 23.74 32.78 -11.56
C VAL B 192 25.13 33.04 -11.01
N PHE B 193 25.41 32.56 -9.80
CA PHE B 193 26.74 32.73 -9.23
C PHE B 193 27.81 32.14 -10.13
N MET B 194 27.61 30.89 -10.56
CA MET B 194 28.63 30.20 -11.35
C MET B 194 28.84 30.85 -12.70
N LEU B 195 27.75 31.27 -13.37
CA LEU B 195 27.88 31.91 -14.66
C LEU B 195 28.60 33.25 -14.55
N ALA B 196 28.30 34.03 -13.51
CA ALA B 196 29.00 35.29 -13.32
C ALA B 196 30.49 35.08 -13.10
N ALA B 197 30.83 34.07 -12.28
CA ALA B 197 32.25 33.79 -12.04
C ALA B 197 32.95 33.38 -13.34
N SER B 198 32.30 32.54 -14.15
CA SER B 198 32.92 32.12 -15.42
C SER B 198 33.12 33.29 -16.36
N GLY B 199 32.13 34.19 -16.44
CA GLY B 199 32.28 35.36 -17.29
C GLY B 199 33.43 36.25 -16.84
N ILE B 200 33.57 36.45 -15.52
CA ILE B 200 34.69 37.23 -15.01
C ILE B 200 36.01 36.57 -15.37
N CYS B 201 36.08 35.24 -15.27
CA CYS B 201 37.31 34.54 -15.64
C CYS B 201 37.64 34.73 -17.12
N ILE B 202 36.63 34.67 -17.98
CA ILE B 202 36.88 34.88 -19.41
C ILE B 202 37.43 36.27 -19.66
N ILE B 203 36.82 37.29 -19.04
CA ILE B 203 37.29 38.66 -19.23
C ILE B 203 38.72 38.81 -18.75
N LEU B 204 39.03 38.22 -17.58
CA LEU B 204 40.39 38.33 -17.05
C LEU B 204 41.41 37.63 -17.95
N ASN B 205 41.05 36.48 -18.53
CA ASN B 205 41.98 35.80 -19.44
C ASN B 205 42.24 36.63 -20.69
N VAL B 206 41.19 37.24 -21.24
CA VAL B 206 41.39 38.10 -22.42
C VAL B 206 42.29 39.27 -22.06
N ALA B 207 42.06 39.89 -20.91
CA ALA B 207 42.93 40.97 -20.47
C ALA B 207 44.36 40.50 -20.29
N GLU B 208 44.56 39.28 -19.79
CA GLU B 208 45.90 38.75 -19.58
C GLU B 208 46.64 38.59 -20.91
N VAL B 209 45.99 37.98 -21.90
CA VAL B 209 46.68 37.79 -23.18
C VAL B 209 46.97 39.14 -23.83
N VAL B 210 46.01 40.08 -23.77
CA VAL B 210 46.24 41.40 -24.37
C VAL B 210 47.41 42.10 -23.68
N TYR B 211 47.46 42.04 -22.35
CA TYR B 211 48.53 42.70 -21.61
C TYR B 211 49.88 42.08 -21.92
N LEU B 212 49.94 40.75 -22.02
CA LEU B 212 51.20 40.10 -22.36
C LEU B 212 51.66 40.47 -23.75
N ILE B 213 50.75 40.52 -24.71
CA ILE B 213 51.11 40.91 -26.07
C ILE B 213 51.62 42.35 -26.10
N ILE B 214 50.96 43.24 -25.35
CA ILE B 214 51.39 44.63 -25.30
C ILE B 214 52.79 44.74 -24.70
N ARG B 215 53.03 44.04 -23.60
CA ARG B 215 54.35 44.08 -22.97
C ARG B 215 55.42 43.45 -23.86
N ALA B 216 55.03 42.53 -24.74
CA ALA B 216 56.01 41.91 -25.63
C ALA B 216 56.62 42.94 -26.58
N CYS B 217 55.81 43.83 -27.13
CA CYS B 217 56.31 44.86 -28.03
C CYS B 217 56.14 46.25 -27.43
N THR C 4 43.71 25.59 12.20
CA THR C 4 43.22 26.88 12.66
C THR C 4 43.98 28.03 12.01
N GLY C 5 45.20 27.74 11.56
CA GLY C 5 45.98 28.77 10.88
C GLY C 5 45.34 29.23 9.59
N LEU C 6 44.77 28.31 8.82
CA LEU C 6 44.04 28.68 7.62
C LEU C 6 42.84 29.55 7.97
N TYR C 7 42.15 29.23 9.07
CA TYR C 7 41.01 30.03 9.50
C TYR C 7 41.43 31.45 9.87
N THR C 8 42.54 31.59 10.60
CA THR C 8 43.02 32.92 10.96
C THR C 8 43.48 33.69 9.74
N LEU C 9 44.06 32.98 8.75
CA LEU C 9 44.39 33.64 7.49
C LEU C 9 43.13 34.14 6.78
N LEU C 10 42.08 33.32 6.75
CA LEU C 10 40.83 33.71 6.10
C LEU C 10 40.10 34.82 6.88
N SER C 11 40.37 34.96 8.17
CA SER C 11 39.72 36.01 8.95
C SER C 11 40.15 37.40 8.48
N GLY C 12 41.43 37.57 8.16
CA GLY C 12 41.92 38.86 7.72
C GLY C 12 43.04 39.40 8.59
N VAL C 13 43.76 38.51 9.27
CA VAL C 13 44.88 38.93 10.10
C VAL C 13 45.98 39.49 9.23
N ASN C 14 46.43 40.70 9.56
CA ASN C 14 47.44 41.40 8.77
C ASN C 14 48.44 42.04 9.73
N ARG C 15 49.62 42.36 9.21
CA ARG C 15 50.62 43.01 10.04
C ARG C 15 50.19 44.39 10.50
N HIS C 16 49.27 45.03 9.78
CA HIS C 16 48.72 46.32 10.19
C HIS C 16 47.49 46.18 11.07
N SER C 17 47.04 44.95 11.33
CA SER C 17 45.85 44.75 12.14
C SER C 17 46.13 45.05 13.60
N THR C 18 45.15 45.64 14.28
CA THR C 18 45.27 45.93 15.70
C THR C 18 44.83 44.69 16.49
N ALA C 19 44.63 44.86 17.79
CA ALA C 19 44.18 43.73 18.62
C ALA C 19 42.78 43.27 18.21
N ILE C 20 41.90 44.21 17.88
CA ILE C 20 40.51 43.87 17.57
C ILE C 20 40.44 42.93 16.37
N GLY C 21 41.18 43.26 15.31
CA GLY C 21 41.15 42.44 14.11
C GLY C 21 41.96 41.17 14.21
N ARG C 22 42.92 41.11 15.13
CA ARG C 22 43.82 39.97 15.21
C ARG C 22 43.39 38.91 16.21
N VAL C 23 42.79 39.30 17.33
CA VAL C 23 42.45 38.33 18.37
C VAL C 23 40.95 38.16 18.57
N TRP C 24 40.12 39.12 18.16
CA TRP C 24 38.69 39.04 18.38
C TRP C 24 37.91 38.64 17.14
N LEU C 25 38.19 39.27 15.99
CA LEU C 25 37.44 38.97 14.78
C LEU C 25 37.68 37.53 14.31
N SER C 26 38.94 37.09 14.39
CA SER C 26 39.28 35.73 13.94
C SER C 26 38.58 34.68 14.77
N VAL C 27 38.48 34.89 16.08
CA VAL C 27 37.82 33.93 16.96
C VAL C 27 36.34 33.81 16.61
N ILE C 28 35.67 34.94 16.35
CA ILE C 28 34.27 34.89 15.96
C ILE C 28 34.11 34.21 14.61
N PHE C 29 35.04 34.45 13.69
CA PHE C 29 35.01 33.75 12.41
C PHE C 29 35.09 32.24 12.58
N ILE C 30 36.02 31.78 13.41
CA ILE C 30 36.17 30.35 13.67
C ILE C 30 34.93 29.80 14.37
N PHE C 31 34.35 30.58 15.27
CA PHE C 31 33.12 30.17 15.96
C PHE C 31 31.99 29.95 14.97
N ARG C 32 31.82 30.88 14.03
CA ARG C 32 30.78 30.73 13.02
C ARG C 32 31.04 29.51 12.15
N ILE C 33 32.30 29.29 11.77
CA ILE C 33 32.64 28.10 10.97
C ILE C 33 32.26 26.83 11.71
N MET C 34 32.61 26.76 13.01
CA MET C 34 32.35 25.55 13.79
C MET C 34 30.86 25.30 13.96
N VAL C 35 30.09 26.37 14.27
CA VAL C 35 28.66 26.20 14.45
C VAL C 35 28.01 25.75 13.14
N LEU C 36 28.44 26.34 12.02
CA LEU C 36 27.90 25.92 10.73
C LEU C 36 28.24 24.46 10.42
N VAL C 37 29.46 24.04 10.72
CA VAL C 37 29.84 22.65 10.48
C VAL C 37 28.99 21.72 11.33
N VAL C 38 28.74 22.09 12.59
CA VAL C 38 27.92 21.26 13.47
C VAL C 38 26.49 21.16 12.96
N ALA C 39 25.92 22.28 12.51
CA ALA C 39 24.49 22.33 12.19
C ALA C 39 24.16 22.06 10.73
N ALA C 40 25.15 21.89 9.86
CA ALA C 40 24.87 21.79 8.43
C ALA C 40 23.98 20.59 8.11
N GLU C 41 24.48 19.38 8.31
CA GLU C 41 23.75 18.19 7.92
C GLU C 41 23.05 17.49 9.08
N SER C 42 23.33 17.86 10.32
CA SER C 42 22.65 17.25 11.46
C SER C 42 21.19 17.67 11.53
N VAL C 43 20.92 18.97 11.41
CA VAL C 43 19.59 19.49 11.64
C VAL C 43 18.91 19.97 10.36
N TRP C 44 19.67 20.42 9.36
CA TRP C 44 19.11 20.84 8.08
C TRP C 44 19.18 19.73 7.03
N GLY C 45 19.64 18.54 7.39
CA GLY C 45 19.83 17.49 6.40
C GLY C 45 18.52 16.99 5.81
N ASP C 46 17.50 16.82 6.64
CA ASP C 46 16.20 16.28 6.21
C ASP C 46 15.15 17.37 6.05
N GLU C 47 15.56 18.58 5.64
CA GLU C 47 14.63 19.69 5.54
C GLU C 47 13.54 19.44 4.50
N LYS C 48 13.90 18.83 3.38
CA LYS C 48 12.96 18.61 2.29
C LYS C 48 12.36 17.21 2.30
N SER C 49 13.11 16.19 2.72
CA SER C 49 12.60 14.84 2.69
C SER C 49 11.54 14.61 3.77
N SER C 50 11.60 15.37 4.86
CA SER C 50 10.61 15.27 5.93
C SER C 50 9.50 16.31 5.81
N PHE C 51 9.56 17.18 4.81
CA PHE C 51 8.52 18.18 4.58
C PHE C 51 7.31 17.51 3.95
N ILE C 52 6.16 17.57 4.62
CA ILE C 52 4.95 16.92 4.14
C ILE C 52 3.78 17.88 4.22
N CYS C 53 2.81 17.65 3.35
CA CYS C 53 1.58 18.43 3.30
C CYS C 53 0.38 17.50 3.33
N ASN C 54 -0.73 18.01 3.84
CA ASN C 54 -1.97 17.25 3.98
C ASN C 54 -2.77 17.35 2.68
N THR C 55 -2.42 16.49 1.72
CA THR C 55 -3.08 16.49 0.43
C THR C 55 -2.76 15.20 -0.31
N LEU C 56 -3.58 14.88 -1.31
CA LEU C 56 -3.32 13.78 -2.23
C LEU C 56 -2.82 14.25 -3.58
N GLN C 57 -2.60 15.56 -3.76
CA GLN C 57 -2.22 16.10 -5.05
C GLN C 57 -0.75 15.83 -5.33
N PRO C 58 -0.40 15.16 -6.43
CA PRO C 58 1.01 14.93 -6.74
C PRO C 58 1.73 16.23 -7.05
N GLY C 59 2.94 16.36 -6.52
CA GLY C 59 3.78 17.51 -6.77
C GLY C 59 3.56 18.70 -5.86
N CYS C 60 2.61 18.62 -4.91
CA CYS C 60 2.35 19.76 -4.05
C CYS C 60 3.44 19.95 -3.00
N ASN C 61 4.03 18.85 -2.50
CA ASN C 61 5.10 18.96 -1.51
C ASN C 61 6.29 19.75 -2.06
N SER C 62 6.73 19.42 -3.28
CA SER C 62 7.91 20.05 -3.84
C SER C 62 7.68 21.54 -4.11
N VAL C 63 6.52 21.88 -4.69
CA VAL C 63 6.27 23.29 -5.00
C VAL C 63 6.09 24.11 -3.73
N CYS C 64 5.45 23.53 -2.71
CA CYS C 64 5.29 24.27 -1.46
C CYS C 64 6.63 24.46 -0.75
N TYR C 65 7.48 23.43 -0.74
CA TYR C 65 8.80 23.59 -0.15
C TYR C 65 9.61 24.65 -0.88
N ASP C 66 9.56 24.64 -2.22
CA ASP C 66 10.28 25.66 -2.98
C ASP C 66 9.74 27.05 -2.71
N GLN C 67 8.41 27.18 -2.57
CA GLN C 67 7.82 28.48 -2.29
C GLN C 67 8.26 29.02 -0.93
N PHE C 68 8.29 28.17 0.10
CA PHE C 68 8.56 28.67 1.43
C PHE C 68 10.05 28.71 1.79
N PHE C 69 10.90 28.00 1.07
CA PHE C 69 12.34 28.00 1.33
C PHE C 69 13.08 28.19 0.01
N PRO C 70 13.10 29.41 -0.52
CA PRO C 70 13.81 29.65 -1.79
C PRO C 70 15.27 29.27 -1.73
N ILE C 71 15.93 29.50 -0.60
CA ILE C 71 17.30 29.05 -0.38
C ILE C 71 17.45 28.75 1.10
N SER C 72 18.08 27.62 1.41
CA SER C 72 18.21 27.18 2.79
C SER C 72 19.10 28.14 3.60
N HIS C 73 18.85 28.19 4.91
CA HIS C 73 19.66 29.04 5.78
C HIS C 73 21.13 28.65 5.74
N VAL C 74 21.42 27.34 5.70
CA VAL C 74 22.79 26.87 5.73
C VAL C 74 23.54 27.31 4.48
N ARG C 75 22.89 27.24 3.32
CA ARG C 75 23.55 27.69 2.09
C ARG C 75 23.80 29.19 2.11
N LEU C 76 22.86 29.97 2.65
CA LEU C 76 23.08 31.40 2.80
C LEU C 76 24.28 31.69 3.68
N TRP C 77 24.38 30.99 4.81
CA TRP C 77 25.51 31.21 5.70
C TRP C 77 26.83 30.78 5.06
N SER C 78 26.81 29.68 4.30
CA SER C 78 28.02 29.24 3.61
C SER C 78 28.49 30.27 2.59
N LEU C 79 27.55 30.80 1.78
CA LEU C 79 27.90 31.82 0.82
C LEU C 79 28.43 33.08 1.51
N GLN C 80 27.79 33.46 2.62
CA GLN C 80 28.25 34.62 3.37
C GLN C 80 29.68 34.43 3.86
N LEU C 81 29.99 33.27 4.41
CA LEU C 81 31.34 33.01 4.89
C LEU C 81 32.36 33.04 3.75
N ILE C 82 32.02 32.44 2.62
CA ILE C 82 32.95 32.43 1.49
C ILE C 82 33.23 33.85 1.00
N LEU C 83 32.16 34.65 0.83
CA LEU C 83 32.34 36.01 0.32
C LEU C 83 33.06 36.89 1.33
N VAL C 84 32.83 36.66 2.63
CA VAL C 84 33.53 37.45 3.64
C VAL C 84 35.01 37.09 3.67
N SER C 85 35.34 35.82 3.48
CA SER C 85 36.74 35.40 3.51
C SER C 85 37.49 35.71 2.22
N THR C 86 36.78 36.02 1.13
CA THR C 86 37.48 36.30 -0.13
C THR C 86 38.46 37.48 -0.06
N PRO C 87 38.08 38.67 0.43
CA PRO C 87 39.05 39.78 0.41
C PRO C 87 40.31 39.53 1.23
N ALA C 88 40.22 38.77 2.32
CA ALA C 88 41.39 38.48 3.13
C ALA C 88 42.43 37.69 2.33
N LEU C 89 42.00 36.64 1.64
CA LEU C 89 42.94 35.88 0.83
C LEU C 89 43.37 36.64 -0.41
N LEU C 90 42.53 37.56 -0.92
CA LEU C 90 42.99 38.44 -1.99
C LEU C 90 44.16 39.30 -1.52
N VAL C 91 44.05 39.87 -0.32
CA VAL C 91 45.14 40.66 0.26
C VAL C 91 46.37 39.79 0.49
N ALA C 92 46.17 38.58 0.99
CA ALA C 92 47.30 37.68 1.24
C ALA C 92 48.04 37.35 -0.05
N MET C 93 47.29 37.06 -1.13
CA MET C 93 47.94 36.80 -2.41
C MET C 93 48.65 38.03 -2.95
N HIS C 94 48.08 39.22 -2.75
CA HIS C 94 48.79 40.43 -3.17
C HIS C 94 50.09 40.61 -2.41
N VAL C 95 50.09 40.33 -1.11
CA VAL C 95 51.30 40.43 -0.30
C VAL C 95 52.34 39.42 -0.78
N ALA C 96 51.90 38.19 -1.07
CA ALA C 96 52.82 37.18 -1.57
C ALA C 96 53.41 37.59 -2.91
N HIS C 97 52.60 38.18 -3.79
CA HIS C 97 53.09 38.67 -5.07
C HIS C 97 54.13 39.77 -4.88
N GLN C 98 53.85 40.70 -3.97
CA GLN C 98 54.81 41.78 -3.72
C GLN C 98 56.12 41.24 -3.16
N GLN C 99 56.04 40.27 -2.24
CA GLN C 99 57.26 39.69 -1.69
C GLN C 99 58.05 38.92 -2.75
N HIS C 100 57.35 38.21 -3.63
CA HIS C 100 58.04 37.51 -4.72
C HIS C 100 58.73 38.48 -5.66
N ILE C 101 58.06 39.60 -5.97
CA ILE C 101 58.68 40.62 -6.81
C ILE C 101 59.91 41.19 -6.13
N GLU C 102 59.84 41.44 -4.83
CA GLU C 102 61.01 41.92 -4.09
C GLU C 102 62.14 40.89 -4.12
N LYS C 103 61.80 39.62 -3.95
CA LYS C 103 62.82 38.57 -3.93
C LYS C 103 63.52 38.44 -5.29
N LYS C 104 62.75 38.52 -6.37
CA LYS C 104 63.34 38.32 -7.70
C LYS C 104 64.15 39.53 -8.17
N MET C 105 64.06 40.67 -7.49
CA MET C 105 64.85 41.84 -7.87
C MET C 105 66.04 42.02 -6.91
N ILE C 127 55.50 49.84 -1.04
CA ILE C 127 55.70 50.55 0.21
C ILE C 127 54.64 50.13 1.23
N SER C 128 54.73 50.70 2.44
CA SER C 128 53.79 50.35 3.50
C SER C 128 52.43 51.00 3.28
N GLY C 129 52.39 52.16 2.63
CA GLY C 129 51.13 52.84 2.41
C GLY C 129 50.17 52.03 1.56
N THR C 130 50.69 51.36 0.54
CA THR C 130 49.84 50.49 -0.29
C THR C 130 49.24 49.38 0.55
N LEU C 131 50.03 48.77 1.44
CA LEU C 131 49.51 47.74 2.32
C LEU C 131 48.43 48.30 3.24
N TRP C 132 48.65 49.50 3.79
CA TRP C 132 47.67 50.10 4.68
C TRP C 132 46.35 50.36 3.97
N TRP C 133 46.42 50.93 2.77
CA TRP C 133 45.20 51.20 2.00
C TRP C 133 44.50 49.91 1.59
N THR C 134 45.27 48.89 1.20
CA THR C 134 44.66 47.61 0.85
C THR C 134 43.95 47.01 2.05
N TYR C 135 44.55 47.11 3.23
CA TYR C 135 43.92 46.57 4.43
C TYR C 135 42.62 47.29 4.75
N VAL C 136 42.61 48.63 4.68
CA VAL C 136 41.40 49.34 5.02
C VAL C 136 40.30 49.07 3.99
N ILE C 137 40.67 48.96 2.71
CA ILE C 137 39.67 48.65 1.68
C ILE C 137 39.09 47.26 1.89
N SER C 138 39.94 46.28 2.25
CA SER C 138 39.44 44.93 2.48
C SER C 138 38.50 44.89 3.68
N VAL C 139 38.82 45.64 4.74
CA VAL C 139 37.93 45.67 5.90
C VAL C 139 36.58 46.28 5.51
N VAL C 140 36.60 47.36 4.72
CA VAL C 140 35.35 47.97 4.28
C VAL C 140 34.53 46.98 3.46
N PHE C 141 35.19 46.22 2.58
CA PHE C 141 34.46 45.24 1.76
C PHE C 141 33.86 44.13 2.61
N ARG C 142 34.60 43.68 3.64
CA ARG C 142 34.03 42.68 4.54
C ARG C 142 32.79 43.22 5.24
N LEU C 143 32.85 44.48 5.69
CA LEU C 143 31.69 45.09 6.34
C LEU C 143 30.50 45.14 5.38
N LEU C 144 30.75 45.53 4.13
CA LEU C 144 29.68 45.60 3.14
C LEU C 144 29.05 44.24 2.88
N PHE C 145 29.88 43.20 2.76
CA PHE C 145 29.34 41.86 2.51
C PHE C 145 28.49 41.38 3.67
N GLU C 146 28.96 41.59 4.90
CA GLU C 146 28.16 41.18 6.06
C GLU C 146 26.84 41.94 6.11
N ALA C 147 26.87 43.24 5.85
CA ALA C 147 25.64 44.03 5.88
C ALA C 147 24.65 43.58 4.83
N VAL C 148 25.12 43.33 3.61
CA VAL C 148 24.18 42.95 2.55
C VAL C 148 23.60 41.56 2.81
N PHE C 149 24.39 40.64 3.38
CA PHE C 149 23.84 39.34 3.69
C PHE C 149 22.83 39.41 4.84
N MET C 150 23.08 40.27 5.83
CA MET C 150 22.07 40.50 6.87
C MET C 150 20.78 41.03 6.27
N TYR C 151 20.90 41.98 5.34
CA TYR C 151 19.70 42.56 4.72
C TYR C 151 18.93 41.52 3.90
N VAL C 152 19.64 40.70 3.12
CA VAL C 152 18.93 39.71 2.32
C VAL C 152 18.27 38.66 3.21
N PHE C 153 18.92 38.29 4.32
CA PHE C 153 18.27 37.37 5.26
C PHE C 153 17.00 38.00 5.84
N TYR C 154 17.06 39.29 6.16
CA TYR C 154 15.86 39.97 6.66
C TYR C 154 14.76 39.99 5.62
N LEU C 155 15.12 40.17 4.34
CA LEU C 155 14.13 40.18 3.28
C LEU C 155 13.47 38.82 3.13
N LEU C 156 14.26 37.74 3.11
CA LEU C 156 13.69 36.42 2.85
C LEU C 156 12.93 35.88 4.05
N TYR C 157 13.47 36.05 5.26
CA TYR C 157 12.90 35.49 6.48
C TYR C 157 12.77 36.59 7.52
N PRO C 158 11.68 37.37 7.48
CA PRO C 158 11.57 38.53 8.37
C PRO C 158 11.68 38.18 9.85
N GLY C 159 11.10 37.07 10.29
CA GLY C 159 11.13 36.67 11.68
C GLY C 159 12.26 35.69 11.94
N TYR C 160 12.92 35.87 13.09
CA TYR C 160 13.99 34.96 13.47
C TYR C 160 13.48 33.57 13.84
N ALA C 161 12.19 33.44 14.11
CA ALA C 161 11.60 32.19 14.54
C ALA C 161 10.97 31.46 13.35
N MET C 162 11.02 30.14 13.39
CA MET C 162 10.44 29.28 12.37
C MET C 162 9.19 28.62 12.94
N VAL C 163 8.14 28.55 12.13
CA VAL C 163 6.83 28.08 12.58
C VAL C 163 6.63 26.62 12.18
N ARG C 164 5.76 25.93 12.92
CA ARG C 164 5.51 24.51 12.66
C ARG C 164 4.63 24.30 11.42
N LEU C 165 3.61 25.12 11.23
CA LEU C 165 2.62 24.93 10.18
C LEU C 165 2.59 26.12 9.24
N VAL C 166 2.56 25.85 7.93
CA VAL C 166 2.47 26.88 6.92
C VAL C 166 1.31 26.57 5.98
N LYS C 167 0.77 27.63 5.38
CA LYS C 167 -0.37 27.54 4.47
C LYS C 167 0.13 27.79 3.05
N CYS C 168 -0.15 26.85 2.15
CA CYS C 168 0.39 26.89 0.79
C CYS C 168 -0.75 26.84 -0.21
N ASP C 169 -0.73 27.74 -1.20
CA ASP C 169 -1.77 27.77 -2.23
C ASP C 169 -1.16 27.87 -3.63
N VAL C 170 0.05 27.39 -3.81
CA VAL C 170 0.72 27.44 -5.10
C VAL C 170 0.21 26.31 -5.98
N TYR C 171 0.08 26.59 -7.27
CA TYR C 171 -0.31 25.55 -8.23
C TYR C 171 0.74 24.44 -8.23
N PRO C 172 0.32 23.16 -8.31
CA PRO C 172 -1.03 22.65 -8.52
C PRO C 172 -1.83 22.32 -7.26
N CYS C 173 -1.42 22.80 -6.08
CA CYS C 173 -2.16 22.47 -4.87
C CYS C 173 -3.56 23.09 -4.93
N PRO C 174 -4.61 22.32 -4.65
CA PRO C 174 -5.97 22.86 -4.72
C PRO C 174 -6.32 23.64 -3.46
N ASN C 175 -6.88 24.83 -3.63
CA ASN C 175 -7.29 25.72 -2.53
C ASN C 175 -6.05 26.00 -1.68
N THR C 176 -6.11 25.87 -0.37
CA THR C 176 -4.98 26.05 0.52
C THR C 176 -4.74 24.76 1.29
N VAL C 177 -3.47 24.38 1.42
CA VAL C 177 -3.10 23.15 2.12
C VAL C 177 -2.18 23.50 3.29
N ASP C 178 -2.20 22.62 4.29
CA ASP C 178 -1.33 22.73 5.45
C ASP C 178 -0.07 21.91 5.24
N CYS C 179 1.09 22.52 5.53
CA CYS C 179 2.36 21.83 5.43
C CYS C 179 3.14 22.02 6.72
N PHE C 180 4.00 21.06 7.04
CA PHE C 180 4.66 20.98 8.32
C PHE C 180 6.17 20.98 8.16
N VAL C 181 6.84 21.79 8.98
CA VAL C 181 8.28 22.03 8.90
C VAL C 181 9.00 21.12 9.89
N SER C 182 10.20 20.69 9.51
CA SER C 182 11.02 19.83 10.36
C SER C 182 11.87 20.66 11.31
N ARG C 183 11.86 20.27 12.59
CA ARG C 183 12.72 20.85 13.61
C ARG C 183 12.69 22.39 13.67
N PRO C 184 11.50 23.01 13.82
CA PRO C 184 11.48 24.48 13.89
C PRO C 184 12.26 25.07 15.04
N THR C 185 12.22 24.45 16.23
CA THR C 185 12.81 25.06 17.41
C THR C 185 14.34 25.03 17.38
N GLU C 186 14.92 23.89 16.98
CA GLU C 186 16.37 23.79 16.88
C GLU C 186 16.90 24.75 15.82
N LYS C 187 16.20 24.84 14.69
CA LYS C 187 16.59 25.79 13.65
C LYS C 187 16.50 27.23 14.15
N THR C 188 15.49 27.54 14.96
CA THR C 188 15.40 28.87 15.55
C THR C 188 16.60 29.16 16.45
N VAL C 189 16.99 28.19 17.27
CA VAL C 189 18.11 28.37 18.18
C VAL C 189 19.39 28.66 17.38
N PHE C 190 19.65 27.85 16.36
CA PHE C 190 20.86 28.05 15.57
C PHE C 190 20.82 29.35 14.78
N THR C 191 19.63 29.76 14.32
CA THR C 191 19.50 31.04 13.65
C THR C 191 19.85 32.19 14.59
N VAL C 192 19.39 32.12 15.83
CA VAL C 192 19.72 33.17 16.81
C VAL C 192 21.23 33.23 17.02
N PHE C 193 21.86 32.07 17.18
CA PHE C 193 23.32 32.05 17.35
C PHE C 193 24.02 32.71 16.17
N MET C 194 23.66 32.33 14.95
CA MET C 194 24.34 32.83 13.77
C MET C 194 24.12 34.33 13.58
N LEU C 195 22.90 34.80 13.80
CA LEU C 195 22.62 36.23 13.66
C LEU C 195 23.37 37.05 14.70
N ALA C 196 23.44 36.57 15.94
CA ALA C 196 24.20 37.29 16.96
C ALA C 196 25.68 37.37 16.59
N ALA C 197 26.24 36.26 16.10
CA ALA C 197 27.65 36.28 15.69
C ALA C 197 27.88 37.27 14.55
N SER C 198 26.98 37.29 13.56
CA SER C 198 27.14 38.22 12.45
C SER C 198 27.06 39.68 12.92
N GLY C 199 26.12 39.98 13.83
CA GLY C 199 26.04 41.33 14.35
C GLY C 199 27.30 41.75 15.10
N ILE C 200 27.85 40.84 15.90
CA ILE C 200 29.10 41.14 16.59
C ILE C 200 30.23 41.40 15.58
N CYS C 201 30.27 40.62 14.51
CA CYS C 201 31.30 40.84 13.49
C CYS C 201 31.15 42.20 12.84
N ILE C 202 29.92 42.61 12.54
CA ILE C 202 29.69 43.94 11.94
C ILE C 202 30.19 45.03 12.88
N ILE C 203 29.84 44.94 14.17
CA ILE C 203 30.26 45.96 15.13
C ILE C 203 31.79 46.00 15.21
N LEU C 204 32.44 44.83 15.24
CA LEU C 204 33.89 44.80 15.33
C LEU C 204 34.55 45.39 14.09
N ASN C 205 33.98 45.14 12.90
CA ASN C 205 34.55 45.73 11.69
C ASN C 205 34.44 47.25 11.70
N VAL C 206 33.29 47.77 12.14
CA VAL C 206 33.14 49.22 12.24
C VAL C 206 34.15 49.80 13.22
N ALA C 207 34.31 49.15 14.37
CA ALA C 207 35.32 49.59 15.33
C ALA C 207 36.72 49.54 14.74
N GLU C 208 37.00 48.53 13.93
CA GLU C 208 38.32 48.41 13.30
C GLU C 208 38.61 49.57 12.37
N VAL C 209 37.67 49.89 11.48
CA VAL C 209 37.92 50.99 10.54
C VAL C 209 38.04 52.31 11.29
N VAL C 210 37.19 52.52 12.31
CA VAL C 210 37.27 53.77 13.07
C VAL C 210 38.62 53.88 13.78
N TYR C 211 39.08 52.78 14.39
CA TYR C 211 40.36 52.79 15.09
C TYR C 211 41.52 53.04 14.14
N LEU C 212 41.49 52.42 12.97
CA LEU C 212 42.56 52.65 11.99
C LEU C 212 42.58 54.10 11.53
N ILE C 213 41.40 54.68 11.27
CA ILE C 213 41.34 56.08 10.86
C ILE C 213 41.87 56.99 11.95
N ILE C 214 41.50 56.71 13.21
CA ILE C 214 41.99 57.53 14.32
C ILE C 214 43.51 57.43 14.44
N ARG C 215 44.05 56.22 14.36
CA ARG C 215 45.50 56.05 14.42
C ARG C 215 46.20 56.73 13.26
N ALA C 216 45.53 56.83 12.10
CA ALA C 216 46.15 57.47 10.95
C ALA C 216 46.44 58.94 11.22
N CYS C 217 45.51 59.65 11.85
CA CYS C 217 45.70 61.06 12.16
C CYS C 217 45.77 61.29 13.67
N THR D 4 46.10 15.27 18.92
CA THR D 4 45.77 15.49 20.33
C THR D 4 46.32 16.83 20.81
N GLY D 5 47.34 17.34 20.12
CA GLY D 5 47.90 18.63 20.48
C GLY D 5 46.90 19.76 20.33
N LEU D 6 46.10 19.72 19.27
CA LEU D 6 45.04 20.71 19.11
C LEU D 6 44.02 20.61 20.24
N TYR D 7 43.70 19.39 20.66
CA TYR D 7 42.77 19.22 21.78
C TYR D 7 43.33 19.79 23.07
N THR D 8 44.62 19.57 23.35
CA THR D 8 45.22 20.13 24.55
C THR D 8 45.29 21.66 24.47
N LEU D 9 45.50 22.19 23.26
CA LEU D 9 45.44 23.64 23.09
C LEU D 9 44.04 24.16 23.38
N LEU D 10 43.01 23.47 22.89
CA LEU D 10 41.64 23.89 23.14
C LEU D 10 41.23 23.71 24.60
N SER D 11 41.89 22.82 25.33
CA SER D 11 41.56 22.62 26.74
C SER D 11 41.85 23.86 27.56
N GLY D 12 42.97 24.54 27.29
CA GLY D 12 43.33 25.71 28.05
C GLY D 12 44.69 25.60 28.72
N VAL D 13 45.55 24.74 28.19
CA VAL D 13 46.88 24.58 28.76
C VAL D 13 47.69 25.86 28.57
N ASN D 14 48.23 26.36 29.66
CA ASN D 14 48.96 27.62 29.65
C ASN D 14 50.23 27.45 30.47
N ARG D 15 51.20 28.35 30.26
CA ARG D 15 52.44 28.29 31.03
C ARG D 15 52.21 28.57 32.50
N HIS D 16 51.14 29.29 32.85
CA HIS D 16 50.78 29.53 34.23
C HIS D 16 49.89 28.44 34.82
N SER D 17 49.51 27.45 34.02
CA SER D 17 48.64 26.39 34.50
C SER D 17 49.39 25.46 35.44
N THR D 18 48.70 25.01 36.48
CA THR D 18 49.27 24.05 37.41
C THR D 18 49.08 22.64 36.86
N ALA D 19 49.31 21.63 37.70
CA ALA D 19 49.12 20.25 37.26
C ALA D 19 47.66 19.97 36.94
N ILE D 20 46.74 20.51 37.74
CA ILE D 20 45.32 20.22 37.58
C ILE D 20 44.85 20.64 36.19
N GLY D 21 45.20 21.87 35.78
CA GLY D 21 44.75 22.35 34.49
C GLY D 21 45.52 21.80 33.32
N ARG D 22 46.73 21.29 33.55
CA ARG D 22 47.59 20.83 32.45
C ARG D 22 47.46 19.35 32.15
N VAL D 23 47.27 18.50 33.16
CA VAL D 23 47.26 17.07 32.94
C VAL D 23 45.90 16.43 33.19
N TRP D 24 45.02 17.06 33.96
CA TRP D 24 43.72 16.47 34.28
C TRP D 24 42.58 17.06 33.47
N LEU D 25 42.49 18.38 33.37
CA LEU D 25 41.38 19.00 32.65
C LEU D 25 41.41 18.67 31.16
N SER D 26 42.62 18.68 30.57
CA SER D 26 42.74 18.39 29.15
C SER D 26 42.32 16.96 28.82
N VAL D 27 42.65 16.01 29.69
CA VAL D 27 42.28 14.62 29.45
C VAL D 27 40.76 14.47 29.47
N ILE D 28 40.09 15.12 30.42
CA ILE D 28 38.63 15.05 30.47
C ILE D 28 38.02 15.71 29.24
N PHE D 29 38.62 16.82 28.77
CA PHE D 29 38.14 17.46 27.55
C PHE D 29 38.23 16.50 26.36
N ILE D 30 39.37 15.83 26.21
CA ILE D 30 39.55 14.89 25.11
C ILE D 30 38.59 13.71 25.25
N PHE D 31 38.35 13.26 26.49
CA PHE D 31 37.41 12.17 26.73
C PHE D 31 36.01 12.55 26.27
N ARG D 32 35.57 13.77 26.62
CA ARG D 32 34.26 14.22 26.18
C ARG D 32 34.19 14.32 24.66
N ILE D 33 35.25 14.82 24.02
CA ILE D 33 35.26 14.90 22.56
C ILE D 33 35.12 13.51 21.96
N MET D 34 35.86 12.54 22.47
CA MET D 34 35.83 11.19 21.91
C MET D 34 34.48 10.53 22.10
N VAL D 35 33.89 10.67 23.29
CA VAL D 35 32.58 10.07 23.53
C VAL D 35 31.54 10.70 22.63
N LEU D 36 31.59 12.02 22.46
CA LEU D 36 30.64 12.69 21.58
C LEU D 36 30.81 12.22 20.13
N VAL D 37 32.06 12.07 19.68
CA VAL D 37 32.29 11.59 18.31
C VAL D 37 31.74 10.19 18.14
N VAL D 38 31.92 9.33 19.15
CA VAL D 38 31.40 7.97 19.06
C VAL D 38 29.87 7.96 19.01
N ALA D 39 29.22 8.78 19.82
CA ALA D 39 27.78 8.70 20.01
C ALA D 39 26.97 9.63 19.10
N ALA D 40 27.63 10.50 18.31
CA ALA D 40 26.88 11.50 17.56
C ALA D 40 25.91 10.87 16.57
N GLU D 41 26.43 10.18 15.56
CA GLU D 41 25.59 9.66 14.49
C GLU D 41 25.27 8.18 14.65
N SER D 42 25.96 7.46 15.54
CA SER D 42 25.66 6.04 15.73
C SER D 42 24.31 5.84 16.41
N VAL D 43 24.05 6.58 17.49
CA VAL D 43 22.88 6.34 18.30
C VAL D 43 21.84 7.46 18.20
N TRP D 44 22.25 8.69 17.90
CA TRP D 44 21.32 9.79 17.71
C TRP D 44 21.02 10.06 16.25
N GLY D 45 21.53 9.23 15.33
CA GLY D 45 21.35 9.50 13.92
C GLY D 45 19.92 9.36 13.45
N ASP D 46 19.21 8.35 13.94
CA ASP D 46 17.84 8.07 13.53
C ASP D 46 16.82 8.52 14.57
N GLU D 47 17.11 9.60 15.29
CA GLU D 47 16.23 10.05 16.36
C GLU D 47 14.86 10.45 15.83
N LYS D 48 14.82 11.11 14.69
CA LYS D 48 13.57 11.62 14.13
C LYS D 48 12.96 10.70 13.08
N SER D 49 13.79 10.00 12.30
CA SER D 49 13.25 9.13 11.26
C SER D 49 12.57 7.90 11.84
N SER D 50 13.01 7.43 13.01
CA SER D 50 12.41 6.28 13.67
C SER D 50 11.36 6.66 14.70
N PHE D 51 11.12 7.96 14.91
CA PHE D 51 10.10 8.43 15.85
C PHE D 51 8.73 8.25 15.21
N ILE D 52 7.87 7.46 15.83
CA ILE D 52 6.55 7.17 15.29
C ILE D 52 5.49 7.35 16.37
N CYS D 53 4.28 7.66 15.92
CA CYS D 53 3.13 7.83 16.80
C CYS D 53 1.98 6.99 16.27
N ASN D 54 1.11 6.57 17.18
CA ASN D 54 -0.03 5.72 16.85
C ASN D 54 -1.20 6.61 16.45
N THR D 55 -1.22 6.99 15.18
CA THR D 55 -2.26 7.86 14.65
C THR D 55 -2.23 7.82 13.13
N LEU D 56 -3.33 8.25 12.53
CA LEU D 56 -3.43 8.45 11.08
C LEU D 56 -3.38 9.93 10.69
N GLN D 57 -3.20 10.83 11.65
CA GLN D 57 -3.24 12.26 11.37
C GLN D 57 -1.94 12.70 10.70
N PRO D 58 -2.01 13.30 9.51
CA PRO D 58 -0.77 13.79 8.87
C PRO D 58 -0.15 14.93 9.65
N GLY D 59 1.18 14.89 9.79
CA GLY D 59 1.91 15.94 10.47
C GLY D 59 2.04 15.79 11.97
N CYS D 60 1.46 14.75 12.57
CA CYS D 60 1.52 14.61 14.02
C CYS D 60 2.90 14.17 14.50
N ASN D 61 3.58 13.31 13.72
CA ASN D 61 4.91 12.85 14.10
C ASN D 61 5.89 14.02 14.24
N SER D 62 5.90 14.91 13.25
CA SER D 62 6.86 16.02 13.26
C SER D 62 6.60 16.98 14.42
N VAL D 63 5.34 17.35 14.63
CA VAL D 63 5.03 18.31 15.69
C VAL D 63 5.29 17.70 17.07
N CYS D 64 5.00 16.40 17.24
CA CYS D 64 5.28 15.77 18.52
C CYS D 64 6.77 15.66 18.77
N TYR D 65 7.55 15.30 17.74
CA TYR D 65 9.00 15.25 17.90
C TYR D 65 9.56 16.63 18.26
N ASP D 66 9.07 17.67 17.59
CA ASP D 66 9.54 19.02 17.91
C ASP D 66 9.15 19.44 19.32
N GLN D 67 7.96 19.03 19.77
CA GLN D 67 7.53 19.37 21.12
C GLN D 67 8.39 18.70 22.17
N PHE D 68 8.73 17.42 21.98
CA PHE D 68 9.44 16.69 23.02
C PHE D 68 10.95 16.81 22.95
N PHE D 69 11.52 17.20 21.80
CA PHE D 69 12.96 17.36 21.64
C PHE D 69 13.24 18.70 20.98
N PRO D 70 13.13 19.81 21.73
CA PRO D 70 13.39 21.12 21.14
C PRO D 70 14.79 21.25 20.56
N ILE D 71 15.77 20.63 21.20
CA ILE D 71 17.13 20.56 20.66
C ILE D 71 17.75 19.25 21.13
N SER D 72 18.41 18.55 20.22
CA SER D 72 18.96 17.24 20.53
C SER D 72 20.09 17.35 21.56
N HIS D 73 20.28 16.26 22.31
CA HIS D 73 21.36 16.23 23.30
C HIS D 73 22.72 16.43 22.66
N VAL D 74 22.94 15.82 21.50
CA VAL D 74 24.23 15.90 20.83
C VAL D 74 24.55 17.33 20.42
N ARG D 75 23.56 18.05 19.90
CA ARG D 75 23.79 19.44 19.53
C ARG D 75 24.08 20.31 20.75
N LEU D 76 23.39 20.06 21.86
CA LEU D 76 23.68 20.79 23.10
C LEU D 76 25.11 20.55 23.55
N TRP D 77 25.57 19.29 23.52
CA TRP D 77 26.93 18.98 23.94
C TRP D 77 27.94 19.60 22.98
N SER D 78 27.65 19.61 21.69
CA SER D 78 28.55 20.22 20.72
C SER D 78 28.69 21.72 20.97
N LEU D 79 27.56 22.42 21.18
CA LEU D 79 27.62 23.84 21.48
C LEU D 79 28.37 24.11 22.78
N GLN D 80 28.14 23.26 23.79
CA GLN D 80 28.85 23.42 25.05
C GLN D 80 30.36 23.29 24.85
N LEU D 81 30.78 22.29 24.09
CA LEU D 81 32.22 22.11 23.86
C LEU D 81 32.81 23.29 23.09
N ILE D 82 32.11 23.79 22.08
CA ILE D 82 32.63 24.93 21.31
C ILE D 82 32.77 26.15 22.20
N LEU D 83 31.74 26.45 22.99
CA LEU D 83 31.79 27.64 23.84
C LEU D 83 32.82 27.50 24.95
N VAL D 84 33.01 26.28 25.47
CA VAL D 84 34.03 26.08 26.49
C VAL D 84 35.43 26.24 25.91
N SER D 85 35.63 25.78 24.68
CA SER D 85 36.95 25.88 24.07
C SER D 85 37.26 27.28 23.53
N THR D 86 36.25 28.14 23.36
CA THR D 86 36.51 29.47 22.82
C THR D 86 37.48 30.31 23.64
N PRO D 87 37.33 30.47 24.97
CA PRO D 87 38.28 31.34 25.69
C PRO D 87 39.72 30.86 25.65
N ALA D 88 39.95 29.54 25.59
CA ALA D 88 41.31 29.04 25.53
C ALA D 88 42.02 29.51 24.26
N LEU D 89 41.35 29.39 23.11
CA LEU D 89 41.96 29.85 21.87
C LEU D 89 41.99 31.37 21.78
N LEU D 90 41.07 32.06 22.46
CA LEU D 90 41.19 33.51 22.56
C LEU D 90 42.48 33.90 23.28
N VAL D 91 42.77 33.23 24.40
CA VAL D 91 44.01 33.48 25.13
C VAL D 91 45.22 33.12 24.29
N ALA D 92 45.15 32.00 23.56
CA ALA D 92 46.27 31.59 22.73
C ALA D 92 46.55 32.61 21.63
N MET D 93 45.51 33.13 20.99
CA MET D 93 45.71 34.17 19.98
C MET D 93 46.25 35.44 20.58
N HIS D 94 45.81 35.81 21.79
CA HIS D 94 46.37 36.98 22.45
C HIS D 94 47.86 36.80 22.73
N VAL D 95 48.25 35.60 23.17
CA VAL D 95 49.66 35.32 23.44
C VAL D 95 50.47 35.39 22.15
N ALA D 96 49.93 34.83 21.06
CA ALA D 96 50.61 34.90 19.78
C ALA D 96 50.78 36.34 19.32
N HIS D 97 49.74 37.15 19.50
CA HIS D 97 49.83 38.58 19.16
C HIS D 97 50.90 39.28 19.97
N GLN D 98 50.95 39.00 21.28
CA GLN D 98 51.97 39.62 22.13
C GLN D 98 53.37 39.20 21.69
N GLN D 99 53.57 37.92 21.38
CA GLN D 99 54.88 37.46 20.94
C GLN D 99 55.27 38.07 19.60
N HIS D 100 54.31 38.21 18.68
CA HIS D 100 54.61 38.86 17.41
C HIS D 100 54.99 40.32 17.61
N ILE D 101 54.29 41.02 18.52
CA ILE D 101 54.63 42.40 18.81
C ILE D 101 56.04 42.48 19.40
N GLU D 102 56.38 41.56 20.30
CA GLU D 102 57.73 41.54 20.85
C GLU D 102 58.77 41.27 19.77
N LYS D 103 58.48 40.35 18.85
CA LYS D 103 59.43 40.03 17.78
C LYS D 103 59.65 41.20 16.85
N LYS D 104 58.58 41.92 16.49
CA LYS D 104 58.70 43.02 15.55
C LYS D 104 59.35 44.26 16.15
N MET D 105 59.51 44.32 17.46
CA MET D 105 60.16 45.46 18.10
C MET D 105 61.58 45.11 18.52
N ILE D 127 53.71 42.06 30.13
CA ILE D 127 54.34 41.51 31.32
C ILE D 127 53.65 40.20 31.71
N SER D 128 54.14 39.58 32.79
CA SER D 128 53.56 38.31 33.24
C SER D 128 52.23 38.51 33.95
N GLY D 129 52.03 39.66 34.58
CA GLY D 129 50.78 39.89 35.28
C GLY D 129 49.57 39.89 34.36
N THR D 130 49.72 40.47 33.16
CA THR D 130 48.64 40.45 32.19
C THR D 130 48.29 39.03 31.80
N LEU D 131 49.31 38.19 31.58
CA LEU D 131 49.07 36.78 31.27
C LEU D 131 48.34 36.09 32.41
N TRP D 132 48.75 36.35 33.65
CA TRP D 132 48.13 35.72 34.81
C TRP D 132 46.66 36.10 34.92
N TRP D 133 46.35 37.40 34.77
CA TRP D 133 44.97 37.84 34.85
C TRP D 133 44.14 37.29 33.69
N THR D 134 44.71 37.26 32.49
CA THR D 134 43.98 36.69 31.36
C THR D 134 43.67 35.21 31.60
N TYR D 135 44.62 34.47 32.16
CA TYR D 135 44.40 33.06 32.45
C TYR D 135 43.29 32.87 33.47
N VAL D 136 43.31 33.66 34.55
CA VAL D 136 42.28 33.46 35.57
C VAL D 136 40.90 33.86 35.03
N ILE D 137 40.83 34.91 34.22
CA ILE D 137 39.56 35.32 33.63
C ILE D 137 39.04 34.23 32.69
N SER D 138 39.92 33.64 31.89
CA SER D 138 39.48 32.59 30.98
C SER D 138 38.98 31.36 31.74
N VAL D 139 39.65 31.01 32.84
CA VAL D 139 39.17 29.88 33.64
C VAL D 139 37.79 30.18 34.22
N VAL D 140 37.59 31.41 34.72
CA VAL D 140 36.28 31.77 35.25
C VAL D 140 35.20 31.68 34.17
N PHE D 141 35.52 32.13 32.96
CA PHE D 141 34.55 32.08 31.87
C PHE D 141 34.22 30.63 31.49
N ARG D 142 35.23 29.75 31.48
CA ARG D 142 34.95 28.34 31.23
C ARG D 142 34.02 27.77 32.28
N LEU D 143 34.27 28.10 33.55
CA LEU D 143 33.39 27.64 34.62
C LEU D 143 31.97 28.13 34.43
N LEU D 144 31.81 29.40 34.06
CA LEU D 144 30.48 29.95 33.85
C LEU D 144 29.76 29.25 32.70
N PHE D 145 30.47 29.00 31.59
CA PHE D 145 29.83 28.33 30.46
C PHE D 145 29.38 26.92 30.82
N GLU D 146 30.24 26.17 31.52
CA GLU D 146 29.85 24.83 31.93
C GLU D 146 28.63 24.86 32.85
N ALA D 147 28.61 25.80 33.80
CA ALA D 147 27.49 25.88 34.72
C ALA D 147 26.20 26.22 34.01
N VAL D 148 26.24 27.18 33.08
CA VAL D 148 24.99 27.58 32.41
C VAL D 148 24.49 26.46 31.50
N PHE D 149 25.40 25.71 30.87
CA PHE D 149 24.93 24.60 30.04
C PHE D 149 24.35 23.47 30.89
N MET D 150 24.93 23.22 32.07
CA MET D 150 24.32 22.26 32.98
C MET D 150 22.92 22.70 33.38
N TYR D 151 22.76 24.00 33.68
CA TYR D 151 21.44 24.49 34.09
C TYR D 151 20.42 24.38 32.96
N VAL D 152 20.82 24.72 31.73
CA VAL D 152 19.86 24.65 30.63
C VAL D 152 19.50 23.20 30.34
N PHE D 153 20.45 22.27 30.46
CA PHE D 153 20.12 20.87 30.31
C PHE D 153 19.13 20.42 31.37
N TYR D 154 19.32 20.86 32.61
CA TYR D 154 18.37 20.53 33.67
C TYR D 154 16.99 21.10 33.39
N LEU D 155 16.94 22.31 32.80
CA LEU D 155 15.65 22.90 32.45
C LEU D 155 14.93 22.11 31.37
N LEU D 156 15.64 21.74 30.30
CA LEU D 156 14.98 21.09 29.18
C LEU D 156 14.64 19.63 29.50
N TYR D 157 15.55 18.91 30.14
CA TYR D 157 15.38 17.48 30.41
C TYR D 157 15.64 17.22 31.88
N PRO D 158 14.62 17.39 32.73
CA PRO D 158 14.84 17.28 34.19
C PRO D 158 15.40 15.94 34.63
N GLY D 159 14.96 14.84 34.03
CA GLY D 159 15.42 13.51 34.39
C GLY D 159 16.55 13.05 33.49
N TYR D 160 17.55 12.40 34.09
CA TYR D 160 18.66 11.88 33.31
C TYR D 160 18.25 10.69 32.45
N ALA D 161 17.12 10.06 32.75
CA ALA D 161 16.65 8.89 32.02
C ALA D 161 15.66 9.29 30.95
N MET D 162 15.67 8.53 29.84
CA MET D 162 14.76 8.73 28.73
C MET D 162 13.73 7.61 28.72
N VAL D 163 12.48 7.96 28.46
CA VAL D 163 11.37 7.01 28.55
C VAL D 163 11.03 6.48 27.16
N ARG D 164 10.40 5.30 27.13
CA ARG D 164 10.04 4.68 25.86
C ARG D 164 8.81 5.32 25.22
N LEU D 165 7.82 5.68 26.02
CA LEU D 165 6.53 6.15 25.52
C LEU D 165 6.23 7.54 26.06
N VAL D 166 5.77 8.43 25.16
CA VAL D 166 5.39 9.79 25.53
C VAL D 166 3.99 10.07 25.03
N LYS D 167 3.31 10.99 25.71
CA LYS D 167 1.94 11.38 25.41
C LYS D 167 1.94 12.77 24.80
N CYS D 168 1.38 12.91 23.61
CA CYS D 168 1.43 14.15 22.84
C CYS D 168 0.03 14.64 22.53
N ASP D 169 -0.23 15.92 22.77
CA ASP D 169 -1.54 16.50 22.49
C ASP D 169 -1.42 17.83 21.73
N VAL D 170 -0.35 18.02 20.99
CA VAL D 170 -0.13 19.25 20.24
C VAL D 170 -0.93 19.20 18.94
N TYR D 171 -1.48 20.35 18.55
CA TYR D 171 -2.17 20.45 17.28
C TYR D 171 -1.22 20.11 16.15
N PRO D 172 -1.67 19.38 15.11
CA PRO D 172 -3.04 18.91 14.82
C PRO D 172 -3.40 17.53 15.37
N CYS D 173 -2.62 16.95 16.28
CA CYS D 173 -2.94 15.62 16.78
C CYS D 173 -4.26 15.65 17.54
N PRO D 174 -5.19 14.74 17.25
CA PRO D 174 -6.48 14.74 17.96
C PRO D 174 -6.37 14.06 19.31
N ASN D 175 -6.91 14.70 20.34
CA ASN D 175 -6.93 14.19 21.72
C ASN D 175 -5.47 13.99 22.14
N THR D 176 -5.10 12.83 22.69
CA THR D 176 -3.74 12.52 23.08
C THR D 176 -3.30 11.27 22.33
N VAL D 177 -2.06 11.27 21.84
CA VAL D 177 -1.52 10.15 21.09
C VAL D 177 -0.27 9.63 21.80
N ASP D 178 0.01 8.35 21.57
CA ASP D 178 1.21 7.70 22.09
C ASP D 178 2.30 7.75 21.03
N CYS D 179 3.50 8.15 21.45
CA CYS D 179 4.66 8.19 20.56
C CYS D 179 5.82 7.46 21.22
N PHE D 180 6.70 6.89 20.40
CA PHE D 180 7.74 5.99 20.86
C PHE D 180 9.12 6.51 20.47
N VAL D 181 10.05 6.44 21.43
CA VAL D 181 11.39 7.00 21.30
C VAL D 181 12.36 5.90 20.88
N SER D 182 13.37 6.29 20.10
CA SER D 182 14.40 5.37 19.63
C SER D 182 15.53 5.27 20.64
N ARG D 183 15.90 4.05 20.99
CA ARG D 183 17.05 3.76 21.83
C ARG D 183 17.09 4.55 23.15
N PRO D 184 16.05 4.47 23.98
CA PRO D 184 16.08 5.22 25.24
C PRO D 184 17.21 4.83 26.18
N THR D 185 17.53 3.53 26.27
CA THR D 185 18.48 3.06 27.27
C THR D 185 19.91 3.46 26.93
N GLU D 186 20.31 3.29 25.67
CA GLU D 186 21.66 3.67 25.24
C GLU D 186 21.85 5.18 25.39
N LYS D 187 20.83 5.96 25.03
CA LYS D 187 20.89 7.40 25.23
C LYS D 187 21.01 7.76 26.70
N THR D 188 20.31 7.04 27.58
CA THR D 188 20.46 7.27 29.01
C THR D 188 21.89 7.01 29.47
N VAL D 189 22.50 5.92 28.99
CA VAL D 189 23.87 5.59 29.38
C VAL D 189 24.84 6.70 28.96
N PHE D 190 24.72 7.14 27.70
CA PHE D 190 25.63 8.18 27.22
C PHE D 190 25.37 9.52 27.91
N THR D 191 24.11 9.81 28.25
CA THR D 191 23.80 11.02 29.01
C THR D 191 24.48 10.99 30.38
N VAL D 192 24.44 9.83 31.05
CA VAL D 192 25.09 9.72 32.35
C VAL D 192 26.58 9.96 32.22
N PHE D 193 27.21 9.36 31.20
CA PHE D 193 28.65 9.58 30.98
C PHE D 193 28.95 11.07 30.80
N MET D 194 28.19 11.74 29.93
CA MET D 194 28.48 13.13 29.61
C MET D 194 28.25 14.04 30.83
N LEU D 195 27.18 13.81 31.58
CA LEU D 195 26.91 14.62 32.76
C LEU D 195 27.99 14.44 33.82
N ALA D 196 28.45 13.20 34.03
CA ALA D 196 29.52 12.97 35.00
C ALA D 196 30.80 13.69 34.57
N ALA D 197 31.13 13.62 33.28
CA ALA D 197 32.32 14.32 32.80
C ALA D 197 32.21 15.83 33.01
N SER D 198 31.04 16.40 32.72
CA SER D 198 30.86 17.84 32.90
C SER D 198 30.98 18.23 34.37
N GLY D 199 30.40 17.44 35.27
CA GLY D 199 30.54 17.73 36.69
C GLY D 199 31.98 17.69 37.16
N ILE D 200 32.73 16.70 36.70
CA ILE D 200 34.15 16.62 37.04
C ILE D 200 34.88 17.85 36.54
N CYS D 201 34.56 18.31 35.32
CA CYS D 201 35.21 19.50 34.77
C CYS D 201 34.90 20.73 35.62
N ILE D 202 33.65 20.87 36.06
CA ILE D 202 33.29 22.01 36.91
C ILE D 202 34.09 21.99 38.21
N ILE D 203 34.18 20.82 38.85
CA ILE D 203 34.92 20.71 40.10
C ILE D 203 36.38 21.07 39.87
N LEU D 204 36.97 20.56 38.78
CA LEU D 204 38.37 20.85 38.51
C LEU D 204 38.62 22.33 38.24
N ASN D 205 37.69 23.00 37.54
CA ASN D 205 37.86 24.43 37.30
C ASN D 205 37.79 25.22 38.61
N VAL D 206 36.87 24.86 39.50
CA VAL D 206 36.79 25.54 40.80
C VAL D 206 38.09 25.32 41.59
N ALA D 207 38.59 24.08 41.59
CA ALA D 207 39.86 23.82 42.25
C ALA D 207 40.99 24.62 41.63
N GLU D 208 40.98 24.79 40.30
CA GLU D 208 42.03 25.56 39.64
C GLU D 208 42.03 27.01 40.07
N VAL D 209 40.85 27.66 40.07
CA VAL D 209 40.82 29.06 40.47
C VAL D 209 41.22 29.21 41.94
N VAL D 210 40.75 28.31 42.80
CA VAL D 210 41.10 28.40 44.22
C VAL D 210 42.62 28.23 44.40
N TYR D 211 43.21 27.26 43.70
CA TYR D 211 44.64 27.02 43.82
C TYR D 211 45.45 28.21 43.32
N LEU D 212 45.03 28.81 42.20
CA LEU D 212 45.73 29.98 41.69
C LEU D 212 45.65 31.15 42.66
N ILE D 213 44.47 31.37 43.25
CA ILE D 213 44.33 32.45 44.22
C ILE D 213 45.22 32.20 45.44
N ILE D 214 45.25 30.96 45.91
CA ILE D 214 46.08 30.63 47.08
C ILE D 214 47.55 30.86 46.76
N ARG D 215 48.00 30.41 45.59
CA ARG D 215 49.41 30.61 45.21
C ARG D 215 49.72 32.09 45.03
N ALA D 216 48.72 32.90 44.65
CA ALA D 216 48.97 34.33 44.47
C ALA D 216 49.38 35.00 45.77
N CYS D 217 48.70 34.65 46.87
CA CYS D 217 49.03 35.24 48.17
C CYS D 217 49.60 34.19 49.12
N THR E 4 50.12 5.02 13.24
CA THR E 4 50.32 3.92 14.17
C THR E 4 51.04 4.41 15.43
N GLY E 5 51.78 5.51 15.31
CA GLY E 5 52.47 6.06 16.46
C GLY E 5 51.51 6.54 17.54
N LEU E 6 50.41 7.16 17.11
CA LEU E 6 49.37 7.55 18.07
C LEU E 6 48.78 6.33 18.76
N TYR E 7 48.59 5.24 18.02
CA TYR E 7 48.07 4.02 18.63
C TYR E 7 49.03 3.44 19.65
N THR E 8 50.33 3.44 19.35
CA THR E 8 51.30 2.94 20.32
C THR E 8 51.40 3.85 21.53
N LEU E 9 51.22 5.16 21.33
CA LEU E 9 51.14 6.07 22.47
C LEU E 9 49.93 5.75 23.34
N LEU E 10 48.78 5.50 22.71
CA LEU E 10 47.56 5.18 23.46
C LEU E 10 47.64 3.81 24.13
N SER E 11 48.49 2.91 23.62
CA SER E 11 48.62 1.60 24.24
C SER E 11 49.20 1.70 25.64
N GLY E 12 50.19 2.56 25.84
CA GLY E 12 50.83 2.70 27.14
C GLY E 12 52.31 2.44 27.11
N VAL E 13 52.94 2.64 25.95
CA VAL E 13 54.37 2.44 25.83
C VAL E 13 55.11 3.49 26.65
N ASN E 14 56.01 3.04 27.51
CA ASN E 14 56.73 3.91 28.42
C ASN E 14 58.19 3.49 28.43
N ARG E 15 59.07 4.40 28.89
CA ARG E 15 60.48 4.07 28.97
C ARG E 15 60.74 2.98 30.01
N HIS E 16 59.87 2.82 31.00
CA HIS E 16 59.99 1.74 31.96
C HIS E 16 59.31 0.46 31.51
N SER E 17 58.66 0.47 30.35
CA SER E 17 57.96 -0.72 29.87
C SER E 17 58.96 -1.78 29.43
N THR E 18 58.62 -3.04 29.69
CA THR E 18 59.43 -4.16 29.24
C THR E 18 59.01 -4.54 27.82
N ALA E 19 59.48 -5.70 27.35
CA ALA E 19 59.11 -6.14 26.01
C ALA E 19 57.61 -6.43 25.91
N ILE E 20 57.03 -7.00 26.97
CA ILE E 20 55.62 -7.39 26.92
C ILE E 20 54.74 -6.18 26.70
N GLY E 21 54.99 -5.10 27.44
CA GLY E 21 54.17 -3.91 27.31
C GLY E 21 54.48 -3.07 26.10
N ARG E 22 55.67 -3.22 25.52
CA ARG E 22 56.09 -2.36 24.42
C ARG E 22 55.84 -2.96 23.05
N VAL E 23 55.97 -4.27 22.88
CA VAL E 23 55.85 -4.88 21.57
C VAL E 23 54.64 -5.79 21.43
N TRP E 24 54.07 -6.29 22.53
CA TRP E 24 52.94 -7.21 22.46
C TRP E 24 51.60 -6.55 22.76
N LEU E 25 51.53 -5.76 23.84
CA LEU E 25 50.26 -5.13 24.22
C LEU E 25 49.81 -4.12 23.16
N SER E 26 50.75 -3.35 22.62
CA SER E 26 50.40 -2.33 21.64
C SER E 26 49.85 -2.95 20.36
N VAL E 27 50.43 -4.08 19.94
CA VAL E 27 49.95 -4.73 18.72
C VAL E 27 48.52 -5.23 18.91
N ILE E 28 48.21 -5.81 20.08
CA ILE E 28 46.85 -6.26 20.33
C ILE E 28 45.89 -5.07 20.38
N PHE E 29 46.34 -3.95 20.96
CA PHE E 29 45.51 -2.75 20.97
C PHE E 29 45.18 -2.29 19.55
N ILE E 30 46.19 -2.25 18.67
CA ILE E 30 45.96 -1.84 17.29
C ILE E 30 45.07 -2.84 16.57
N PHE E 31 45.23 -4.13 16.87
CA PHE E 31 44.38 -5.16 16.27
C PHE E 31 42.93 -4.95 16.64
N ARG E 32 42.65 -4.67 17.92
CA ARG E 32 41.29 -4.40 18.36
C ARG E 32 40.73 -3.16 17.67
N ILE E 33 41.54 -2.10 17.56
CA ILE E 33 41.10 -0.89 16.88
C ILE E 33 40.71 -1.20 15.44
N MET E 34 41.56 -1.96 14.74
CA MET E 34 41.30 -2.25 13.32
C MET E 34 40.06 -3.11 13.14
N VAL E 35 39.90 -4.13 13.99
CA VAL E 35 38.72 -4.99 13.87
C VAL E 35 37.46 -4.18 14.15
N LEU E 36 37.49 -3.31 15.16
CA LEU E 36 36.34 -2.47 15.44
C LEU E 36 36.02 -1.53 14.29
N VAL E 37 37.04 -0.94 13.67
CA VAL E 37 36.81 -0.05 12.54
C VAL E 37 36.19 -0.82 11.38
N VAL E 38 36.66 -2.05 11.14
CA VAL E 38 36.10 -2.86 10.06
C VAL E 38 34.64 -3.20 10.34
N ALA E 39 34.31 -3.57 11.57
CA ALA E 39 33.01 -4.13 11.89
C ALA E 39 31.98 -3.10 12.37
N ALA E 40 32.36 -1.84 12.57
CA ALA E 40 31.45 -0.88 13.18
C ALA E 40 30.19 -0.68 12.33
N GLU E 41 30.34 -0.10 11.14
CA GLU E 41 29.18 0.23 10.32
C GLU E 41 28.88 -0.78 9.24
N SER E 42 29.80 -1.69 8.94
CA SER E 42 29.53 -2.69 7.91
C SER E 42 28.47 -3.69 8.37
N VAL E 43 28.61 -4.23 9.58
CA VAL E 43 27.74 -5.31 10.03
C VAL E 43 26.77 -4.88 11.12
N TRP E 44 27.10 -3.87 11.92
CA TRP E 44 26.19 -3.36 12.93
C TRP E 44 25.44 -2.11 12.47
N GLY E 45 25.60 -1.72 11.21
CA GLY E 45 24.99 -0.48 10.74
C GLY E 45 23.47 -0.54 10.69
N ASP E 46 22.93 -1.68 10.25
CA ASP E 46 21.48 -1.85 10.09
C ASP E 46 20.87 -2.71 11.20
N GLU E 47 21.42 -2.63 12.41
CA GLU E 47 20.95 -3.46 13.51
C GLU E 47 19.50 -3.17 13.86
N LYS E 48 19.10 -1.89 13.83
CA LYS E 48 17.76 -1.50 14.21
C LYS E 48 16.82 -1.33 13.03
N SER E 49 17.31 -0.85 11.90
CA SER E 49 16.44 -0.61 10.75
C SER E 49 15.96 -1.92 10.12
N SER E 50 16.73 -2.99 10.27
CA SER E 50 16.34 -4.30 9.75
C SER E 50 15.69 -5.19 10.80
N PHE E 51 15.57 -4.72 12.04
CA PHE E 51 14.93 -5.48 13.11
C PHE E 51 13.42 -5.40 12.92
N ILE E 52 12.78 -6.56 12.75
CA ILE E 52 11.35 -6.62 12.49
C ILE E 52 10.70 -7.66 13.40
N CYS E 53 9.42 -7.43 13.67
CA CYS E 53 8.61 -8.34 14.48
C CYS E 53 7.33 -8.67 13.75
N ASN E 54 6.78 -9.85 14.03
CA ASN E 54 5.56 -10.33 13.38
C ASN E 54 4.36 -9.82 14.16
N THR E 55 3.95 -8.60 13.84
CA THR E 55 2.82 -7.97 14.50
C THR E 55 2.35 -6.76 13.69
N LEU E 56 1.12 -6.34 13.95
CA LEU E 56 0.58 -5.10 13.41
C LEU E 56 0.54 -3.98 14.43
N GLN E 57 1.07 -4.21 15.63
CA GLN E 57 0.98 -3.21 16.70
C GLN E 57 2.01 -2.11 16.46
N PRO E 58 1.59 -0.85 16.37
CA PRO E 58 2.57 0.24 16.21
C PRO E 58 3.44 0.40 17.45
N GLY E 59 4.73 0.60 17.21
CA GLY E 59 5.68 0.83 18.29
C GLY E 59 6.29 -0.41 18.90
N CYS E 60 5.89 -1.61 18.46
CA CYS E 60 6.41 -2.83 19.07
C CYS E 60 7.85 -3.11 18.64
N ASN E 61 8.21 -2.78 17.40
CA ASN E 61 9.58 -2.98 16.93
C ASN E 61 10.58 -2.20 17.79
N SER E 62 10.31 -0.92 18.04
CA SER E 62 11.26 -0.09 18.77
C SER E 62 11.41 -0.55 20.22
N VAL E 63 10.30 -0.86 20.89
CA VAL E 63 10.39 -1.25 22.29
C VAL E 63 11.06 -2.62 22.42
N CYS E 64 10.79 -3.54 21.49
CA CYS E 64 11.45 -4.84 21.55
C CYS E 64 12.95 -4.72 21.29
N TYR E 65 13.34 -3.89 20.31
CA TYR E 65 14.75 -3.68 20.07
C TYR E 65 15.44 -3.06 21.28
N ASP E 66 14.81 -2.08 21.91
CA ASP E 66 15.39 -1.47 23.10
C ASP E 66 15.49 -2.48 24.24
N GLN E 67 14.49 -3.36 24.39
CA GLN E 67 14.54 -4.35 25.44
C GLN E 67 15.68 -5.34 25.23
N PHE E 68 15.89 -5.80 24.00
CA PHE E 68 16.88 -6.84 23.78
C PHE E 68 18.29 -6.34 23.51
N PHE E 69 18.46 -5.07 23.17
CA PHE E 69 19.78 -4.48 22.93
C PHE E 69 19.87 -3.15 23.67
N PRO E 70 20.04 -3.18 25.00
CA PRO E 70 20.14 -1.93 25.76
C PRO E 70 21.27 -1.04 25.29
N ILE E 71 22.40 -1.63 24.91
CA ILE E 71 23.51 -0.90 24.31
C ILE E 71 24.20 -1.83 23.32
N SER E 72 24.50 -1.30 22.14
CA SER E 72 25.08 -2.11 21.07
C SER E 72 26.48 -2.59 21.46
N HIS E 73 26.87 -3.74 20.90
CA HIS E 73 28.20 -4.28 21.16
C HIS E 73 29.30 -3.32 20.73
N VAL E 74 29.10 -2.66 19.58
CA VAL E 74 30.12 -1.76 19.04
C VAL E 74 30.34 -0.58 19.96
N ARG E 75 29.26 -0.02 20.51
CA ARG E 75 29.42 1.10 21.44
C ARG E 75 30.11 0.67 22.73
N LEU E 76 29.80 -0.53 23.22
CA LEU E 76 30.50 -1.05 24.39
C LEU E 76 31.99 -1.17 24.12
N TRP E 77 32.37 -1.72 22.97
CA TRP E 77 33.78 -1.87 22.66
C TRP E 77 34.46 -0.53 22.47
N SER E 78 33.76 0.45 21.87
CA SER E 78 34.31 1.79 21.72
C SER E 78 34.58 2.43 23.08
N LEU E 79 33.61 2.35 24.00
CA LEU E 79 33.80 2.90 25.33
C LEU E 79 34.95 2.20 26.06
N GLN E 80 35.03 0.87 25.91
CA GLN E 80 36.11 0.13 26.55
C GLN E 80 37.47 0.60 26.03
N LEU E 81 37.60 0.78 24.71
CA LEU E 81 38.87 1.23 24.16
C LEU E 81 39.22 2.64 24.65
N ILE E 82 38.24 3.54 24.69
CA ILE E 82 38.51 4.91 25.15
C ILE E 82 38.97 4.91 26.60
N LEU E 83 38.26 4.19 27.46
CA LEU E 83 38.61 4.17 28.87
C LEU E 83 39.94 3.47 29.12
N VAL E 84 40.25 2.44 28.33
CA VAL E 84 41.54 1.77 28.47
C VAL E 84 42.68 2.68 28.03
N SER E 85 42.46 3.46 26.97
CA SER E 85 43.53 4.35 26.50
C SER E 85 43.67 5.62 27.32
N THR E 86 42.69 5.95 28.16
CA THR E 86 42.79 7.18 28.96
C THR E 86 44.01 7.22 29.89
N PRO E 87 44.30 6.22 30.72
CA PRO E 87 45.45 6.35 31.64
C PRO E 87 46.79 6.49 30.93
N ALA E 88 46.95 5.89 29.74
CA ALA E 88 48.21 6.01 29.02
C ALA E 88 48.47 7.46 28.63
N LEU E 89 47.47 8.14 28.07
CA LEU E 89 47.66 9.54 27.71
C LEU E 89 47.71 10.44 28.93
N LEU E 90 47.07 10.05 30.04
CA LEU E 90 47.26 10.78 31.29
C LEU E 90 48.71 10.74 31.72
N VAL E 91 49.33 9.56 31.67
CA VAL E 91 50.75 9.43 32.01
C VAL E 91 51.61 10.22 31.04
N ALA E 92 51.28 10.18 29.75
CA ALA E 92 52.06 10.91 28.75
C ALA E 92 52.00 12.42 29.01
N MET E 93 50.82 12.94 29.33
CA MET E 93 50.71 14.36 29.65
C MET E 93 51.46 14.72 30.93
N HIS E 94 51.44 13.83 31.92
CA HIS E 94 52.22 14.07 33.14
C HIS E 94 53.70 14.13 32.83
N VAL E 95 54.19 13.23 31.97
CA VAL E 95 55.60 13.23 31.59
C VAL E 95 55.94 14.52 30.84
N ALA E 96 55.07 14.95 29.93
CA ALA E 96 55.30 16.19 29.22
C ALA E 96 55.33 17.39 30.17
N HIS E 97 54.44 17.41 31.16
CA HIS E 97 54.45 18.47 32.15
C HIS E 97 55.74 18.47 32.96
N GLN E 98 56.21 17.29 33.37
CA GLN E 98 57.45 17.21 34.12
C GLN E 98 58.63 17.70 33.29
N GLN E 99 58.69 17.31 32.02
CA GLN E 99 59.77 17.75 31.15
C GLN E 99 59.72 19.25 30.90
N HIS E 100 58.51 19.81 30.77
CA HIS E 100 58.40 21.26 30.62
C HIS E 100 58.86 21.99 31.87
N ILE E 101 58.52 21.46 33.04
CA ILE E 101 58.98 22.05 34.29
C ILE E 101 60.50 22.00 34.36
N GLU E 102 61.09 20.87 33.97
CA GLU E 102 62.55 20.76 33.95
C GLU E 102 63.17 21.76 32.98
N LYS E 103 62.56 21.93 31.80
CA LYS E 103 63.10 22.84 30.79
C LYS E 103 63.03 24.29 31.27
N LYS E 104 61.94 24.68 31.92
CA LYS E 104 61.79 26.06 32.35
C LYS E 104 62.63 26.41 33.57
N MET E 105 63.20 25.43 34.26
CA MET E 105 64.06 25.69 35.40
C MET E 105 65.53 25.53 35.03
N ILE E 127 61.81 12.58 39.81
CA ILE E 127 62.76 11.48 39.83
C ILE E 127 62.21 10.29 39.07
N SER E 128 63.00 9.21 39.02
CA SER E 128 62.57 8.02 38.29
C SER E 128 61.53 7.22 39.07
N GLY E 129 61.57 7.28 40.40
CA GLY E 129 60.62 6.53 41.20
C GLY E 129 59.19 6.96 40.97
N THR E 130 58.96 8.27 40.83
CA THR E 130 57.62 8.75 40.54
C THR E 130 57.13 8.22 39.21
N LEU E 131 57.99 8.19 38.19
CA LEU E 131 57.62 7.62 36.90
C LEU E 131 57.30 6.14 37.03
N TRP E 132 58.09 5.40 37.80
CA TRP E 132 57.85 3.97 37.97
C TRP E 132 56.51 3.71 38.64
N TRP E 133 56.21 4.46 39.71
CA TRP E 133 54.94 4.28 40.41
C TRP E 133 53.76 4.70 39.53
N THR E 134 53.91 5.79 38.77
CA THR E 134 52.85 6.19 37.86
C THR E 134 52.59 5.12 36.82
N TYR E 135 53.65 4.51 36.29
CA TYR E 135 53.48 3.46 35.28
C TYR E 135 52.76 2.26 35.86
N VAL E 136 53.15 1.82 37.07
CA VAL E 136 52.49 0.64 37.63
C VAL E 136 51.03 0.93 37.96
N ILE E 137 50.74 2.14 38.45
CA ILE E 137 49.35 2.50 38.75
C ILE E 137 48.52 2.53 37.47
N SER E 138 49.08 3.07 36.39
CA SER E 138 48.34 3.12 35.13
C SER E 138 48.07 1.72 34.60
N VAL E 139 49.05 0.82 34.72
CA VAL E 139 48.82 -0.55 34.27
C VAL E 139 47.72 -1.21 35.10
N VAL E 140 47.72 -0.99 36.41
CA VAL E 140 46.67 -1.54 37.25
C VAL E 140 45.30 -1.01 36.85
N PHE E 141 45.22 0.30 36.55
CA PHE E 141 43.94 0.88 36.14
C PHE E 141 43.47 0.31 34.80
N ARG E 142 44.39 0.09 33.86
CA ARG E 142 44.00 -0.54 32.60
C ARG E 142 43.45 -1.93 32.84
N LEU E 143 44.09 -2.70 33.72
CA LEU E 143 43.61 -4.04 34.04
C LEU E 143 42.21 -3.98 34.64
N LEU E 144 41.98 -3.03 35.55
CA LEU E 144 40.66 -2.89 36.18
C LEU E 144 39.59 -2.54 35.14
N PHE E 145 39.90 -1.62 34.23
CA PHE E 145 38.92 -1.23 33.22
C PHE E 145 38.57 -2.41 32.31
N GLU E 146 39.58 -3.16 31.87
CA GLU E 146 39.30 -4.32 31.03
C GLU E 146 38.45 -5.35 31.77
N ALA E 147 38.77 -5.61 33.04
CA ALA E 147 38.01 -6.58 33.80
C ALA E 147 36.55 -6.15 33.98
N VAL E 148 36.32 -4.88 34.31
CA VAL E 148 34.95 -4.45 34.55
C VAL E 148 34.15 -4.46 33.25
N PHE E 149 34.78 -4.13 32.11
CA PHE E 149 34.04 -4.20 30.86
C PHE E 149 33.73 -5.64 30.46
N MET E 150 34.65 -6.57 30.73
CA MET E 150 34.34 -7.98 30.51
C MET E 150 33.15 -8.41 31.37
N TYR E 151 33.14 -7.99 32.63
CA TYR E 151 32.05 -8.38 33.53
C TYR E 151 30.72 -7.80 33.07
N VAL E 152 30.70 -6.53 32.66
CA VAL E 152 29.43 -5.95 32.23
C VAL E 152 28.95 -6.60 30.93
N PHE E 153 29.87 -6.97 30.03
CA PHE E 153 29.45 -7.70 28.84
C PHE E 153 28.86 -9.04 29.21
N TYR E 154 29.45 -9.74 30.18
CA TYR E 154 28.89 -11.00 30.64
C TYR E 154 27.50 -10.81 31.25
N LEU E 155 27.30 -9.71 31.98
CA LEU E 155 25.99 -9.44 32.56
C LEU E 155 24.94 -9.19 31.50
N LEU E 156 25.25 -8.36 30.50
CA LEU E 156 24.24 -7.99 29.52
C LEU E 156 23.96 -9.11 28.53
N TYR E 157 25.01 -9.79 28.06
CA TYR E 157 24.90 -10.83 27.03
C TYR E 157 25.61 -12.09 27.52
N PRO E 158 24.92 -12.93 28.30
CA PRO E 158 25.60 -14.09 28.89
C PRO E 158 26.23 -15.03 27.88
N GLY E 159 25.58 -15.26 26.75
CA GLY E 159 26.11 -16.15 25.72
C GLY E 159 26.88 -15.39 24.67
N TYR E 160 27.99 -15.99 24.22
CA TYR E 160 28.78 -15.36 23.16
C TYR E 160 28.08 -15.42 21.81
N ALA E 161 27.07 -16.27 21.66
CA ALA E 161 26.37 -16.43 20.40
C ALA E 161 25.10 -15.61 20.38
N MET E 162 24.72 -15.16 19.18
CA MET E 162 23.50 -14.39 18.96
C MET E 162 22.50 -15.26 18.22
N VAL E 163 21.23 -15.18 18.62
CA VAL E 163 20.20 -16.06 18.09
C VAL E 163 19.40 -15.33 17.02
N ARG E 164 18.76 -16.11 16.14
CA ARG E 164 17.99 -15.53 15.04
C ARG E 164 16.64 -14.99 15.50
N LEU E 165 15.97 -15.69 16.42
CA LEU E 165 14.60 -15.36 16.81
C LEU E 165 14.54 -15.10 18.31
N VAL E 166 13.85 -14.03 18.69
CA VAL E 166 13.65 -13.68 20.08
C VAL E 166 12.16 -13.48 20.35
N LYS E 167 11.78 -13.69 21.60
CA LYS E 167 10.39 -13.59 22.04
C LYS E 167 10.24 -12.34 22.91
N CYS E 168 9.32 -11.45 22.54
CA CYS E 168 9.18 -10.15 23.18
C CYS E 168 7.75 -9.99 23.71
N ASP E 169 7.63 -9.58 24.97
CA ASP E 169 6.31 -9.36 25.56
C ASP E 169 6.23 -8.01 26.26
N VAL E 170 7.02 -7.04 25.83
CA VAL E 170 7.02 -5.71 26.44
C VAL E 170 5.85 -4.91 25.90
N TYR E 171 5.24 -4.11 26.78
CA TYR E 171 4.17 -3.22 26.36
C TYR E 171 4.70 -2.24 25.31
N PRO E 172 3.91 -1.93 24.26
CA PRO E 172 2.52 -2.30 24.00
C PRO E 172 2.31 -3.57 23.17
N CYS E 173 3.30 -4.42 23.01
CA CYS E 173 3.12 -5.63 22.20
C CYS E 173 2.12 -6.55 22.88
N PRO E 174 1.10 -7.05 22.16
CA PRO E 174 0.12 -7.94 22.78
C PRO E 174 0.63 -9.36 22.87
N ASN E 175 0.46 -9.97 24.04
CA ASN E 175 0.88 -11.35 24.32
C ASN E 175 2.39 -11.43 24.08
N THR E 176 2.88 -12.40 23.31
CA THR E 176 4.29 -12.52 22.97
C THR E 176 4.43 -12.51 21.45
N VAL E 177 5.44 -11.79 20.97
CA VAL E 177 5.67 -11.67 19.53
C VAL E 177 7.06 -12.20 19.21
N ASP E 178 7.23 -12.64 17.96
CA ASP E 178 8.50 -13.11 17.43
C ASP E 178 9.20 -11.96 16.73
N CYS E 179 10.49 -11.79 17.02
CA CYS E 179 11.30 -10.76 16.38
C CYS E 179 12.59 -11.39 15.87
N PHE E 180 13.13 -10.80 14.80
CA PHE E 180 14.25 -11.40 14.06
C PHE E 180 15.43 -10.46 14.02
N VAL E 181 16.61 -11.01 14.29
CA VAL E 181 17.86 -10.26 14.43
C VAL E 181 18.61 -10.29 13.11
N SER E 182 19.33 -9.20 12.82
CA SER E 182 20.12 -9.09 11.60
C SER E 182 21.52 -9.65 11.81
N ARG E 183 21.95 -10.50 10.88
CA ARG E 183 23.30 -11.03 10.84
C ARG E 183 23.78 -11.65 12.15
N PRO E 184 23.05 -12.62 12.72
CA PRO E 184 23.53 -13.22 13.98
C PRO E 184 24.89 -13.90 13.89
N THR E 185 25.18 -14.59 12.78
CA THR E 185 26.40 -15.39 12.70
C THR E 185 27.64 -14.52 12.57
N GLU E 186 27.60 -13.50 11.72
CA GLU E 186 28.73 -12.61 11.56
C GLU E 186 29.03 -11.86 12.86
N LYS E 187 27.97 -11.42 13.54
CA LYS E 187 28.13 -10.78 14.83
C LYS E 187 28.74 -11.73 15.86
N THR E 188 28.34 -12.99 15.84
CA THR E 188 28.95 -13.98 16.73
C THR E 188 30.44 -14.13 16.46
N VAL E 189 30.83 -14.18 15.18
CA VAL E 189 32.24 -14.32 14.83
C VAL E 189 33.04 -13.14 15.35
N PHE E 190 32.55 -11.92 15.10
CA PHE E 190 33.29 -10.74 15.55
C PHE E 190 33.31 -10.63 17.08
N THR E 191 32.23 -11.07 17.74
CA THR E 191 32.23 -11.09 19.20
C THR E 191 33.29 -12.03 19.74
N VAL E 192 33.44 -13.21 19.12
CA VAL E 192 34.48 -14.13 19.56
C VAL E 192 35.86 -13.50 19.40
N PHE E 193 36.09 -12.86 18.24
CA PHE E 193 37.38 -12.20 18.03
C PHE E 193 37.67 -11.17 19.12
N MET E 194 36.69 -10.30 19.39
CA MET E 194 36.91 -9.21 20.34
C MET E 194 37.11 -9.73 21.75
N LEU E 195 36.33 -10.75 22.17
CA LEU E 195 36.48 -11.30 23.50
C LEU E 195 37.84 -11.97 23.67
N ALA E 196 38.30 -12.71 22.65
CA ALA E 196 39.62 -13.32 22.74
C ALA E 196 40.71 -12.28 22.87
N ALA E 197 40.62 -11.20 22.08
CA ALA E 197 41.61 -10.14 22.18
C ALA E 197 41.62 -9.50 23.57
N SER E 198 40.43 -9.25 24.14
CA SER E 198 40.36 -8.65 25.46
C SER E 198 40.96 -9.58 26.53
N GLY E 199 40.68 -10.87 26.44
CA GLY E 199 41.27 -11.81 27.38
C GLY E 199 42.79 -11.85 27.29
N ILE E 200 43.32 -11.83 26.07
CA ILE E 200 44.77 -11.78 25.90
C ILE E 200 45.34 -10.52 26.53
N CYS E 201 44.66 -9.39 26.35
CA CYS E 201 45.13 -8.14 26.94
C CYS E 201 45.15 -8.22 28.46
N ILE E 202 44.12 -8.82 29.06
CA ILE E 202 44.08 -8.95 30.51
C ILE E 202 45.26 -9.80 31.00
N ILE E 203 45.51 -10.93 30.33
CA ILE E 203 46.61 -11.79 30.73
C ILE E 203 47.94 -11.06 30.61
N LEU E 204 48.12 -10.30 29.53
CA LEU E 204 49.37 -9.57 29.33
C LEU E 204 49.56 -8.49 30.40
N ASN E 205 48.48 -7.80 30.79
CA ASN E 205 48.60 -6.79 31.84
C ASN E 205 48.98 -7.42 33.18
N VAL E 206 48.39 -8.57 33.51
CA VAL E 206 48.76 -9.24 34.75
C VAL E 206 50.23 -9.66 34.71
N ALA E 207 50.67 -10.20 33.57
CA ALA E 207 52.08 -10.56 33.42
C ALA E 207 52.97 -9.33 33.56
N GLU E 208 52.54 -8.19 33.04
CA GLU E 208 53.33 -6.96 33.12
C GLU E 208 53.52 -6.52 34.56
N VAL E 209 52.44 -6.47 35.34
CA VAL E 209 52.58 -6.04 36.73
C VAL E 209 53.43 -7.02 37.52
N VAL E 210 53.23 -8.33 37.28
CA VAL E 210 54.03 -9.32 38.00
C VAL E 210 55.52 -9.17 37.65
N TYR E 211 55.82 -8.98 36.37
CA TYR E 211 57.21 -8.85 35.94
C TYR E 211 57.84 -7.59 36.53
N LEU E 212 57.10 -6.48 36.55
CA LEU E 212 57.64 -5.26 37.13
C LEU E 212 57.91 -5.42 38.62
N ILE E 213 56.99 -6.07 39.34
CA ILE E 213 57.21 -6.31 40.77
C ILE E 213 58.43 -7.19 40.99
N ILE E 214 58.58 -8.24 40.18
CA ILE E 214 59.72 -9.14 40.33
C ILE E 214 61.03 -8.38 40.07
N ARG E 215 61.07 -7.58 39.01
CA ARG E 215 62.28 -6.81 38.71
C ARG E 215 62.56 -5.77 39.79
N ALA E 216 61.52 -5.28 40.47
CA ALA E 216 61.74 -4.29 41.53
C ALA E 216 62.57 -4.87 42.67
N CYS E 217 62.27 -6.10 43.08
CA CYS E 217 63.01 -6.73 44.17
C CYS E 217 63.82 -7.92 43.67
N THR F 4 51.95 5.09 0.64
CA THR F 4 52.31 3.73 0.24
C THR F 4 53.41 3.17 1.14
N GLY F 5 54.10 4.05 1.86
CA GLY F 5 55.14 3.60 2.77
C GLY F 5 54.59 2.78 3.91
N LEU F 6 53.43 3.18 4.45
CA LEU F 6 52.78 2.38 5.48
C LEU F 6 52.39 1.00 4.94
N TYR F 7 51.94 0.95 3.70
CA TYR F 7 51.58 -0.34 3.10
C TYR F 7 52.81 -1.24 2.96
N THR F 8 53.94 -0.68 2.53
CA THR F 8 55.16 -1.48 2.40
C THR F 8 55.66 -1.91 3.77
N LEU F 9 55.47 -1.08 4.79
CA LEU F 9 55.81 -1.49 6.16
C LEU F 9 54.93 -2.65 6.60
N LEU F 10 53.63 -2.59 6.31
CA LEU F 10 52.72 -3.67 6.67
C LEU F 10 52.98 -4.94 5.86
N SER F 11 53.58 -4.82 4.68
CA SER F 11 53.86 -5.99 3.86
C SER F 11 54.86 -6.91 4.55
N GLY F 12 55.89 -6.35 5.16
CA GLY F 12 56.91 -7.16 5.81
C GLY F 12 58.31 -6.90 5.28
N VAL F 13 58.52 -5.71 4.72
CA VAL F 13 59.84 -5.36 4.20
C VAL F 13 60.83 -5.25 5.36
N ASN F 14 61.94 -5.98 5.24
CA ASN F 14 62.94 -6.02 6.30
C ASN F 14 64.31 -5.91 5.65
N ARG F 15 65.31 -5.54 6.46
CA ARG F 15 66.67 -5.43 5.94
C ARG F 15 67.23 -6.78 5.52
N HIS F 16 66.73 -7.87 6.08
CA HIS F 16 67.12 -9.22 5.67
C HIS F 16 66.28 -9.75 4.51
N SER F 17 65.30 -8.99 4.04
CA SER F 17 64.45 -9.45 2.96
C SER F 17 65.21 -9.42 1.63
N THR F 18 64.95 -10.42 0.80
CA THR F 18 65.54 -10.48 -0.53
C THR F 18 64.68 -9.66 -1.48
N ALA F 19 64.94 -9.80 -2.79
CA ALA F 19 64.14 -9.08 -3.77
C ALA F 19 62.69 -9.53 -3.75
N ILE F 20 62.44 -10.83 -3.58
CA ILE F 20 61.09 -11.37 -3.65
C ILE F 20 60.21 -10.73 -2.58
N GLY F 21 60.72 -10.66 -1.35
CA GLY F 21 59.93 -10.09 -0.27
C GLY F 21 59.86 -8.59 -0.27
N ARG F 22 60.80 -7.92 -0.92
CA ARG F 22 60.89 -6.46 -0.88
C ARG F 22 60.19 -5.77 -2.03
N VAL F 23 60.22 -6.33 -3.23
CA VAL F 23 59.65 -5.67 -4.40
C VAL F 23 58.42 -6.36 -4.96
N TRP F 24 58.22 -7.65 -4.69
CA TRP F 24 57.09 -8.38 -5.26
C TRP F 24 55.96 -8.59 -4.27
N LEU F 25 56.26 -9.04 -3.05
CA LEU F 25 55.21 -9.31 -2.08
C LEU F 25 54.47 -8.04 -1.68
N SER F 26 55.21 -6.94 -1.49
CA SER F 26 54.59 -5.68 -1.08
C SER F 26 53.64 -5.15 -2.14
N VAL F 27 54.01 -5.29 -3.42
CA VAL F 27 53.15 -4.81 -4.50
C VAL F 27 51.83 -5.59 -4.52
N ILE F 28 51.90 -6.91 -4.34
CA ILE F 28 50.68 -7.70 -4.30
C ILE F 28 49.83 -7.34 -3.09
N PHE F 29 50.48 -7.05 -1.95
CA PHE F 29 49.74 -6.62 -0.77
C PHE F 29 48.98 -5.32 -1.05
N ILE F 30 49.65 -4.35 -1.67
CA ILE F 30 49.02 -3.08 -1.99
C ILE F 30 47.90 -3.28 -3.01
N PHE F 31 48.11 -4.19 -3.97
CA PHE F 31 47.08 -4.49 -4.95
C PHE F 31 45.82 -5.04 -4.29
N ARG F 32 45.99 -5.98 -3.35
CA ARG F 32 44.85 -6.51 -2.63
C ARG F 32 44.14 -5.44 -1.82
N ILE F 33 44.91 -4.55 -1.17
CA ILE F 33 44.31 -3.46 -0.41
C ILE F 33 43.46 -2.58 -1.33
N MET F 34 44.01 -2.21 -2.49
CA MET F 34 43.31 -1.32 -3.40
C MET F 34 42.05 -1.97 -3.96
N VAL F 35 42.13 -3.24 -4.35
CA VAL F 35 40.95 -3.92 -4.88
C VAL F 35 39.87 -4.02 -3.82
N LEU F 36 40.26 -4.34 -2.58
CA LEU F 36 39.28 -4.41 -1.50
C LEU F 36 38.63 -3.05 -1.24
N VAL F 37 39.43 -1.98 -1.26
CA VAL F 37 38.87 -0.65 -1.05
C VAL F 37 37.88 -0.30 -2.15
N VAL F 38 38.21 -0.66 -3.40
CA VAL F 38 37.32 -0.38 -4.52
C VAL F 38 36.00 -1.16 -4.38
N ALA F 39 36.09 -2.42 -3.98
CA ALA F 39 34.93 -3.31 -4.04
C ALA F 39 34.15 -3.39 -2.73
N ALA F 40 34.61 -2.76 -1.65
CA ALA F 40 33.96 -2.94 -0.35
C ALA F 40 32.51 -2.47 -0.36
N GLU F 41 32.30 -1.17 -0.52
CA GLU F 41 30.95 -0.61 -0.42
C GLU F 41 30.28 -0.41 -1.77
N SER F 42 31.02 -0.46 -2.87
CA SER F 42 30.40 -0.26 -4.17
C SER F 42 29.52 -1.43 -4.56
N VAL F 43 30.03 -2.65 -4.42
CA VAL F 43 29.33 -3.83 -4.92
C VAL F 43 28.76 -4.71 -3.81
N TRP F 44 29.36 -4.72 -2.63
CA TRP F 44 28.85 -5.48 -1.50
C TRP F 44 28.03 -4.62 -0.53
N GLY F 45 27.78 -3.35 -0.88
CA GLY F 45 27.09 -2.47 0.04
C GLY F 45 25.63 -2.84 0.25
N ASP F 46 24.94 -3.23 -0.81
CA ASP F 46 23.51 -3.56 -0.75
C ASP F 46 23.27 -5.07 -0.77
N GLU F 47 24.18 -5.85 -0.18
CA GLU F 47 24.07 -7.30 -0.23
C GLU F 47 22.81 -7.79 0.49
N LYS F 48 22.47 -7.18 1.63
CA LYS F 48 21.34 -7.61 2.42
C LYS F 48 20.07 -6.82 2.16
N SER F 49 20.18 -5.52 1.87
CA SER F 49 19.00 -4.71 1.65
C SER F 49 18.30 -5.05 0.33
N SER F 50 19.05 -5.55 -0.65
CA SER F 50 18.48 -5.95 -1.93
C SER F 50 18.18 -7.45 -2.01
N PHE F 51 18.48 -8.20 -0.95
CA PHE F 51 18.18 -9.63 -0.91
C PHE F 51 16.69 -9.82 -0.65
N ILE F 52 15.99 -10.48 -1.58
CA ILE F 52 14.56 -10.67 -1.47
C ILE F 52 14.20 -12.12 -1.74
N CYS F 53 13.09 -12.56 -1.17
CA CYS F 53 12.57 -13.90 -1.34
C CYS F 53 11.10 -13.82 -1.73
N ASN F 54 10.65 -14.84 -2.48
CA ASN F 54 9.27 -14.89 -2.97
C ASN F 54 8.40 -15.54 -1.90
N THR F 55 7.94 -14.71 -0.96
CA THR F 55 7.10 -15.20 0.14
C THR F 55 6.44 -14.01 0.83
N LEU F 56 5.37 -14.30 1.56
CA LEU F 56 4.72 -13.33 2.43
C LEU F 56 5.06 -13.54 3.91
N GLN F 57 5.92 -14.49 4.22
CA GLN F 57 6.22 -14.82 5.61
C GLN F 57 7.15 -13.78 6.21
N PRO F 58 6.77 -13.12 7.31
CA PRO F 58 7.66 -12.15 7.93
C PRO F 58 8.90 -12.83 8.52
N GLY F 59 10.05 -12.19 8.31
CA GLY F 59 11.31 -12.68 8.84
C GLY F 59 12.03 -13.71 8.01
N CYS F 60 11.48 -14.10 6.85
CA CYS F 60 12.14 -15.12 6.04
C CYS F 60 13.35 -14.57 5.31
N ASN F 61 13.31 -13.30 4.89
CA ASN F 61 14.45 -12.70 4.21
C ASN F 61 15.69 -12.70 5.09
N SER F 62 15.55 -12.27 6.35
CA SER F 62 16.71 -12.17 7.22
C SER F 62 17.31 -13.53 7.54
N VAL F 63 16.46 -14.52 7.85
CA VAL F 63 16.99 -15.83 8.21
C VAL F 63 17.62 -16.50 6.99
N CYS F 64 17.04 -16.33 5.80
CA CYS F 64 17.64 -16.93 4.61
C CYS F 64 18.98 -16.26 4.28
N TYR F 65 19.06 -14.93 4.39
CA TYR F 65 20.33 -14.27 4.16
C TYR F 65 21.39 -14.73 5.14
N ASP F 66 21.02 -14.85 6.42
CA ASP F 66 21.98 -15.32 7.41
C ASP F 66 22.41 -16.76 7.14
N GLN F 67 21.48 -17.60 6.68
CA GLN F 67 21.83 -18.98 6.36
C GLN F 67 22.81 -19.07 5.20
N PHE F 68 22.60 -18.27 4.16
CA PHE F 68 23.43 -18.42 2.96
C PHE F 68 24.70 -17.58 2.98
N PHE F 69 24.79 -16.57 3.84
CA PHE F 69 25.98 -15.72 3.95
C PHE F 69 26.35 -15.56 5.41
N PRO F 70 26.93 -16.59 6.03
CA PRO F 70 27.31 -16.47 7.44
C PRO F 70 28.26 -15.33 7.72
N ILE F 71 29.17 -15.05 6.80
CA ILE F 71 30.05 -13.89 6.88
C ILE F 71 30.36 -13.44 5.46
N SER F 72 30.29 -12.14 5.23
CA SER F 72 30.48 -11.59 3.89
C SER F 72 31.91 -11.80 3.42
N HIS F 73 32.07 -11.88 2.09
CA HIS F 73 33.40 -12.05 1.50
C HIS F 73 34.32 -10.89 1.88
N VAL F 74 33.78 -9.67 1.88
CA VAL F 74 34.59 -8.49 2.15
C VAL F 74 35.13 -8.52 3.58
N ARG F 75 34.30 -8.93 4.53
CA ARG F 75 34.78 -9.02 5.92
C ARG F 75 35.83 -10.09 6.07
N LEU F 76 35.67 -11.23 5.38
CA LEU F 76 36.70 -12.26 5.42
C LEU F 76 38.01 -11.74 4.87
N TRP F 77 37.98 -11.02 3.76
CA TRP F 77 39.21 -10.49 3.18
C TRP F 77 39.84 -9.43 4.09
N SER F 78 39.01 -8.61 4.73
CA SER F 78 39.53 -7.61 5.66
C SER F 78 40.23 -8.27 6.84
N LEU F 79 39.61 -9.28 7.44
CA LEU F 79 40.24 -10.01 8.54
C LEU F 79 41.53 -10.68 8.09
N GLN F 80 41.52 -11.26 6.89
CA GLN F 80 42.73 -11.90 6.37
C GLN F 80 43.86 -10.89 6.23
N LEU F 81 43.56 -9.70 5.68
CA LEU F 81 44.60 -8.69 5.53
C LEU F 81 45.14 -8.23 6.88
N ILE F 82 44.25 -8.02 7.85
CA ILE F 82 44.70 -7.57 9.17
C ILE F 82 45.61 -8.61 9.82
N LEU F 83 45.18 -9.87 9.80
CA LEU F 83 45.98 -10.92 10.43
C LEU F 83 47.30 -11.15 9.70
N VAL F 84 47.31 -11.00 8.38
CA VAL F 84 48.54 -11.16 7.62
C VAL F 84 49.51 -10.03 7.93
N SER F 85 48.99 -8.81 8.09
CA SER F 85 49.86 -7.67 8.37
C SER F 85 50.30 -7.60 9.83
N THR F 86 49.67 -8.34 10.73
CA THR F 86 50.05 -8.27 12.14
C THR F 86 51.51 -8.66 12.41
N PRO F 87 52.02 -9.81 11.95
CA PRO F 87 53.41 -10.16 12.28
C PRO F 87 54.45 -9.17 11.76
N ALA F 88 54.20 -8.53 10.62
CA ALA F 88 55.16 -7.55 10.10
C ALA F 88 55.32 -6.38 11.05
N LEU F 89 54.21 -5.83 11.54
CA LEU F 89 54.30 -4.72 12.47
C LEU F 89 54.78 -5.18 13.85
N LEU F 90 54.54 -6.43 14.22
CA LEU F 90 55.15 -6.97 15.43
C LEU F 90 56.67 -6.95 15.32
N VAL F 91 57.20 -7.40 14.18
CA VAL F 91 58.64 -7.37 13.96
C VAL F 91 59.15 -5.93 13.94
N ALA F 92 58.41 -5.03 13.31
CA ALA F 92 58.83 -3.63 13.24
C ALA F 92 58.90 -3.01 14.63
N MET F 93 57.91 -3.29 15.48
CA MET F 93 57.95 -2.77 16.85
C MET F 93 59.10 -3.38 17.63
N HIS F 94 59.39 -4.67 17.42
CA HIS F 94 60.55 -5.27 18.10
C HIS F 94 61.85 -4.60 17.67
N VAL F 95 61.99 -4.29 16.37
CA VAL F 95 63.19 -3.62 15.88
C VAL F 95 63.29 -2.22 16.47
N ALA F 96 62.17 -1.50 16.55
CA ALA F 96 62.18 -0.17 17.15
C ALA F 96 62.57 -0.23 18.62
N HIS F 97 62.07 -1.24 19.33
CA HIS F 97 62.45 -1.44 20.73
C HIS F 97 63.94 -1.71 20.85
N GLN F 98 64.49 -2.55 19.98
CA GLN F 98 65.92 -2.83 20.02
C GLN F 98 66.74 -1.58 19.76
N GLN F 99 66.34 -0.79 18.76
CA GLN F 99 67.07 0.44 18.45
C GLN F 99 66.98 1.45 19.59
N HIS F 100 65.82 1.56 20.23
CA HIS F 100 65.69 2.46 21.37
C HIS F 100 66.57 2.02 22.53
N ILE F 101 66.62 0.71 22.78
CA ILE F 101 67.50 0.19 23.83
C ILE F 101 68.96 0.49 23.51
N GLU F 102 69.35 0.31 22.25
CA GLU F 102 70.72 0.63 21.86
C GLU F 102 71.02 2.12 22.05
N LYS F 103 70.06 2.98 21.69
CA LYS F 103 70.27 4.42 21.82
C LYS F 103 70.39 4.84 23.28
N LYS F 104 69.56 4.27 24.16
CA LYS F 104 69.56 4.69 25.55
C LYS F 104 70.77 4.17 26.32
N MET F 105 71.54 3.24 25.76
CA MET F 105 72.73 2.73 26.44
C MET F 105 74.00 3.32 25.84
N ILE F 127 71.69 -8.93 18.41
CA ILE F 127 72.55 -9.29 17.29
C ILE F 127 71.71 -9.49 16.03
N SER F 128 72.40 -9.79 14.92
CA SER F 128 71.70 -9.98 13.66
C SER F 128 70.99 -11.32 13.58
N GLY F 129 71.47 -12.32 14.33
CA GLY F 129 70.83 -13.63 14.30
C GLY F 129 69.40 -13.60 14.82
N THR F 130 69.17 -12.82 15.88
CA THR F 130 67.81 -12.68 16.39
C THR F 130 66.90 -12.06 15.35
N LEU F 131 67.40 -11.05 14.62
CA LEU F 131 66.61 -10.46 13.54
C LEU F 131 66.31 -11.48 12.45
N TRP F 132 67.30 -12.30 12.09
CA TRP F 132 67.10 -13.29 11.04
C TRP F 132 66.04 -14.31 11.44
N TRP F 133 66.13 -14.82 12.67
CA TRP F 133 65.16 -15.80 13.15
C TRP F 133 63.77 -15.17 13.27
N THR F 134 63.68 -13.94 13.76
CA THR F 134 62.38 -13.27 13.84
C THR F 134 61.77 -13.12 12.45
N TYR F 135 62.59 -12.76 11.46
CA TYR F 135 62.09 -12.60 10.11
C TYR F 135 61.56 -13.91 9.54
N VAL F 136 62.30 -15.00 9.72
CA VAL F 136 61.84 -16.26 9.16
C VAL F 136 60.58 -16.74 9.87
N ILE F 137 60.49 -16.53 11.19
CA ILE F 137 59.29 -16.93 11.91
C ILE F 137 58.08 -16.12 11.45
N SER F 138 58.28 -14.82 11.24
CA SER F 138 57.16 -13.98 10.78
C SER F 138 56.70 -14.39 9.38
N VAL F 139 57.63 -14.74 8.50
CA VAL F 139 57.24 -15.19 7.16
C VAL F 139 56.44 -16.49 7.25
N VAL F 140 56.88 -17.41 8.12
CA VAL F 140 56.14 -18.66 8.30
C VAL F 140 54.73 -18.38 8.81
N PHE F 141 54.59 -17.45 9.76
CA PHE F 141 53.27 -17.13 10.30
C PHE F 141 52.38 -16.51 9.23
N ARG F 142 52.94 -15.64 8.38
CA ARG F 142 52.15 -15.09 7.29
C ARG F 142 51.65 -16.18 6.35
N LEU F 143 52.53 -17.13 6.02
CA LEU F 143 52.13 -18.25 5.18
C LEU F 143 51.00 -19.04 5.81
N LEU F 144 51.11 -19.31 7.12
CA LEU F 144 50.06 -20.07 7.81
C LEU F 144 48.74 -19.32 7.79
N PHE F 145 48.76 -18.01 8.04
CA PHE F 145 47.51 -17.25 8.05
C PHE F 145 46.85 -17.26 6.67
N GLU F 146 47.64 -17.06 5.61
CA GLU F 146 47.07 -17.09 4.27
C GLU F 146 46.48 -18.46 3.95
N ALA F 147 47.18 -19.53 4.32
CA ALA F 147 46.68 -20.87 4.04
C ALA F 147 45.38 -21.15 4.78
N VAL F 148 45.31 -20.78 6.07
CA VAL F 148 44.10 -21.09 6.83
C VAL F 148 42.91 -20.26 6.33
N PHE F 149 43.16 -19.01 5.89
CA PHE F 149 42.04 -18.24 5.35
C PHE F 149 41.58 -18.79 4.00
N MET F 150 42.51 -19.27 3.18
CA MET F 150 42.10 -19.94 1.94
C MET F 150 41.24 -21.17 2.26
N TYR F 151 41.65 -21.95 3.26
CA TYR F 151 40.90 -23.15 3.61
C TYR F 151 39.51 -22.81 4.13
N VAL F 152 39.40 -21.79 4.98
CA VAL F 152 38.07 -21.45 5.51
C VAL F 152 37.18 -20.90 4.41
N PHE F 153 37.74 -20.14 3.46
CA PHE F 153 36.94 -19.70 2.33
C PHE F 153 36.45 -20.88 1.50
N TYR F 154 37.31 -21.88 1.30
CA TYR F 154 36.89 -23.08 0.59
C TYR F 154 35.78 -23.82 1.33
N LEU F 155 35.85 -23.85 2.66
CA LEU F 155 34.82 -24.50 3.45
C LEU F 155 33.48 -23.77 3.32
N LEU F 156 33.48 -22.45 3.46
CA LEU F 156 32.22 -21.72 3.46
C LEU F 156 31.61 -21.62 2.07
N TYR F 157 32.42 -21.35 1.05
CA TYR F 157 31.95 -21.13 -0.31
C TYR F 157 32.73 -22.02 -1.26
N PRO F 158 32.31 -23.28 -1.43
CA PRO F 158 33.10 -24.22 -2.23
C PRO F 158 33.35 -23.77 -3.66
N GLY F 159 32.36 -23.16 -4.31
CA GLY F 159 32.50 -22.70 -5.68
C GLY F 159 32.89 -21.23 -5.73
N TYR F 160 33.80 -20.91 -6.66
CA TYR F 160 34.22 -19.52 -6.83
C TYR F 160 33.12 -18.66 -7.42
N ALA F 161 32.10 -19.27 -8.02
CA ALA F 161 31.03 -18.54 -8.67
C ALA F 161 29.83 -18.40 -7.74
N MET F 162 29.13 -17.28 -7.88
CA MET F 162 27.92 -17.00 -7.11
C MET F 162 26.71 -17.13 -8.01
N VAL F 163 25.65 -17.72 -7.49
CA VAL F 163 24.46 -18.06 -8.28
C VAL F 163 23.39 -17.01 -8.06
N ARG F 164 22.48 -16.89 -9.03
CA ARG F 164 21.41 -15.90 -8.96
C ARG F 164 20.30 -16.31 -8.00
N LEU F 165 19.93 -17.59 -7.98
CA LEU F 165 18.78 -18.07 -7.23
C LEU F 165 19.21 -19.14 -6.25
N VAL F 166 18.71 -19.04 -5.01
CA VAL F 166 18.98 -20.01 -3.96
C VAL F 166 17.66 -20.50 -3.37
N LYS F 167 17.68 -21.70 -2.83
CA LYS F 167 16.53 -22.35 -2.23
C LYS F 167 16.71 -22.40 -0.72
N CYS F 168 15.74 -21.86 0.01
CA CYS F 168 15.85 -21.69 1.46
C CYS F 168 14.68 -22.37 2.14
N ASP F 169 14.97 -23.18 3.16
CA ASP F 169 13.93 -23.88 3.91
C ASP F 169 14.12 -23.72 5.41
N VAL F 170 14.75 -22.65 5.85
CA VAL F 170 14.98 -22.41 7.27
C VAL F 170 13.72 -21.83 7.90
N TYR F 171 13.45 -22.25 9.14
CA TYR F 171 12.34 -21.70 9.89
C TYR F 171 12.52 -20.19 10.05
N PRO F 172 11.44 -19.39 9.94
CA PRO F 172 10.03 -19.74 9.78
C PRO F 172 9.53 -19.85 8.33
N CYS F 173 10.41 -19.91 7.33
CA CYS F 173 9.94 -19.98 5.95
C CYS F 173 9.19 -21.28 5.72
N PRO F 174 7.99 -21.23 5.12
CA PRO F 174 7.22 -22.46 4.90
C PRO F 174 7.70 -23.19 3.65
N ASN F 175 7.89 -24.51 3.78
CA ASN F 175 8.35 -25.38 2.69
C ASN F 175 9.69 -24.83 2.20
N THR F 176 9.89 -24.65 0.89
CA THR F 176 11.10 -24.09 0.33
C THR F 176 10.74 -22.84 -0.46
N VAL F 177 11.55 -21.79 -0.31
CA VAL F 177 11.31 -20.52 -0.97
C VAL F 177 12.51 -20.19 -1.85
N ASP F 178 12.24 -19.39 -2.89
CA ASP F 178 13.26 -18.90 -3.81
C ASP F 178 13.73 -17.53 -3.36
N CYS F 179 15.05 -17.35 -3.31
CA CYS F 179 15.64 -16.07 -2.94
C CYS F 179 16.68 -15.68 -3.99
N PHE F 180 16.87 -14.37 -4.16
CA PHE F 180 17.67 -13.84 -5.26
C PHE F 180 18.81 -12.98 -4.72
N VAL F 181 20.00 -13.20 -5.29
CA VAL F 181 21.24 -12.57 -4.85
C VAL F 181 21.52 -11.35 -5.69
N SER F 182 22.12 -10.33 -5.07
CA SER F 182 22.48 -9.10 -5.76
C SER F 182 23.85 -9.22 -6.40
N ARG F 183 23.95 -8.80 -7.66
CA ARG F 183 25.20 -8.71 -8.40
C ARG F 183 26.07 -9.98 -8.35
N PRO F 184 25.53 -11.15 -8.74
CA PRO F 184 26.36 -12.36 -8.69
C PRO F 184 27.61 -12.30 -9.57
N THR F 185 27.50 -11.72 -10.77
CA THR F 185 28.61 -11.79 -11.73
C THR F 185 29.78 -10.89 -11.31
N GLU F 186 29.49 -9.67 -10.88
CA GLU F 186 30.54 -8.77 -10.44
C GLU F 186 31.25 -9.33 -9.20
N LYS F 187 30.48 -9.89 -8.28
CA LYS F 187 31.06 -10.53 -7.11
C LYS F 187 31.94 -11.71 -7.50
N THR F 188 31.52 -12.49 -8.51
CA THR F 188 32.36 -13.59 -8.98
C THR F 188 33.68 -13.06 -9.55
N VAL F 189 33.63 -11.98 -10.32
CA VAL F 189 34.84 -11.42 -10.91
C VAL F 189 35.81 -10.99 -9.80
N PHE F 190 35.30 -10.24 -8.81
CA PHE F 190 36.18 -9.79 -7.74
C PHE F 190 36.69 -10.94 -6.89
N THR F 191 35.88 -11.98 -6.69
CA THR F 191 36.35 -13.16 -5.97
C THR F 191 37.51 -13.82 -6.71
N VAL F 192 37.41 -13.93 -8.03
CA VAL F 192 38.50 -14.53 -8.80
C VAL F 192 39.77 -13.70 -8.64
N PHE F 193 39.65 -12.37 -8.73
CA PHE F 193 40.82 -11.51 -8.54
C PHE F 193 41.46 -11.74 -7.18
N MET F 194 40.65 -11.73 -6.12
CA MET F 194 41.19 -11.85 -4.76
C MET F 194 41.83 -13.21 -4.53
N LEU F 195 41.19 -14.28 -5.00
CA LEU F 195 41.75 -15.62 -4.82
C LEU F 195 43.07 -15.77 -5.57
N ALA F 196 43.15 -15.24 -6.80
CA ALA F 196 44.40 -15.33 -7.54
C ALA F 196 45.51 -14.58 -6.82
N ALA F 197 45.21 -13.39 -6.28
CA ALA F 197 46.22 -12.63 -5.55
C ALA F 197 46.69 -13.39 -4.31
N SER F 198 45.75 -14.00 -3.58
CA SER F 198 46.14 -14.76 -2.39
C SER F 198 47.02 -15.96 -2.75
N GLY F 199 46.68 -16.67 -3.83
CA GLY F 199 47.52 -17.78 -4.25
C GLY F 199 48.93 -17.35 -4.63
N ILE F 200 49.04 -16.23 -5.34
CA ILE F 200 50.35 -15.69 -5.68
C ILE F 200 51.13 -15.35 -4.42
N CYS F 201 50.47 -14.77 -3.42
CA CYS F 201 51.14 -14.44 -2.17
C CYS F 201 51.65 -15.69 -1.46
N ILE F 202 50.85 -16.76 -1.45
CA ILE F 202 51.27 -18.00 -0.82
C ILE F 202 52.52 -18.55 -1.52
N ILE F 203 52.51 -18.57 -2.85
CA ILE F 203 53.65 -19.09 -3.60
C ILE F 203 54.89 -18.26 -3.31
N LEU F 204 54.74 -16.93 -3.28
CA LEU F 204 55.89 -16.06 -3.01
C LEU F 204 56.44 -16.27 -1.60
N ASN F 205 55.56 -16.47 -0.61
CA ASN F 205 56.04 -16.72 0.75
C ASN F 205 56.83 -18.03 0.84
N VAL F 206 56.33 -19.07 0.16
CA VAL F 206 57.07 -20.34 0.16
C VAL F 206 58.42 -20.16 -0.50
N ALA F 207 58.46 -19.45 -1.63
CA ALA F 207 59.75 -19.16 -2.28
C ALA F 207 60.67 -18.37 -1.37
N GLU F 208 60.12 -17.44 -0.59
CA GLU F 208 60.93 -16.63 0.32
C GLU F 208 61.58 -17.48 1.39
N VAL F 209 60.80 -18.36 2.04
CA VAL F 209 61.40 -19.19 3.10
C VAL F 209 62.43 -20.13 2.50
N VAL F 210 62.14 -20.72 1.34
CA VAL F 210 63.11 -21.63 0.72
C VAL F 210 64.40 -20.89 0.37
N TYR F 211 64.27 -19.68 -0.18
CA TYR F 211 65.45 -18.91 -0.56
C TYR F 211 66.27 -18.52 0.65
N LEU F 212 65.61 -18.12 1.74
CA LEU F 212 66.34 -17.77 2.95
C LEU F 212 67.08 -18.98 3.53
N ILE F 213 66.42 -20.15 3.54
CA ILE F 213 67.06 -21.35 4.04
C ILE F 213 68.28 -21.70 3.18
N ILE F 214 68.13 -21.60 1.85
CA ILE F 214 69.25 -21.91 0.97
C ILE F 214 70.42 -20.96 1.21
N ARG F 215 70.13 -19.65 1.31
CA ARG F 215 71.19 -18.69 1.58
C ARG F 215 71.84 -18.91 2.93
N ALA F 216 71.09 -19.46 3.89
CA ALA F 216 71.66 -19.71 5.22
C ALA F 216 72.79 -20.73 5.14
N CYS F 217 72.62 -21.79 4.37
CA CYS F 217 73.64 -22.82 4.24
C CYS F 217 74.20 -22.86 2.82
N THR G 4 -48.83 -17.39 5.71
CA THR G 4 -48.81 -17.85 7.09
C THR G 4 -49.43 -19.25 7.23
N GLY G 5 -50.27 -19.61 6.26
CA GLY G 5 -50.86 -20.93 6.28
C GLY G 5 -49.84 -22.05 6.15
N LEU G 6 -48.83 -21.83 5.31
CA LEU G 6 -47.74 -22.80 5.21
C LEU G 6 -46.99 -22.91 6.53
N TYR G 7 -46.80 -21.79 7.22
CA TYR G 7 -46.13 -21.82 8.51
C TYR G 7 -46.94 -22.59 9.55
N THR G 8 -48.26 -22.40 9.57
CA THR G 8 -49.09 -23.14 10.51
C THR G 8 -49.11 -24.63 10.15
N LEU G 9 -49.05 -24.95 8.86
CA LEU G 9 -48.93 -26.36 8.46
C LEU G 9 -47.61 -26.94 8.96
N LEU G 10 -46.52 -26.20 8.82
CA LEU G 10 -45.21 -26.67 9.29
C LEU G 10 -45.13 -26.75 10.80
N SER G 11 -45.95 -25.98 11.52
CA SER G 11 -45.94 -26.03 12.98
C SER G 11 -46.37 -27.39 13.49
N GLY G 12 -47.39 -27.98 12.88
CA GLY G 12 -47.89 -29.26 13.34
C GLY G 12 -49.36 -29.24 13.71
N VAL G 13 -50.11 -28.29 13.15
CA VAL G 13 -51.53 -28.20 13.45
C VAL G 13 -52.25 -29.42 12.87
N ASN G 14 -53.03 -30.09 13.72
CA ASN G 14 -53.72 -31.32 13.34
C ASN G 14 -55.13 -31.26 13.90
N ARG G 15 -56.01 -32.09 13.33
CA ARG G 15 -57.38 -32.14 13.81
C ARG G 15 -57.47 -32.68 15.23
N HIS G 16 -56.48 -33.45 15.68
CA HIS G 16 -56.42 -33.92 17.05
C HIS G 16 -55.69 -32.96 17.98
N SER G 17 -55.17 -31.85 17.46
CA SER G 17 -54.44 -30.90 18.29
C SER G 17 -55.40 -30.13 19.19
N THR G 18 -54.95 -29.87 20.41
CA THR G 18 -55.73 -29.06 21.36
C THR G 18 -55.45 -27.59 21.09
N ALA G 19 -55.87 -26.72 22.02
CA ALA G 19 -55.61 -25.30 21.85
C ALA G 19 -54.12 -24.99 21.91
N ILE G 20 -53.39 -25.67 22.80
CA ILE G 20 -51.97 -25.39 22.99
C ILE G 20 -51.20 -25.59 21.70
N GLY G 21 -51.45 -26.72 21.02
CA GLY G 21 -50.72 -27.00 19.79
C GLY G 21 -51.22 -26.24 18.59
N ARG G 22 -52.46 -25.74 18.63
CA ARG G 22 -53.06 -25.10 17.46
C ARG G 22 -52.91 -23.59 17.45
N VAL G 23 -52.95 -22.93 18.60
CA VAL G 23 -52.93 -21.47 18.64
C VAL G 23 -51.66 -20.91 19.29
N TRP G 24 -50.95 -21.69 20.11
CA TRP G 24 -49.77 -21.18 20.80
C TRP G 24 -48.47 -21.64 20.16
N LEU G 25 -48.33 -22.93 19.87
CA LEU G 25 -47.08 -23.44 19.31
C LEU G 25 -46.81 -22.86 17.93
N SER G 26 -47.85 -22.75 17.10
CA SER G 26 -47.67 -22.22 15.75
C SER G 26 -47.22 -20.77 15.76
N VAL G 27 -47.75 -19.98 16.68
CA VAL G 27 -47.35 -18.57 16.77
C VAL G 27 -45.88 -18.45 17.15
N ILE G 28 -45.42 -19.26 18.09
CA ILE G 28 -44.01 -19.22 18.47
C ILE G 28 -43.13 -19.69 17.30
N PHE G 29 -43.60 -20.68 16.54
CA PHE G 29 -42.85 -21.11 15.36
C PHE G 29 -42.70 -19.98 14.36
N ILE G 30 -43.80 -19.27 14.07
CA ILE G 30 -43.75 -18.15 13.13
C ILE G 30 -42.87 -17.03 13.68
N PHE G 31 -42.91 -16.79 14.99
CA PHE G 31 -42.07 -15.78 15.60
C PHE G 31 -40.59 -16.11 15.41
N ARG G 32 -40.21 -17.36 15.63
CA ARG G 32 -38.83 -17.78 15.41
C ARG G 32 -38.43 -17.62 13.96
N ILE G 33 -39.32 -17.99 13.03
CA ILE G 33 -39.03 -17.82 11.61
C ILE G 33 -38.77 -16.35 11.29
N MET G 34 -39.64 -15.46 11.79
CA MET G 34 -39.51 -14.04 11.47
C MET G 34 -38.23 -13.45 12.06
N VAL G 35 -37.92 -13.78 13.31
CA VAL G 35 -36.71 -13.26 13.93
C VAL G 35 -35.47 -13.76 13.18
N LEU G 36 -35.46 -15.03 12.79
CA LEU G 36 -34.34 -15.55 12.02
C LEU G 36 -34.21 -14.85 10.68
N VAL G 37 -35.32 -14.60 9.99
CA VAL G 37 -35.27 -13.90 8.71
C VAL G 37 -34.71 -12.49 8.90
N VAL G 38 -35.11 -11.82 9.97
CA VAL G 38 -34.62 -10.47 10.24
C VAL G 38 -33.12 -10.47 10.52
N ALA G 39 -32.65 -11.44 11.29
CA ALA G 39 -31.28 -11.42 11.80
C ALA G 39 -30.28 -12.20 10.94
N ALA G 40 -30.73 -12.91 9.90
CA ALA G 40 -29.83 -13.79 9.17
C ALA G 40 -28.68 -13.01 8.53
N GLU G 41 -28.97 -12.16 7.56
CA GLU G 41 -27.92 -11.48 6.81
C GLU G 41 -27.67 -10.05 7.28
N SER G 42 -28.55 -9.48 8.10
CA SER G 42 -28.33 -8.12 8.59
C SER G 42 -27.17 -8.06 9.57
N VAL G 43 -27.13 -8.97 10.54
CA VAL G 43 -26.16 -8.89 11.62
C VAL G 43 -25.11 -9.99 11.55
N TRP G 44 -25.42 -11.15 10.97
CA TRP G 44 -24.45 -12.23 10.80
C TRP G 44 -23.84 -12.25 9.41
N GLY G 45 -24.16 -11.27 8.56
CA GLY G 45 -23.67 -11.30 7.19
C GLY G 45 -22.18 -11.11 7.08
N ASP G 46 -21.61 -10.20 7.88
CA ASP G 46 -20.18 -9.89 7.82
C ASP G 46 -19.41 -10.52 8.97
N GLU G 47 -19.83 -11.71 9.42
CA GLU G 47 -19.20 -12.34 10.56
C GLU G 47 -17.73 -12.68 10.28
N LYS G 48 -17.43 -13.14 9.07
CA LYS G 48 -16.08 -13.57 8.72
C LYS G 48 -15.28 -12.50 8.00
N SER G 49 -15.93 -11.66 7.18
CA SER G 49 -15.19 -10.64 6.45
C SER G 49 -14.68 -9.53 7.36
N SER G 50 -15.37 -9.26 8.46
CA SER G 50 -14.95 -8.25 9.42
C SER G 50 -14.15 -8.82 10.58
N PHE G 51 -13.93 -10.14 10.61
CA PHE G 51 -13.13 -10.77 11.65
C PHE G 51 -11.66 -10.52 11.36
N ILE G 52 -10.96 -9.86 12.28
CA ILE G 52 -9.56 -9.52 12.08
C ILE G 52 -8.76 -9.90 13.32
N CYS G 53 -7.47 -10.14 13.11
CA CYS G 53 -6.53 -10.47 14.17
C CYS G 53 -5.31 -9.58 14.06
N ASN G 54 -4.67 -9.32 15.20
CA ASN G 54 -3.49 -8.46 15.26
C ASN G 54 -2.25 -9.29 14.97
N THR G 55 -1.96 -9.46 13.69
CA THR G 55 -0.81 -10.24 13.27
C THR G 55 -0.51 -9.94 11.80
N LEU G 56 0.71 -10.30 11.39
CA LEU G 56 1.11 -10.25 9.98
C LEU G 56 1.19 -11.64 9.35
N GLN G 57 0.81 -12.68 10.08
CA GLN G 57 0.93 -14.04 9.58
C GLN G 57 -0.17 -14.34 8.58
N PRO G 58 0.14 -14.74 7.35
CA PRO G 58 -0.91 -15.08 6.39
C PRO G 58 -1.66 -16.34 6.81
N GLY G 59 -2.98 -16.29 6.67
CA GLY G 59 -3.83 -17.42 6.99
C GLY G 59 -4.28 -17.53 8.42
N CYS G 60 -3.87 -16.62 9.31
CA CYS G 60 -4.24 -16.72 10.71
C CYS G 60 -5.69 -16.34 10.95
N ASN G 61 -6.20 -15.35 10.20
CA ASN G 61 -7.60 -14.94 10.35
C ASN G 61 -8.56 -16.09 10.08
N SER G 62 -8.34 -16.81 8.98
CA SER G 62 -9.26 -17.87 8.60
C SER G 62 -9.23 -19.03 9.60
N VAL G 63 -8.04 -19.45 10.03
CA VAL G 63 -7.96 -20.58 10.95
C VAL G 63 -8.52 -20.20 12.31
N CYS G 64 -8.29 -18.96 12.76
CA CYS G 64 -8.85 -18.55 14.04
C CYS G 64 -10.37 -18.45 13.98
N TYR G 65 -10.92 -17.92 12.87
CA TYR G 65 -12.36 -17.87 12.74
C TYR G 65 -12.96 -19.28 12.72
N ASP G 66 -12.33 -20.20 12.01
CA ASP G 66 -12.83 -21.58 11.99
C ASP G 66 -12.74 -22.23 13.35
N GLN G 67 -11.68 -21.93 14.11
CA GLN G 67 -11.54 -22.50 15.45
C GLN G 67 -12.63 -21.99 16.39
N PHE G 68 -12.94 -20.69 16.34
CA PHE G 68 -13.88 -20.14 17.32
C PHE G 68 -15.33 -20.21 16.90
N PHE G 69 -15.62 -20.40 15.61
CA PHE G 69 -16.99 -20.50 15.11
C PHE G 69 -17.11 -21.70 14.19
N PRO G 70 -17.14 -22.92 14.76
CA PRO G 70 -17.25 -24.12 13.91
C PRO G 70 -18.48 -24.12 13.03
N ILE G 71 -19.60 -23.59 13.52
CA ILE G 71 -20.81 -23.41 12.74
C ILE G 71 -21.53 -22.19 13.28
N SER G 72 -21.99 -21.34 12.37
CA SER G 72 -22.63 -20.09 12.77
C SER G 72 -23.94 -20.34 13.51
N HIS G 73 -24.32 -19.39 14.36
CA HIS G 73 -25.57 -19.50 15.10
C HIS G 73 -26.76 -19.57 14.15
N VAL G 74 -26.74 -18.77 13.09
CA VAL G 74 -27.86 -18.70 12.16
C VAL G 74 -28.05 -20.05 11.46
N ARG G 75 -26.96 -20.70 11.04
CA ARG G 75 -27.08 -22.00 10.41
C ARG G 75 -27.61 -23.05 11.37
N LEU G 76 -27.18 -23.00 12.63
CA LEU G 76 -27.72 -23.91 13.64
C LEU G 76 -29.22 -23.73 13.80
N TRP G 77 -29.67 -22.48 13.89
CA TRP G 77 -31.10 -22.23 14.04
C TRP G 77 -31.88 -22.65 12.80
N SER G 78 -31.31 -22.45 11.62
CA SER G 78 -31.98 -22.88 10.39
C SER G 78 -32.14 -24.40 10.35
N LEU G 79 -31.06 -25.13 10.68
CA LEU G 79 -31.15 -26.59 10.72
C LEU G 79 -32.17 -27.04 11.76
N GLN G 80 -32.18 -26.40 12.92
CA GLN G 80 -33.14 -26.76 13.96
C GLN G 80 -34.57 -26.56 13.46
N LEU G 81 -34.85 -25.43 12.80
CA LEU G 81 -36.20 -25.20 12.30
C LEU G 81 -36.59 -26.22 11.24
N ILE G 82 -35.68 -26.55 10.34
CA ILE G 82 -35.99 -27.53 9.30
C ILE G 82 -36.31 -28.90 9.91
N LEU G 83 -35.46 -29.34 10.85
CA LEU G 83 -35.67 -30.65 11.45
C LEU G 83 -36.92 -30.68 12.32
N VAL G 84 -37.24 -29.57 12.97
CA VAL G 84 -38.46 -29.52 13.78
C VAL G 84 -39.70 -29.54 12.89
N SER G 85 -39.64 -28.89 11.74
CA SER G 85 -40.80 -28.86 10.85
C SER G 85 -40.95 -30.14 10.02
N THR G 86 -39.91 -30.97 9.95
CA THR G 86 -40.02 -32.20 9.14
C THR G 86 -41.15 -33.14 9.58
N PRO G 87 -41.28 -33.53 10.86
CA PRO G 87 -42.34 -34.49 11.22
C PRO G 87 -43.75 -33.98 10.94
N ALA G 88 -43.99 -32.68 11.05
CA ALA G 88 -45.32 -32.14 10.78
C ALA G 88 -45.72 -32.38 9.33
N LEU G 89 -44.82 -32.08 8.38
CA LEU G 89 -45.15 -32.32 6.99
C LEU G 89 -45.13 -33.80 6.65
N LEU G 90 -44.37 -34.61 7.37
CA LEU G 90 -44.48 -36.06 7.21
C LEU G 90 -45.89 -36.54 7.56
N VAL G 91 -46.41 -36.06 8.69
CA VAL G 91 -47.78 -36.40 9.08
C VAL G 91 -48.79 -35.89 8.07
N ALA G 92 -48.57 -34.67 7.57
CA ALA G 92 -49.50 -34.10 6.59
C ALA G 92 -49.52 -34.92 5.30
N MET G 93 -48.36 -35.35 4.83
CA MET G 93 -48.32 -36.19 3.64
C MET G 93 -48.96 -37.54 3.89
N HIS G 94 -48.78 -38.11 5.08
CA HIS G 94 -49.45 -39.36 5.41
C HIS G 94 -50.97 -39.21 5.38
N VAL G 95 -51.46 -38.09 5.93
CA VAL G 95 -52.90 -37.83 5.92
C VAL G 95 -53.42 -37.67 4.50
N ALA G 96 -52.66 -36.95 3.66
CA ALA G 96 -53.06 -36.79 2.27
C ALA G 96 -53.10 -38.12 1.56
N HIS G 97 -52.11 -38.98 1.82
CA HIS G 97 -52.10 -40.32 1.23
C HIS G 97 -53.30 -41.14 1.67
N GLN G 98 -53.64 -41.08 2.96
CA GLN G 98 -54.80 -41.81 3.46
C GLN G 98 -56.09 -41.30 2.82
N GLN G 99 -56.23 -39.97 2.70
CA GLN G 99 -57.43 -39.43 2.08
C GLN G 99 -57.53 -39.80 0.60
N HIS G 100 -56.39 -39.80 -0.11
CA HIS G 100 -56.40 -40.22 -1.51
C HIS G 100 -56.79 -41.69 -1.64
N ILE G 101 -56.28 -42.54 -0.74
CA ILE G 101 -56.67 -43.95 -0.76
C ILE G 101 -58.16 -44.10 -0.51
N GLU G 102 -58.70 -43.33 0.44
CA GLU G 102 -60.13 -43.37 0.70
C GLU G 102 -60.93 -42.92 -0.52
N LYS G 103 -60.46 -41.86 -1.19
CA LYS G 103 -61.18 -41.34 -2.35
C LYS G 103 -61.17 -42.33 -3.51
N LYS G 104 -60.05 -43.00 -3.74
CA LYS G 104 -59.93 -43.92 -4.88
C LYS G 104 -60.68 -45.22 -4.65
N MET G 105 -61.13 -45.50 -3.43
CA MET G 105 -61.89 -46.72 -3.16
C MET G 105 -63.37 -46.42 -2.97
N ILE G 127 -58.19 -45.54 10.38
CA ILE G 127 -59.07 -45.16 11.49
C ILE G 127 -58.51 -43.96 12.23
N SER G 128 -59.21 -43.53 13.27
CA SER G 128 -58.77 -42.36 14.03
C SER G 128 -57.61 -42.68 14.96
N GLY G 129 -57.52 -43.94 15.42
CA GLY G 129 -56.44 -44.31 16.32
C GLY G 129 -55.07 -44.18 15.69
N THR G 130 -54.95 -44.55 14.40
CA THR G 130 -53.68 -44.38 13.71
C THR G 130 -53.29 -42.91 13.64
N LEU G 131 -54.25 -42.03 13.34
CA LEU G 131 -53.97 -40.60 13.33
C LEU G 131 -53.53 -40.12 14.72
N TRP G 132 -54.20 -40.59 15.77
CA TRP G 132 -53.84 -40.16 17.12
C TRP G 132 -52.42 -40.58 17.48
N TRP G 133 -52.06 -41.83 17.18
CA TRP G 133 -50.72 -42.32 17.49
C TRP G 133 -49.67 -41.60 16.65
N THR G 134 -49.97 -41.35 15.38
CA THR G 134 -49.03 -40.61 14.53
C THR G 134 -48.80 -39.21 15.08
N TYR G 135 -49.87 -38.55 15.55
CA TYR G 135 -49.74 -37.21 16.10
C TYR G 135 -48.87 -37.22 17.35
N VAL G 136 -49.12 -38.18 18.27
CA VAL G 136 -48.33 -38.17 19.49
C VAL G 136 -46.86 -38.50 19.20
N ILE G 137 -46.61 -39.40 18.25
CA ILE G 137 -45.23 -39.72 17.90
C ILE G 137 -44.54 -38.50 17.30
N SER G 138 -45.24 -37.76 16.43
CA SER G 138 -44.63 -36.59 15.82
C SER G 138 -44.32 -35.52 16.87
N VAL G 139 -45.22 -35.34 17.84
CA VAL G 139 -44.95 -34.37 18.91
C VAL G 139 -43.72 -34.78 19.71
N VAL G 140 -43.61 -36.07 20.03
CA VAL G 140 -42.44 -36.56 20.76
C VAL G 140 -41.16 -36.30 19.98
N PHE G 141 -41.20 -36.54 18.66
CA PHE G 141 -40.02 -36.32 17.84
C PHE G 141 -39.64 -34.84 17.78
N ARG G 142 -40.64 -33.95 17.71
CA ARG G 142 -40.34 -32.52 17.75
C ARG G 142 -39.66 -32.15 19.07
N LEU G 143 -40.17 -32.69 20.18
CA LEU G 143 -39.56 -32.42 21.47
C LEU G 143 -38.12 -32.91 21.51
N LEU G 144 -37.86 -34.10 20.98
CA LEU G 144 -36.49 -34.64 20.96
C LEU G 144 -35.57 -33.76 20.13
N PHE G 145 -36.03 -33.32 18.96
CA PHE G 145 -35.17 -32.48 18.11
C PHE G 145 -34.84 -31.17 18.81
N GLU G 146 -35.84 -30.52 19.42
CA GLU G 146 -35.58 -29.27 20.12
C GLU G 146 -34.59 -29.48 21.26
N ALA G 147 -34.76 -30.56 22.03
CA ALA G 147 -33.85 -30.82 23.14
C ALA G 147 -32.43 -31.06 22.67
N VAL G 148 -32.24 -31.86 21.62
CA VAL G 148 -30.89 -32.15 21.18
C VAL G 148 -30.22 -30.90 20.59
N PHE G 149 -30.98 -30.04 19.91
CA PHE G 149 -30.37 -28.82 19.41
C PHE G 149 -30.00 -27.87 20.54
N MET G 150 -30.84 -27.79 21.58
CA MET G 150 -30.45 -27.01 22.75
C MET G 150 -29.16 -27.54 23.36
N TYR G 151 -29.04 -28.87 23.48
CA TYR G 151 -27.84 -29.45 24.06
C TYR G 151 -26.60 -29.19 23.22
N VAL G 152 -26.72 -29.31 21.90
CA VAL G 152 -25.54 -29.06 21.06
C VAL G 152 -25.15 -27.58 21.09
N PHE G 153 -26.13 -26.67 21.17
CA PHE G 153 -25.79 -25.26 21.31
C PHE G 153 -25.07 -25.02 22.64
N TYR G 154 -25.52 -25.67 23.71
CA TYR G 154 -24.82 -25.54 24.99
C TYR G 154 -23.40 -26.08 24.91
N LEU G 155 -23.20 -27.17 24.16
CA LEU G 155 -21.86 -27.73 24.02
C LEU G 155 -20.94 -26.78 23.26
N LEU G 156 -21.41 -26.22 22.14
CA LEU G 156 -20.53 -25.40 21.31
C LEU G 156 -20.28 -24.03 21.93
N TYR G 157 -21.32 -23.40 22.48
CA TYR G 157 -21.25 -22.04 23.01
C TYR G 157 -21.82 -22.02 24.42
N PRO G 158 -21.00 -22.36 25.42
CA PRO G 158 -21.54 -22.48 26.79
C PRO G 158 -22.19 -21.23 27.31
N GLY G 159 -21.64 -20.05 27.02
CA GLY G 159 -22.19 -18.79 27.49
C GLY G 159 -23.13 -18.18 26.45
N TYR G 160 -24.23 -17.62 26.93
CA TYR G 160 -25.17 -16.95 26.03
C TYR G 160 -24.61 -15.64 25.50
N ALA G 161 -23.58 -15.09 26.12
CA ALA G 161 -23.00 -13.82 25.72
C ALA G 161 -21.78 -14.04 24.83
N MET G 162 -21.58 -13.12 23.89
CA MET G 162 -20.45 -13.15 22.99
C MET G 162 -19.47 -12.06 23.39
N VAL G 163 -18.17 -12.38 23.34
CA VAL G 163 -17.13 -11.49 23.84
C VAL G 163 -16.50 -10.74 22.67
N ARG G 164 -15.91 -9.58 22.96
CA ARG G 164 -15.29 -8.76 21.93
C ARG G 164 -13.94 -9.31 21.47
N LEU G 165 -13.13 -9.80 22.41
CA LEU G 165 -11.76 -10.22 22.12
C LEU G 165 -11.56 -11.68 22.46
N VAL G 166 -10.90 -12.42 21.55
CA VAL G 166 -10.59 -13.82 21.76
C VAL G 166 -9.10 -14.04 21.53
N LYS G 167 -8.57 -15.07 22.18
CA LYS G 167 -7.16 -15.43 22.11
C LYS G 167 -7.02 -16.70 21.30
N CYS G 168 -6.19 -16.66 20.25
CA CYS G 168 -6.06 -17.75 19.30
C CYS G 168 -4.61 -18.20 19.21
N ASP G 169 -4.40 -19.52 19.29
CA ASP G 169 -3.05 -20.06 19.20
C ASP G 169 -2.97 -21.24 18.23
N VAL G 170 -3.86 -21.29 17.25
CA VAL G 170 -3.88 -22.37 16.27
C VAL G 170 -2.82 -22.11 15.20
N TYR G 171 -2.18 -23.19 14.75
CA TYR G 171 -1.23 -23.09 13.67
C TYR G 171 -1.92 -22.54 12.42
N PRO G 172 -1.27 -21.66 11.64
CA PRO G 172 0.12 -21.17 11.74
C PRO G 172 0.33 -19.92 12.58
N CYS G 173 -0.64 -19.48 13.38
CA CYS G 173 -0.46 -18.25 14.15
C CYS G 173 0.67 -18.44 15.17
N PRO G 174 1.62 -17.51 15.24
CA PRO G 174 2.72 -17.66 16.20
C PRO G 174 2.31 -17.21 17.60
N ASN G 175 2.64 -18.03 18.59
CA ASN G 175 2.35 -17.75 20.01
C ASN G 175 0.83 -17.60 20.14
N THR G 176 0.33 -16.55 20.79
CA THR G 176 -1.10 -16.28 20.91
C THR G 176 -1.39 -14.91 20.31
N VAL G 177 -2.48 -14.81 19.57
CA VAL G 177 -2.88 -13.57 18.91
C VAL G 177 -4.25 -13.16 19.40
N ASP G 178 -4.50 -11.85 19.34
CA ASP G 178 -5.79 -11.25 19.69
C ASP G 178 -6.64 -11.11 18.44
N CYS G 179 -7.89 -11.55 18.51
CA CYS G 179 -8.82 -11.42 17.41
C CYS G 179 -10.12 -10.80 17.91
N PHE G 180 -10.81 -10.08 17.03
CA PHE G 180 -11.95 -9.25 17.40
C PHE G 180 -13.19 -9.68 16.64
N VAL G 181 -14.31 -9.74 17.37
CA VAL G 181 -15.58 -10.26 16.86
C VAL G 181 -16.46 -9.09 16.43
N SER G 182 -17.27 -9.31 15.39
CA SER G 182 -18.19 -8.31 14.88
C SER G 182 -19.52 -8.37 15.63
N ARG G 183 -19.99 -7.20 16.08
CA ARG G 183 -21.30 -7.04 16.70
C ARG G 183 -21.60 -8.04 17.82
N PRO G 184 -20.75 -8.13 18.86
CA PRO G 184 -21.04 -9.08 19.95
C PRO G 184 -22.35 -8.82 20.66
N THR G 185 -22.71 -7.55 20.90
CA THR G 185 -23.87 -7.25 21.74
C THR G 185 -25.18 -7.56 21.04
N GLU G 186 -25.30 -7.16 19.76
CA GLU G 186 -26.51 -7.45 19.00
C GLU G 186 -26.71 -8.95 18.85
N LYS G 187 -25.63 -9.68 18.59
CA LYS G 187 -25.69 -11.13 18.53
C LYS G 187 -26.13 -11.74 19.86
N THR G 188 -25.64 -11.18 20.98
CA THR G 188 -26.10 -11.65 22.28
C THR G 188 -27.60 -11.44 22.46
N VAL G 189 -28.11 -10.28 22.05
CA VAL G 189 -29.53 -10.00 22.19
C VAL G 189 -30.36 -11.00 21.38
N PHE G 190 -29.98 -11.22 20.13
CA PHE G 190 -30.73 -12.15 19.30
C PHE G 190 -30.61 -13.59 19.79
N THR G 191 -29.45 -13.96 20.34
CA THR G 191 -29.29 -15.28 20.93
C THR G 191 -30.24 -15.47 22.12
N VAL G 192 -30.37 -14.45 22.96
CA VAL G 192 -31.30 -14.53 24.09
C VAL G 192 -32.73 -14.72 23.59
N PHE G 193 -33.12 -13.95 22.58
CA PHE G 193 -34.46 -14.11 22.02
C PHE G 193 -34.70 -15.53 21.54
N MET G 194 -33.76 -16.07 20.75
CA MET G 194 -33.94 -17.38 20.15
C MET G 194 -33.97 -18.48 21.21
N LEU G 195 -33.09 -18.39 22.21
CA LEU G 195 -33.07 -19.41 23.27
C LEU G 195 -34.36 -19.38 24.08
N ALA G 196 -34.86 -18.19 24.40
CA ALA G 196 -36.12 -18.11 25.13
C ALA G 196 -37.26 -18.72 24.33
N ALA G 197 -37.32 -18.43 23.03
CA ALA G 197 -38.37 -19.02 22.19
C ALA G 197 -38.27 -20.53 22.16
N SER G 198 -37.05 -21.07 22.04
CA SER G 198 -36.89 -22.53 22.01
C SER G 198 -37.31 -23.16 23.33
N GLY G 199 -36.96 -22.53 24.46
CA GLY G 199 -37.39 -23.06 25.74
C GLY G 199 -38.90 -23.07 25.90
N ILE G 200 -39.56 -22.00 25.44
CA ILE G 200 -41.01 -21.96 25.49
C ILE G 200 -41.61 -23.08 24.64
N CYS G 201 -41.02 -23.32 23.46
CA CYS G 201 -41.51 -24.39 22.60
C CYS G 201 -41.37 -25.76 23.27
N ILE G 202 -40.24 -25.99 23.95
CA ILE G 202 -40.05 -27.26 24.65
C ILE G 202 -41.11 -27.45 25.72
N ILE G 203 -41.35 -26.40 26.51
CA ILE G 203 -42.35 -26.49 27.58
C ILE G 203 -43.73 -26.78 26.99
N LEU G 204 -44.08 -26.09 25.89
CA LEU G 204 -45.38 -26.29 25.28
C LEU G 204 -45.53 -27.71 24.72
N ASN G 205 -44.46 -28.27 24.14
CA ASN G 205 -44.55 -29.64 23.64
C ASN G 205 -44.75 -30.63 24.77
N VAL G 206 -44.05 -30.44 25.88
CA VAL G 206 -44.24 -31.33 27.03
C VAL G 206 -45.67 -31.23 27.55
N ALA G 207 -46.19 -30.01 27.65
CA ALA G 207 -47.58 -29.84 28.06
C ALA G 207 -48.54 -30.50 27.09
N GLU G 208 -48.24 -30.45 25.79
CA GLU G 208 -49.10 -31.06 24.78
C GLU G 208 -49.16 -32.57 24.96
N VAL G 209 -48.01 -33.22 25.11
CA VAL G 209 -48.04 -34.68 25.25
C VAL G 209 -48.73 -35.07 26.56
N VAL G 210 -48.46 -34.34 27.65
CA VAL G 210 -49.12 -34.66 28.91
C VAL G 210 -50.62 -34.50 28.80
N TYR G 211 -51.08 -33.42 28.16
CA TYR G 211 -52.52 -33.18 28.01
C TYR G 211 -53.17 -34.25 27.16
N LEU G 212 -52.51 -34.66 26.07
CA LEU G 212 -53.06 -35.71 25.22
C LEU G 212 -53.17 -37.03 25.98
N ILE G 213 -52.14 -37.37 26.76
CA ILE G 213 -52.18 -38.60 27.54
C ILE G 213 -53.31 -38.54 28.57
N ILE G 214 -53.47 -37.40 29.23
CA ILE G 214 -54.54 -37.26 30.22
C ILE G 214 -55.91 -37.42 29.57
N ARG G 215 -56.11 -36.75 28.42
CA ARG G 215 -57.38 -36.88 27.72
C ARG G 215 -57.62 -38.29 27.22
N ALA G 216 -56.55 -39.05 26.94
CA ALA G 216 -56.73 -40.42 26.48
C ALA G 216 -57.38 -41.30 27.53
N CYS G 217 -56.99 -41.14 28.79
CA CYS G 217 -57.56 -41.93 29.87
C CYS G 217 -58.35 -41.05 30.83
N THR H 4 -51.69 -6.27 1.04
CA THR H 4 -52.11 -5.36 2.09
C THR H 4 -53.07 -6.03 3.06
N GLY H 5 -53.74 -7.08 2.59
CA GLY H 5 -54.64 -7.82 3.46
C GLY H 5 -53.92 -8.49 4.62
N LEU H 6 -52.74 -9.03 4.35
CA LEU H 6 -51.93 -9.59 5.44
C LEU H 6 -51.53 -8.51 6.43
N TYR H 7 -51.21 -7.31 5.94
CA TYR H 7 -50.86 -6.21 6.83
C TYR H 7 -52.04 -5.80 7.71
N THR H 8 -53.24 -5.73 7.14
CA THR H 8 -54.41 -5.38 7.94
C THR H 8 -54.73 -6.49 8.94
N LEU H 9 -54.49 -7.75 8.56
CA LEU H 9 -54.65 -8.83 9.53
C LEU H 9 -53.65 -8.69 10.69
N LEU H 10 -52.40 -8.36 10.37
CA LEU H 10 -51.39 -8.17 11.40
C LEU H 10 -51.64 -6.94 12.26
N SER H 11 -52.37 -5.95 11.74
CA SER H 11 -52.66 -4.76 12.51
C SER H 11 -53.52 -5.07 13.72
N GLY H 12 -54.52 -5.94 13.56
CA GLY H 12 -55.40 -6.27 14.66
C GLY H 12 -56.87 -6.00 14.35
N VAL H 13 -57.22 -5.99 13.07
CA VAL H 13 -58.60 -5.75 12.67
C VAL H 13 -59.47 -6.92 13.14
N ASN H 14 -60.55 -6.60 13.85
CA ASN H 14 -61.42 -7.61 14.42
C ASN H 14 -62.87 -7.18 14.19
N ARG H 15 -63.78 -8.13 14.29
CA ARG H 15 -65.20 -7.81 14.13
C ARG H 15 -65.71 -6.90 15.25
N HIS H 16 -65.07 -6.91 16.41
CA HIS H 16 -65.41 -6.01 17.50
C HIS H 16 -64.67 -4.68 17.43
N SER H 17 -63.79 -4.51 16.45
CA SER H 17 -63.02 -3.28 16.34
C SER H 17 -63.92 -2.14 15.87
N THR H 18 -63.68 -0.95 16.43
CA THR H 18 -64.40 0.25 16.02
C THR H 18 -63.70 0.86 14.81
N ALA H 19 -64.08 2.09 14.46
CA ALA H 19 -63.45 2.76 13.33
C ALA H 19 -61.97 3.02 13.60
N ILE H 20 -61.63 3.39 14.84
CA ILE H 20 -60.25 3.76 15.16
C ILE H 20 -59.31 2.59 14.91
N GLY H 21 -59.70 1.40 15.39
CA GLY H 21 -58.85 0.24 15.22
C GLY H 21 -58.88 -0.37 13.83
N ARG H 22 -59.92 -0.09 13.05
CA ARG H 22 -60.09 -0.72 11.75
C ARG H 22 -59.55 0.11 10.59
N VAL H 23 -59.67 1.44 10.65
CA VAL H 23 -59.28 2.27 9.52
C VAL H 23 -58.06 3.15 9.81
N TRP H 24 -57.77 3.43 11.08
CA TRP H 24 -56.66 4.33 11.41
C TRP H 24 -55.41 3.58 11.87
N LEU H 25 -55.55 2.63 12.80
CA LEU H 25 -54.38 1.93 13.32
C LEU H 25 -53.71 1.10 12.24
N SER H 26 -54.49 0.43 11.39
CA SER H 26 -53.92 -0.40 10.34
C SER H 26 -53.12 0.41 9.34
N VAL H 27 -53.60 1.61 9.00
CA VAL H 27 -52.89 2.46 8.05
C VAL H 27 -51.54 2.88 8.61
N ILE H 28 -51.50 3.25 9.90
CA ILE H 28 -50.23 3.63 10.52
C ILE H 28 -49.30 2.43 10.57
N PHE H 29 -49.83 1.24 10.83
CA PHE H 29 -49.01 0.03 10.82
C PHE H 29 -48.37 -0.19 9.46
N ILE H 30 -49.16 -0.06 8.39
CA ILE H 30 -48.64 -0.24 7.04
C ILE H 30 -47.63 0.85 6.71
N PHE H 31 -47.88 2.07 7.18
CA PHE H 31 -46.94 3.17 6.95
C PHE H 31 -45.59 2.89 7.59
N ARG H 32 -45.60 2.39 8.83
CA ARG H 32 -44.35 2.03 9.49
C ARG H 32 -43.63 0.90 8.75
N ILE H 33 -44.39 -0.11 8.30
CA ILE H 33 -43.78 -1.19 7.53
C ILE H 33 -43.11 -0.65 6.28
N MET H 34 -43.78 0.23 5.54
CA MET H 34 -43.25 0.74 4.29
C MET H 34 -42.01 1.61 4.53
N VAL H 35 -42.04 2.47 5.54
CA VAL H 35 -40.88 3.30 5.84
C VAL H 35 -39.69 2.44 6.23
N LEU H 36 -39.93 1.41 7.05
CA LEU H 36 -38.85 0.52 7.44
C LEU H 36 -38.28 -0.22 6.24
N VAL H 37 -39.14 -0.68 5.33
CA VAL H 37 -38.65 -1.37 4.13
C VAL H 37 -37.81 -0.43 3.29
N VAL H 38 -38.24 0.83 3.15
CA VAL H 38 -37.47 1.80 2.38
C VAL H 38 -36.10 2.07 3.01
N ALA H 39 -36.07 2.21 4.34
CA ALA H 39 -34.86 2.69 5.01
C ALA H 39 -33.95 1.57 5.53
N ALA H 40 -34.34 0.30 5.41
CA ALA H 40 -33.56 -0.77 6.03
C ALA H 40 -32.15 -0.84 5.46
N GLU H 41 -32.02 -1.20 4.19
CA GLU H 41 -30.71 -1.42 3.60
C GLU H 41 -30.20 -0.25 2.79
N SER H 42 -31.05 0.72 2.46
CA SER H 42 -30.59 1.88 1.70
C SER H 42 -29.67 2.76 2.53
N VAL H 43 -30.08 3.09 3.76
CA VAL H 43 -29.35 4.07 4.56
C VAL H 43 -28.62 3.44 5.75
N TRP H 44 -29.10 2.32 6.27
CA TRP H 44 -28.42 1.63 7.36
C TRP H 44 -27.56 0.46 6.87
N GLY H 45 -27.44 0.29 5.56
CA GLY H 45 -26.72 -0.86 5.03
C GLY H 45 -25.23 -0.81 5.31
N ASP H 46 -24.62 0.36 5.21
CA ASP H 46 -23.18 0.54 5.39
C ASP H 46 -22.85 1.18 6.72
N GLU H 47 -23.64 0.90 7.76
CA GLU H 47 -23.43 1.54 9.06
C GLU H 47 -22.08 1.16 9.66
N LYS H 48 -21.67 -0.09 9.51
CA LYS H 48 -20.43 -0.58 10.10
C LYS H 48 -19.25 -0.56 9.14
N SER H 49 -19.49 -0.84 7.86
CA SER H 49 -18.38 -0.89 6.91
C SER H 49 -17.81 0.49 6.62
N SER H 50 -18.61 1.53 6.77
CA SER H 50 -18.13 2.91 6.58
C SER H 50 -17.75 3.59 7.88
N PHE H 51 -17.90 2.92 9.02
CA PHE H 51 -17.51 3.48 10.31
C PHE H 51 -15.99 3.41 10.44
N ILE H 52 -15.35 4.57 10.61
CA ILE H 52 -13.90 4.64 10.68
C ILE H 52 -13.48 5.50 11.87
N CYS H 53 -12.28 5.21 12.37
CA CYS H 53 -11.70 5.96 13.47
C CYS H 53 -10.28 6.38 13.10
N ASN H 54 -9.83 7.48 13.69
CA ASN H 54 -8.52 8.05 13.41
C ASN H 54 -7.49 7.39 14.33
N THR H 55 -6.99 6.23 13.90
CA THR H 55 -6.02 5.48 14.68
C THR H 55 -5.37 4.43 13.80
N LEU H 56 -4.22 3.94 14.24
CA LEU H 56 -3.55 2.80 13.62
C LEU H 56 -3.72 1.51 14.42
N GLN H 57 -4.49 1.55 15.51
CA GLN H 57 -4.62 0.38 16.38
C GLN H 57 -5.54 -0.64 15.75
N PRO H 58 -5.10 -1.89 15.55
CA PRO H 58 -6.00 -2.90 15.00
C PRO H 58 -7.11 -3.25 15.98
N GLY H 59 -8.32 -3.39 15.44
CA GLY H 59 -9.47 -3.77 16.23
C GLY H 59 -10.22 -2.65 16.90
N CYS H 60 -9.76 -1.40 16.75
CA CYS H 60 -10.43 -0.29 17.43
C CYS H 60 -11.75 0.08 16.76
N ASN H 61 -11.82 -0.02 15.43
CA ASN H 61 -13.06 0.28 14.73
C ASN H 61 -14.20 -0.61 15.20
N SER H 62 -13.97 -1.92 15.28
CA SER H 62 -15.04 -2.85 15.65
C SER H 62 -15.51 -2.63 17.08
N VAL H 63 -14.57 -2.46 18.02
CA VAL H 63 -14.97 -2.31 19.42
C VAL H 63 -15.68 -0.97 19.62
N CYS H 64 -15.24 0.09 18.93
CA CYS H 64 -15.92 1.37 19.08
C CYS H 64 -17.32 1.32 18.48
N TYR H 65 -17.47 0.68 17.32
CA TYR H 65 -18.80 0.55 16.73
C TYR H 65 -19.72 -0.25 17.66
N ASP H 66 -19.21 -1.35 18.23
CA ASP H 66 -20.03 -2.13 19.15
C ASP H 66 -20.39 -1.34 20.40
N GLN H 67 -19.48 -0.51 20.90
CA GLN H 67 -19.76 0.29 22.07
C GLN H 67 -20.85 1.32 21.79
N PHE H 68 -20.79 1.99 20.64
CA PHE H 68 -21.73 3.08 20.38
C PHE H 68 -23.04 2.64 19.74
N PHE H 69 -23.11 1.45 19.17
CA PHE H 69 -24.34 0.94 18.55
C PHE H 69 -24.56 -0.49 19.02
N PRO H 70 -25.01 -0.67 20.27
CA PRO H 70 -25.25 -2.05 20.76
C PRO H 70 -26.24 -2.82 19.92
N ILE H 71 -27.27 -2.16 19.41
CA ILE H 71 -28.21 -2.75 18.47
C ILE H 71 -28.68 -1.66 17.52
N SER H 72 -28.72 -1.97 16.24
CA SER H 72 -29.07 -0.99 15.22
C SER H 72 -30.53 -0.56 15.37
N HIS H 73 -30.81 0.68 14.93
CA HIS H 73 -32.17 1.20 15.00
C HIS H 73 -33.13 0.34 14.18
N VAL H 74 -32.69 -0.12 13.01
CA VAL H 74 -33.55 -0.90 12.12
C VAL H 74 -33.94 -2.22 12.77
N ARG H 75 -33.00 -2.88 13.44
CA ARG H 75 -33.32 -4.13 14.10
C ARG H 75 -34.28 -3.92 15.27
N LEU H 76 -34.11 -2.82 16.01
CA LEU H 76 -35.06 -2.49 17.07
C LEU H 76 -36.46 -2.29 16.51
N TRP H 77 -36.58 -1.56 15.41
CA TRP H 77 -37.90 -1.33 14.83
C TRP H 77 -38.50 -2.61 14.28
N SER H 78 -37.67 -3.48 13.69
CA SER H 78 -38.16 -4.77 13.21
C SER H 78 -38.70 -5.63 14.34
N LEU H 79 -37.94 -5.71 15.45
CA LEU H 79 -38.42 -6.47 16.61
C LEU H 79 -39.69 -5.89 17.17
N GLN H 80 -39.78 -4.56 17.24
CA GLN H 80 -40.98 -3.91 17.72
C GLN H 80 -42.19 -4.25 16.87
N LEU H 81 -42.03 -4.21 15.54
CA LEU H 81 -43.13 -4.55 14.66
C LEU H 81 -43.56 -6.00 14.82
N ILE H 82 -42.59 -6.92 14.92
CA ILE H 82 -42.93 -8.34 15.06
C ILE H 82 -43.70 -8.57 16.36
N LEU H 83 -43.19 -8.01 17.47
CA LEU H 83 -43.85 -8.24 18.76
C LEU H 83 -45.22 -7.56 18.82
N VAL H 84 -45.37 -6.41 18.16
CA VAL H 84 -46.67 -5.75 18.13
C VAL H 84 -47.66 -6.55 17.32
N SER H 85 -47.22 -7.15 16.22
CA SER H 85 -48.12 -7.92 15.38
C SER H 85 -48.43 -9.31 15.93
N THR H 86 -47.65 -9.80 16.89
CA THR H 86 -47.89 -11.14 17.43
C THR H 86 -49.28 -11.33 18.04
N PRO H 87 -49.77 -10.47 18.96
CA PRO H 87 -51.09 -10.73 19.56
C PRO H 87 -52.24 -10.73 18.56
N ALA H 88 -52.15 -9.93 17.49
CA ALA H 88 -53.22 -9.92 16.49
C ALA H 88 -53.36 -11.27 15.83
N LEU H 89 -52.25 -11.86 15.39
CA LEU H 89 -52.33 -13.17 14.77
C LEU H 89 -52.63 -14.27 15.78
N LEU H 90 -52.26 -14.08 17.05
CA LEU H 90 -52.70 -15.00 18.10
C LEU H 90 -54.22 -15.02 18.19
N VAL H 91 -54.84 -13.83 18.20
CA VAL H 91 -56.29 -13.74 18.24
C VAL H 91 -56.90 -14.34 16.98
N ALA H 92 -56.29 -14.08 15.82
CA ALA H 92 -56.82 -14.63 14.57
C ALA H 92 -56.79 -16.15 14.58
N MET H 93 -55.70 -16.74 15.06
CA MET H 93 -55.63 -18.20 15.15
C MET H 93 -56.63 -18.75 16.15
N HIS H 94 -56.85 -18.04 17.27
CA HIS H 94 -57.88 -18.49 18.22
C HIS H 94 -59.26 -18.47 17.58
N VAL H 95 -59.56 -17.43 16.80
CA VAL H 95 -60.85 -17.35 16.12
C VAL H 95 -60.99 -18.49 15.11
N ALA H 96 -59.92 -18.76 14.37
CA ALA H 96 -59.97 -19.87 13.41
C ALA H 96 -60.19 -21.20 14.12
N HIS H 97 -59.53 -21.40 15.26
CA HIS H 97 -59.73 -22.62 16.04
C HIS H 97 -61.17 -22.74 16.51
N GLN H 98 -61.75 -21.64 17.01
CA GLN H 98 -63.13 -21.66 17.45
C GLN H 98 -64.08 -21.99 16.31
N GLN H 99 -63.85 -21.39 15.13
CA GLN H 99 -64.70 -21.67 13.99
C GLN H 99 -64.57 -23.11 13.52
N HIS H 100 -63.35 -23.66 13.55
CA HIS H 100 -63.16 -25.06 13.19
C HIS H 100 -63.88 -25.98 14.16
N ILE H 101 -63.81 -25.66 15.46
CA ILE H 101 -64.53 -26.46 16.46
C ILE H 101 -66.03 -26.40 16.21
N GLU H 102 -66.55 -25.22 15.89
CA GLU H 102 -67.96 -25.09 15.58
C GLU H 102 -68.33 -25.89 14.34
N LYS H 103 -67.48 -25.86 13.31
CA LYS H 103 -67.77 -26.59 12.08
C LYS H 103 -67.77 -28.10 12.30
N LYS H 104 -66.83 -28.61 13.10
CA LYS H 104 -66.73 -30.05 13.30
C LYS H 104 -67.81 -30.60 14.22
N MET H 105 -68.56 -29.74 14.91
CA MET H 105 -69.64 -30.20 15.78
C MET H 105 -70.99 -29.95 15.13
N ILE H 127 -68.63 -18.05 22.84
CA ILE H 127 -69.59 -16.95 22.82
C ILE H 127 -68.91 -15.66 22.40
N SER H 128 -69.68 -14.58 22.34
CA SER H 128 -69.14 -13.29 21.93
C SER H 128 -68.32 -12.64 23.04
N GLY H 129 -68.65 -12.94 24.29
CA GLY H 129 -67.91 -12.33 25.41
C GLY H 129 -66.45 -12.74 25.42
N THR H 130 -66.17 -14.00 25.10
CA THR H 130 -64.78 -14.44 25.02
C THR H 130 -64.03 -13.67 23.95
N LEU H 131 -64.66 -13.46 22.79
CA LEU H 131 -64.04 -12.67 21.73
C LEU H 131 -63.78 -11.24 22.20
N TRP H 132 -64.75 -10.64 22.89
CA TRP H 132 -64.59 -9.27 23.36
C TRP H 132 -63.43 -9.15 24.33
N TRP H 133 -63.35 -10.06 25.30
CA TRP H 133 -62.27 -10.02 26.27
C TRP H 133 -60.92 -10.29 25.62
N THR H 134 -60.88 -11.24 24.68
CA THR H 134 -59.63 -11.50 23.96
C THR H 134 -59.16 -10.27 23.20
N TYR H 135 -60.11 -9.56 22.56
CA TYR H 135 -59.75 -8.36 21.83
C TYR H 135 -59.20 -7.28 22.75
N VAL H 136 -59.84 -7.05 23.90
CA VAL H 136 -59.36 -5.99 24.77
C VAL H 136 -58.00 -6.36 25.36
N ILE H 137 -57.79 -7.64 25.69
CA ILE H 137 -56.49 -8.07 26.21
C ILE H 137 -55.41 -7.89 25.16
N SER H 138 -55.71 -8.23 23.91
CA SER H 138 -54.71 -8.09 22.85
C SER H 138 -54.37 -6.61 22.63
N VAL H 139 -55.36 -5.73 22.68
CA VAL H 139 -55.07 -4.30 22.53
C VAL H 139 -54.18 -3.81 23.67
N VAL H 140 -54.46 -4.26 24.91
CA VAL H 140 -53.63 -3.87 26.04
C VAL H 140 -52.19 -4.36 25.84
N PHE H 141 -52.02 -5.58 25.36
CA PHE H 141 -50.68 -6.11 25.14
C PHE H 141 -49.94 -5.34 24.05
N ARG H 142 -50.64 -4.95 22.99
CA ARG H 142 -50.00 -4.12 21.97
C ARG H 142 -49.53 -2.80 22.55
N LEU H 143 -50.37 -2.18 23.38
CA LEU H 143 -49.99 -0.93 24.03
C LEU H 143 -48.75 -1.11 24.89
N LEU H 144 -48.71 -2.20 25.66
CA LEU H 144 -47.56 -2.46 26.52
C LEU H 144 -46.28 -2.66 25.70
N PHE H 145 -46.36 -3.41 24.60
CA PHE H 145 -45.18 -3.64 23.77
C PHE H 145 -44.67 -2.33 23.18
N GLU H 146 -45.57 -1.50 22.66
CA GLU H 146 -45.14 -0.22 22.10
C GLU H 146 -44.50 0.66 23.17
N ALA H 147 -45.09 0.70 24.36
CA ALA H 147 -44.52 1.52 25.43
C ALA H 147 -43.13 1.05 25.84
N VAL H 148 -42.96 -0.27 26.00
CA VAL H 148 -41.65 -0.76 26.45
C VAL H 148 -40.60 -0.55 25.37
N PHE H 149 -40.96 -0.67 24.09
CA PHE H 149 -39.96 -0.41 23.05
C PHE H 149 -39.60 1.07 22.99
N MET H 150 -40.57 1.96 23.19
CA MET H 150 -40.25 3.38 23.28
C MET H 150 -39.29 3.65 24.44
N TYR H 151 -39.55 3.02 25.59
CA TYR H 151 -38.68 3.23 26.74
C TYR H 151 -37.27 2.71 26.50
N VAL H 152 -37.13 1.53 25.89
CA VAL H 152 -35.80 1.00 25.65
C VAL H 152 -35.06 1.85 24.62
N PHE H 153 -35.77 2.39 23.62
CA PHE H 153 -35.12 3.30 22.68
C PHE H 153 -34.64 4.56 23.40
N TYR H 154 -35.44 5.08 24.32
CA TYR H 154 -35.01 6.24 25.09
C TYR H 154 -33.79 5.92 25.94
N LEU H 155 -33.73 4.71 26.50
CA LEU H 155 -32.58 4.32 27.31
C LEU H 155 -31.31 4.24 26.46
N LEU H 156 -31.39 3.59 25.30
CA LEU H 156 -30.18 3.37 24.51
C LEU H 156 -29.72 4.64 23.81
N TYR H 157 -30.65 5.41 23.24
CA TYR H 157 -30.33 6.59 22.45
C TYR H 157 -31.16 7.77 22.97
N PRO H 158 -30.67 8.45 24.01
CA PRO H 158 -31.49 9.52 24.63
C PRO H 158 -31.89 10.62 23.67
N GLY H 159 -31.01 11.03 22.76
CA GLY H 159 -31.30 12.09 21.82
C GLY H 159 -31.82 11.53 20.50
N TYR H 160 -32.83 12.20 19.94
CA TYR H 160 -33.36 11.78 18.65
C TYR H 160 -32.40 12.06 17.51
N ALA H 161 -31.39 12.90 17.72
CA ALA H 161 -30.44 13.28 16.70
C ALA H 161 -29.17 12.44 16.81
N MET H 162 -28.55 12.18 15.67
CA MET H 162 -27.30 11.43 15.59
C MET H 162 -26.18 12.39 15.24
N VAL H 163 -25.03 12.23 15.88
CA VAL H 163 -23.91 13.17 15.76
C VAL H 163 -22.89 12.62 14.76
N ARG H 164 -22.10 13.52 14.19
CA ARG H 164 -21.10 13.11 13.20
C ARG H 164 -19.86 12.49 13.84
N LEU H 165 -19.43 13.01 14.98
CA LEU H 165 -18.17 12.60 15.60
C LEU H 165 -18.42 12.08 17.01
N VAL H 166 -17.81 10.95 17.35
CA VAL H 166 -17.91 10.37 18.67
C VAL H 166 -16.50 10.11 19.22
N LYS H 167 -16.40 10.09 20.54
CA LYS H 167 -15.14 9.89 21.25
C LYS H 167 -15.17 8.51 21.90
N CYS H 168 -14.17 7.69 21.60
CA CYS H 168 -14.14 6.30 22.02
C CYS H 168 -12.87 6.02 22.80
N ASP H 169 -13.01 5.40 23.97
CA ASP H 169 -11.85 5.05 24.79
C ASP H 169 -11.88 3.61 25.26
N VAL H 170 -12.55 2.74 24.51
CA VAL H 170 -12.66 1.33 24.87
C VAL H 170 -11.38 0.61 24.47
N TYR H 171 -10.96 -0.34 25.31
CA TYR H 171 -9.81 -1.17 25.00
C TYR H 171 -10.09 -1.93 23.70
N PRO H 172 -9.08 -2.09 22.82
CA PRO H 172 -7.67 -1.71 22.93
C PRO H 172 -7.31 -0.32 22.39
N CYS H 173 -8.27 0.56 22.15
CA CYS H 173 -7.93 1.89 21.62
C CYS H 173 -7.11 2.66 22.64
N PRO H 174 -5.99 3.25 22.25
CA PRO H 174 -5.16 4.01 23.20
C PRO H 174 -5.72 5.41 23.42
N ASN H 175 -5.82 5.81 24.69
CA ASN H 175 -6.32 7.13 25.10
C ASN H 175 -7.73 7.27 24.55
N THR H 176 -8.07 8.37 23.88
CA THR H 176 -9.37 8.58 23.27
C THR H 176 -9.19 8.81 21.78
N VAL H 177 -10.05 8.21 20.98
CA VAL H 177 -9.96 8.34 19.52
C VAL H 177 -11.26 8.93 19.00
N ASP H 178 -11.16 9.58 17.84
CA ASP H 178 -12.30 10.16 17.14
C ASP H 178 -12.82 9.15 16.12
N CYS H 179 -14.13 8.96 16.09
CA CYS H 179 -14.76 8.07 15.13
C CYS H 179 -15.92 8.79 14.46
N PHE H 180 -16.22 8.41 13.22
CA PHE H 180 -17.15 9.15 12.38
C PHE H 180 -18.28 8.24 11.93
N VAL H 181 -19.51 8.76 12.01
CA VAL H 181 -20.74 8.03 11.75
C VAL H 181 -21.19 8.29 10.32
N SER H 182 -21.81 7.27 9.70
CA SER H 182 -22.31 7.39 8.34
C SER H 182 -23.73 7.93 8.34
N ARG H 183 -23.97 8.93 7.48
CA ARG H 183 -25.30 9.50 7.24
C ARG H 183 -26.06 9.88 8.52
N PRO H 184 -25.49 10.73 9.38
CA PRO H 184 -26.22 11.12 10.59
C PRO H 184 -27.55 11.83 10.33
N THR H 185 -27.60 12.71 9.32
CA THR H 185 -28.79 13.53 9.11
C THR H 185 -29.97 12.72 8.57
N GLU H 186 -29.72 11.86 7.60
CA GLU H 186 -30.79 11.02 7.04
C GLU H 186 -31.33 10.07 8.11
N LYS H 187 -30.44 9.50 8.91
CA LYS H 187 -30.87 8.65 10.01
C LYS H 187 -31.69 9.43 11.03
N THR H 188 -31.32 10.69 11.31
CA THR H 188 -32.13 11.51 12.20
C THR H 188 -33.53 11.73 11.64
N VAL H 189 -33.63 12.00 10.34
CA VAL H 189 -34.94 12.23 9.72
C VAL H 189 -35.81 10.99 9.84
N PHE H 190 -35.25 9.83 9.51
CA PHE H 190 -36.05 8.59 9.59
C PHE H 190 -36.39 8.24 11.03
N THR H 191 -35.50 8.53 11.98
CA THR H 191 -35.81 8.31 13.39
C THR H 191 -36.99 9.16 13.83
N VAL H 192 -37.02 10.43 13.41
CA VAL H 192 -38.14 11.30 13.75
C VAL H 192 -39.44 10.73 13.19
N PHE H 193 -39.41 10.30 11.92
CA PHE H 193 -40.61 9.70 11.34
C PHE H 193 -41.10 8.50 12.15
N MET H 194 -40.19 7.58 12.47
CA MET H 194 -40.58 6.36 13.15
C MET H 194 -41.10 6.64 14.56
N LEU H 195 -40.44 7.55 15.29
CA LEU H 195 -40.90 7.87 16.64
C LEU H 195 -42.27 8.53 16.62
N ALA H 196 -42.51 9.44 15.67
CA ALA H 196 -43.83 10.06 15.58
C ALA H 196 -44.90 9.02 15.28
N ALA H 197 -44.62 8.08 14.37
CA ALA H 197 -45.59 7.04 14.08
C ALA H 197 -45.88 6.18 15.29
N SER H 198 -44.84 5.82 16.05
CA SER H 198 -45.05 5.01 17.25
C SER H 198 -45.88 5.75 18.29
N GLY H 199 -45.62 7.05 18.48
CA GLY H 199 -46.41 7.81 19.43
C GLY H 199 -47.87 7.89 19.03
N ILE H 200 -48.13 8.09 17.73
CA ILE H 200 -49.51 8.10 17.25
C ILE H 200 -50.18 6.76 17.50
N CYS H 201 -49.45 5.66 17.29
CA CYS H 201 -50.02 4.35 17.55
C CYS H 201 -50.37 4.16 19.03
N ILE H 202 -49.50 4.63 19.92
CA ILE H 202 -49.79 4.53 21.36
C ILE H 202 -51.05 5.30 21.71
N ILE H 203 -51.17 6.53 21.19
CA ILE H 203 -52.35 7.33 21.48
C ILE H 203 -53.61 6.65 20.97
N LEU H 204 -53.54 6.09 19.75
CA LEU H 204 -54.70 5.42 19.18
C LEU H 204 -55.09 4.18 19.98
N ASN H 205 -54.11 3.42 20.47
CA ASN H 205 -54.43 2.25 21.29
C ASN H 205 -55.11 2.65 22.59
N VAL H 206 -54.62 3.72 23.24
CA VAL H 206 -55.27 4.19 24.46
C VAL H 206 -56.70 4.62 24.17
N ALA H 207 -56.90 5.35 23.08
CA ALA H 207 -58.25 5.74 22.69
C ALA H 207 -59.12 4.53 22.42
N GLU H 208 -58.57 3.48 21.82
CA GLU H 208 -59.33 2.28 21.52
C GLU H 208 -59.82 1.60 22.80
N VAL H 209 -58.92 1.41 23.77
CA VAL H 209 -59.36 0.75 25.00
C VAL H 209 -60.38 1.60 25.74
N VAL H 210 -60.17 2.93 25.78
CA VAL H 210 -61.13 3.79 26.46
C VAL H 210 -62.49 3.73 25.78
N TYR H 211 -62.51 3.76 24.45
CA TYR H 211 -63.77 3.71 23.71
C TYR H 211 -64.49 2.39 23.92
N LEU H 212 -63.74 1.27 23.92
CA LEU H 212 -64.36 -0.03 24.16
C LEU H 212 -64.95 -0.10 25.56
N ILE H 213 -64.23 0.40 26.57
CA ILE H 213 -64.75 0.39 27.93
C ILE H 213 -66.01 1.23 28.03
N ILE H 214 -66.01 2.41 27.39
CA ILE H 214 -67.19 3.28 27.43
C ILE H 214 -68.38 2.60 26.77
N ARG H 215 -68.17 1.98 25.61
CA ARG H 215 -69.25 1.27 24.94
C ARG H 215 -69.75 0.09 25.76
N ALA H 216 -68.87 -0.53 26.56
CA ALA H 216 -69.29 -1.67 27.37
C ALA H 216 -70.35 -1.27 28.39
N CYS H 217 -70.17 -0.12 29.04
CA CYS H 217 -71.13 0.34 30.03
C CYS H 217 -71.82 1.62 29.57
N THR I 4 -50.78 -4.09 -11.18
CA THR I 4 -51.14 -2.71 -11.51
C THR I 4 -52.41 -2.29 -10.78
N GLY I 5 -53.22 -3.28 -10.40
CA GLY I 5 -54.45 -2.98 -9.66
C GLY I 5 -54.17 -2.35 -8.32
N LEU I 6 -53.14 -2.84 -7.62
CA LEU I 6 -52.74 -2.22 -6.36
C LEU I 6 -52.28 -0.79 -6.58
N TYR I 7 -51.56 -0.53 -7.68
CA TYR I 7 -51.13 0.83 -7.98
C TYR I 7 -52.31 1.75 -8.26
N THR I 8 -53.32 1.28 -8.99
CA THR I 8 -54.49 2.11 -9.24
C THR I 8 -55.28 2.33 -7.97
N LEU I 9 -55.31 1.34 -7.07
CA LEU I 9 -55.92 1.55 -5.76
C LEU I 9 -55.18 2.62 -4.96
N LEU I 10 -53.84 2.57 -4.98
CA LEU I 10 -53.05 3.57 -4.27
C LEU I 10 -53.13 4.95 -4.90
N SER I 11 -53.46 5.03 -6.19
CA SER I 11 -53.59 6.33 -6.84
C SER I 11 -54.73 7.14 -6.26
N GLY I 12 -55.87 6.49 -5.97
CA GLY I 12 -57.01 7.19 -5.43
C GLY I 12 -58.26 7.05 -6.29
N VAL I 13 -58.33 5.97 -7.06
CA VAL I 13 -59.50 5.74 -7.90
C VAL I 13 -60.71 5.45 -7.01
N ASN I 14 -61.79 6.21 -7.24
CA ASN I 14 -62.99 6.09 -6.43
C ASN I 14 -64.19 6.11 -7.36
N ARG I 15 -65.33 5.63 -6.85
CA ARG I 15 -66.55 5.64 -7.65
C ARG I 15 -67.03 7.04 -7.97
N HIS I 16 -66.63 8.04 -7.16
CA HIS I 16 -66.95 9.44 -7.43
C HIS I 16 -65.89 10.12 -8.29
N SER I 17 -64.82 9.42 -8.65
CA SER I 17 -63.76 10.03 -9.44
C SER I 17 -64.21 10.24 -10.88
N THR I 18 -63.78 11.34 -11.47
CA THR I 18 -64.07 11.62 -12.86
C THR I 18 -63.01 10.96 -13.74
N ALA I 19 -62.98 11.32 -15.02
CA ALA I 19 -61.98 10.75 -15.92
C ALA I 19 -60.57 11.16 -15.52
N ILE I 20 -60.40 12.42 -15.09
CA ILE I 20 -59.06 12.93 -14.77
C ILE I 20 -58.43 12.12 -13.66
N GLY I 21 -59.19 11.86 -12.59
CA GLY I 21 -58.64 11.12 -11.46
C GLY I 21 -58.56 9.63 -11.68
N ARG I 22 -59.32 9.09 -12.63
CA ARG I 22 -59.38 7.65 -12.83
C ARG I 22 -58.44 7.13 -13.90
N VAL I 23 -58.22 7.89 -14.97
CA VAL I 23 -57.41 7.40 -16.08
C VAL I 23 -56.10 8.16 -16.26
N TRP I 24 -55.99 9.38 -15.75
CA TRP I 24 -54.78 10.18 -15.95
C TRP I 24 -53.88 10.21 -14.71
N LEU I 25 -54.45 10.45 -13.53
CA LEU I 25 -53.63 10.55 -12.32
C LEU I 25 -52.97 9.21 -11.99
N SER I 26 -53.72 8.11 -12.16
CA SER I 26 -53.18 6.79 -11.83
C SER I 26 -52.01 6.42 -12.73
N VAL I 27 -52.10 6.77 -14.02
CA VAL I 27 -51.03 6.46 -14.95
C VAL I 27 -49.75 7.21 -14.57
N ILE I 28 -49.88 8.48 -14.19
CA ILE I 28 -48.70 9.25 -13.77
C ILE I 28 -48.13 8.67 -12.49
N PHE I 29 -49.00 8.22 -11.57
CA PHE I 29 -48.52 7.58 -10.35
C PHE I 29 -47.69 6.33 -10.67
N ILE I 30 -48.20 5.48 -11.57
CA ILE I 30 -47.49 4.27 -11.94
C ILE I 30 -46.19 4.62 -12.66
N PHE I 31 -46.20 5.68 -13.47
CA PHE I 31 -44.99 6.12 -14.16
C PHE I 31 -43.91 6.53 -13.16
N ARG I 32 -44.30 7.30 -12.13
CA ARG I 32 -43.34 7.69 -11.11
C ARG I 32 -42.81 6.48 -10.35
N ILE I 33 -43.69 5.52 -10.04
CA ILE I 33 -43.24 4.31 -9.35
C ILE I 33 -42.20 3.57 -10.21
N MET I 34 -42.48 3.42 -11.51
CA MET I 34 -41.58 2.67 -12.37
C MET I 34 -40.24 3.38 -12.54
N VAL I 35 -40.26 4.70 -12.73
CA VAL I 35 -39.01 5.43 -12.87
C VAL I 35 -38.18 5.33 -11.60
N LEU I 36 -38.84 5.45 -10.44
CA LEU I 36 -38.11 5.33 -9.18
C LEU I 36 -37.52 3.94 -9.01
N VAL I 37 -38.26 2.90 -9.37
CA VAL I 37 -37.74 1.54 -9.27
C VAL I 37 -36.53 1.36 -10.18
N VAL I 38 -36.59 1.92 -11.39
CA VAL I 38 -35.47 1.81 -12.32
C VAL I 38 -34.24 2.54 -11.78
N ALA I 39 -34.42 3.72 -11.21
CA ALA I 39 -33.30 4.59 -10.85
C ALA I 39 -32.82 4.43 -9.42
N ALA I 40 -33.49 3.64 -8.58
CA ALA I 40 -33.15 3.60 -7.17
C ALA I 40 -31.72 3.13 -6.94
N GLU I 41 -31.43 1.87 -7.26
CA GLU I 41 -30.14 1.30 -6.95
C GLU I 41 -29.19 1.27 -8.14
N SER I 42 -29.68 1.51 -9.36
CA SER I 42 -28.80 1.51 -10.51
C SER I 42 -27.87 2.72 -10.51
N VAL I 43 -28.41 3.91 -10.27
CA VAL I 43 -27.64 5.14 -10.41
C VAL I 43 -27.35 5.81 -9.08
N TRP I 44 -28.19 5.63 -8.06
CA TRP I 44 -27.94 6.19 -6.74
C TRP I 44 -27.33 5.16 -5.79
N GLY I 45 -27.01 3.96 -6.27
CA GLY I 45 -26.50 2.93 -5.38
C GLY I 45 -25.14 3.24 -4.80
N ASP I 46 -24.23 3.78 -5.62
CA ASP I 46 -22.86 4.07 -5.19
C ASP I 46 -22.65 5.55 -4.91
N GLU I 47 -23.68 6.24 -4.41
CA GLU I 47 -23.58 7.69 -4.18
C GLU I 47 -22.52 8.02 -3.14
N LYS I 48 -22.42 7.22 -2.08
CA LYS I 48 -21.50 7.50 -0.99
C LYS I 48 -20.19 6.74 -1.10
N SER I 49 -20.22 5.51 -1.63
CA SER I 49 -18.99 4.73 -1.72
C SER I 49 -18.04 5.27 -2.78
N SER I 50 -18.57 5.94 -3.80
CA SER I 50 -17.74 6.53 -4.84
C SER I 50 -17.46 8.01 -4.60
N PHE I 51 -17.99 8.59 -3.53
CA PHE I 51 -17.73 9.98 -3.18
C PHE I 51 -16.34 10.10 -2.57
N ILE I 52 -15.47 10.89 -3.21
CA ILE I 52 -14.09 11.03 -2.75
C ILE I 52 -13.71 12.50 -2.71
N CYS I 53 -12.77 12.81 -1.84
CA CYS I 53 -12.25 14.16 -1.67
C CYS I 53 -10.72 14.13 -1.74
N ASN I 54 -10.14 15.24 -2.19
CA ASN I 54 -8.69 15.35 -2.36
C ASN I 54 -8.08 15.80 -1.03
N THR I 55 -7.81 14.81 -0.16
CA THR I 55 -7.24 15.09 1.14
C THR I 55 -6.73 13.80 1.76
N LEU I 56 -5.86 13.94 2.74
CA LEU I 56 -5.39 12.82 3.56
C LEU I 56 -6.03 12.79 4.94
N GLN I 57 -6.96 13.70 5.21
CA GLN I 57 -7.56 13.79 6.54
C GLN I 57 -8.57 12.67 6.75
N PRO I 58 -8.42 11.83 7.77
CA PRO I 58 -9.41 10.79 8.02
C PRO I 58 -10.76 11.38 8.43
N GLY I 59 -11.83 10.82 7.88
CA GLY I 59 -13.18 11.22 8.20
C GLY I 59 -13.72 12.39 7.41
N CYS I 60 -12.95 12.96 6.48
CA CYS I 60 -13.43 14.12 5.73
C CYS I 60 -14.46 13.72 4.68
N ASN I 61 -14.29 12.54 4.07
CA ASN I 61 -15.25 12.08 3.07
C ASN I 61 -16.66 11.96 3.64
N SER I 62 -16.78 11.33 4.81
CA SER I 62 -18.10 11.09 5.39
C SER I 62 -18.77 12.40 5.80
N VAL I 63 -18.04 13.30 6.44
CA VAL I 63 -18.65 14.55 6.89
C VAL I 63 -19.02 15.43 5.69
N CYS I 64 -18.19 15.44 4.65
CA CYS I 64 -18.54 16.23 3.47
C CYS I 64 -19.75 15.66 2.76
N TYR I 65 -19.83 14.34 2.62
CA TYR I 65 -21.01 13.74 2.01
C TYR I 65 -22.26 14.05 2.81
N ASP I 66 -22.18 13.96 4.14
CA ASP I 66 -23.34 14.28 4.96
C ASP I 66 -23.73 15.73 4.85
N GLN I 67 -22.74 16.63 4.74
CA GLN I 67 -23.03 18.05 4.60
C GLN I 67 -23.75 18.34 3.28
N PHE I 68 -23.30 17.74 2.18
CA PHE I 68 -23.86 18.10 0.89
C PHE I 68 -25.09 17.28 0.49
N PHE I 69 -25.34 16.15 1.12
CA PHE I 69 -26.50 15.32 0.83
C PHE I 69 -27.18 14.92 2.13
N PRO I 70 -27.90 15.84 2.77
CA PRO I 70 -28.57 15.51 4.04
C PRO I 70 -29.54 14.34 3.90
N ILE I 71 -30.23 14.24 2.78
CA ILE I 71 -31.08 13.10 2.48
C ILE I 71 -31.07 12.89 0.96
N SER I 72 -30.92 11.65 0.54
CA SER I 72 -30.81 11.33 -0.88
C SER I 72 -32.11 11.66 -1.61
N HIS I 73 -31.99 11.95 -2.91
CA HIS I 73 -33.15 12.24 -3.73
C HIS I 73 -34.11 11.06 -3.76
N VAL I 74 -33.57 9.84 -3.85
CA VAL I 74 -34.40 8.64 -3.96
C VAL I 74 -35.23 8.45 -2.70
N ARG I 75 -34.63 8.67 -1.53
CA ARG I 75 -35.39 8.54 -0.29
C ARG I 75 -36.49 9.60 -0.18
N LEU I 76 -36.19 10.82 -0.62
CA LEU I 76 -37.22 11.86 -0.65
C LEU I 76 -38.39 11.46 -1.54
N TRP I 77 -38.09 10.94 -2.73
CA TRP I 77 -39.17 10.52 -3.63
C TRP I 77 -39.95 9.35 -3.07
N SER I 78 -39.27 8.41 -2.41
CA SER I 78 -39.96 7.29 -1.79
C SER I 78 -40.92 7.75 -0.70
N LEU I 79 -40.45 8.64 0.18
CA LEU I 79 -41.31 9.17 1.23
C LEU I 79 -42.49 9.93 0.63
N GLN I 80 -42.23 10.71 -0.43
CA GLN I 80 -43.31 11.45 -1.08
C GLN I 80 -44.37 10.50 -1.63
N LEU I 81 -43.95 9.42 -2.29
CA LEU I 81 -44.90 8.46 -2.83
C LEU I 81 -45.71 7.80 -1.72
N ILE I 82 -45.05 7.41 -0.63
CA ILE I 82 -45.76 6.75 0.46
C ILE I 82 -46.81 7.69 1.06
N LEU I 83 -46.42 8.93 1.34
CA LEU I 83 -47.34 9.87 1.96
C LEU I 83 -48.47 10.24 1.01
N VAL I 84 -48.19 10.33 -0.30
CA VAL I 84 -49.25 10.63 -1.26
C VAL I 84 -50.23 9.47 -1.36
N SER I 85 -49.74 8.24 -1.29
CA SER I 85 -50.63 7.09 -1.40
C SER I 85 -51.38 6.78 -0.11
N THR I 86 -50.96 7.33 1.03
CA THR I 86 -51.65 7.05 2.28
C THR I 86 -53.13 7.41 2.29
N PRO I 87 -53.55 8.63 1.92
CA PRO I 87 -54.99 8.96 2.01
C PRO I 87 -55.88 8.09 1.13
N ALA I 88 -55.39 7.63 -0.01
CA ALA I 88 -56.19 6.78 -0.88
C ALA I 88 -56.55 5.47 -0.20
N LEU I 89 -55.55 4.82 0.41
CA LEU I 89 -55.84 3.57 1.11
C LEU I 89 -56.61 3.82 2.41
N LEU I 90 -56.45 4.99 3.02
CA LEU I 90 -57.30 5.35 4.15
C LEU I 90 -58.77 5.38 3.73
N VAL I 91 -59.05 6.02 2.60
CA VAL I 91 -60.41 6.07 2.07
C VAL I 91 -60.90 4.67 1.71
N ALA I 92 -60.04 3.86 1.11
CA ALA I 92 -60.43 2.50 0.74
C ALA I 92 -60.79 1.67 1.97
N MET I 93 -60.00 1.77 3.04
CA MET I 93 -60.33 1.06 4.26
C MET I 93 -61.62 1.57 4.89
N HIS I 94 -61.86 2.89 4.84
CA HIS I 94 -63.12 3.41 5.34
C HIS I 94 -64.31 2.86 4.55
N VAL I 95 -64.18 2.77 3.23
CA VAL I 95 -65.24 2.22 2.40
C VAL I 95 -65.47 0.75 2.73
N ALA I 96 -64.39 -0.01 2.92
CA ALA I 96 -64.53 -1.42 3.30
C ALA I 96 -65.22 -1.56 4.64
N HIS I 97 -64.87 -0.70 5.60
CA HIS I 97 -65.53 -0.72 6.90
C HIS I 97 -67.02 -0.41 6.78
N GLN I 98 -67.37 0.59 5.97
CA GLN I 98 -68.77 0.93 5.78
C GLN I 98 -69.55 -0.23 5.14
N GLN I 99 -68.95 -0.87 4.13
CA GLN I 99 -69.61 -2.00 3.48
C GLN I 99 -69.76 -3.18 4.42
N HIS I 100 -68.76 -3.44 5.26
CA HIS I 100 -68.88 -4.51 6.25
C HIS I 100 -69.98 -4.22 7.25
N ILE I 101 -70.08 -2.96 7.69
CA ILE I 101 -71.15 -2.57 8.62
C ILE I 101 -72.51 -2.77 7.96
N GLU I 102 -72.62 -2.40 6.68
CA GLU I 102 -73.88 -2.63 5.96
C GLU I 102 -74.19 -4.11 5.84
N LYS I 103 -73.18 -4.94 5.57
CA LYS I 103 -73.41 -6.37 5.41
C LYS I 103 -73.84 -7.01 6.72
N LYS I 104 -73.24 -6.62 7.84
CA LYS I 104 -73.56 -7.24 9.12
C LYS I 104 -74.91 -6.80 9.68
N MET I 105 -75.53 -5.77 9.11
CA MET I 105 -76.85 -5.35 9.56
C MET I 105 -77.93 -5.78 8.59
N ILE I 127 -74.19 7.25 3.82
CA ILE I 127 -74.81 7.82 2.63
C ILE I 127 -73.74 8.20 1.61
N SER I 128 -74.17 8.71 0.47
CA SER I 128 -73.23 9.09 -0.59
C SER I 128 -72.50 10.39 -0.26
N GLY I 129 -73.14 11.28 0.50
CA GLY I 129 -72.50 12.55 0.82
C GLY I 129 -71.23 12.38 1.62
N THR I 130 -71.23 11.44 2.56
CA THR I 130 -70.02 11.16 3.32
C THR I 130 -68.89 10.70 2.42
N LEU I 131 -69.21 9.81 1.46
CA LEU I 131 -68.20 9.38 0.51
C LEU I 131 -67.68 10.54 -0.33
N TRP I 132 -68.57 11.43 -0.77
CA TRP I 132 -68.16 12.57 -1.58
C TRP I 132 -67.21 13.49 -0.80
N TRP I 133 -67.58 13.80 0.45
CA TRP I 133 -66.73 14.67 1.26
C TRP I 133 -65.40 14.00 1.58
N THR I 134 -65.41 12.70 1.86
CA THR I 134 -64.16 11.99 2.11
C THR I 134 -63.25 12.04 0.88
N TYR I 135 -63.84 11.86 -0.31
CA TYR I 135 -63.05 11.90 -1.53
C TYR I 135 -62.43 13.29 -1.74
N VAL I 136 -63.21 14.35 -1.55
CA VAL I 136 -62.65 15.68 -1.79
C VAL I 136 -61.58 16.00 -0.76
N ILE I 137 -61.77 15.58 0.50
CA ILE I 137 -60.75 15.83 1.52
C ILE I 137 -59.47 15.07 1.20
N SER I 138 -59.59 13.83 0.74
CA SER I 138 -58.41 13.05 0.40
C SER I 138 -57.65 13.68 -0.77
N VAL I 139 -58.39 14.19 -1.77
CA VAL I 139 -57.71 14.84 -2.90
C VAL I 139 -56.97 16.09 -2.41
N VAL I 140 -57.61 16.87 -1.53
CA VAL I 140 -56.94 18.06 -1.00
C VAL I 140 -55.67 17.67 -0.24
N PHE I 141 -55.73 16.60 0.55
CA PHE I 141 -54.55 16.17 1.29
C PHE I 141 -53.43 15.70 0.36
N ARG I 142 -53.79 15.01 -0.71
CA ARG I 142 -52.77 14.62 -1.69
C ARG I 142 -52.10 15.85 -2.30
N LEU I 143 -52.91 16.85 -2.65
CA LEU I 143 -52.35 18.09 -3.20
C LEU I 143 -51.40 18.75 -2.21
N LEU I 144 -51.79 18.80 -0.93
CA LEU I 144 -50.93 19.41 0.09
C LEU I 144 -49.62 18.65 0.24
N PHE I 145 -49.67 17.32 0.25
CA PHE I 145 -48.44 16.54 0.39
C PHE I 145 -47.50 16.77 -0.78
N GLU I 146 -48.04 16.76 -2.01
CA GLU I 146 -47.19 17.00 -3.17
C GLU I 146 -46.57 18.39 -3.11
N ALA I 147 -47.36 19.41 -2.74
CA ALA I 147 -46.83 20.76 -2.67
C ALA I 147 -45.73 20.89 -1.63
N VAL I 148 -45.93 20.31 -0.45
CA VAL I 148 -44.91 20.46 0.60
C VAL I 148 -43.64 19.71 0.23
N PHE I 149 -43.76 18.56 -0.44
CA PHE I 149 -42.54 17.86 -0.85
C PHE I 149 -41.80 18.63 -1.96
N MET I 150 -42.54 19.25 -2.88
CA MET I 150 -41.89 20.11 -3.86
C MET I 150 -41.14 21.25 -3.17
N TYR I 151 -41.78 21.87 -2.16
CA TYR I 151 -41.14 22.98 -1.47
C TYR I 151 -39.89 22.52 -0.72
N VAL I 152 -39.94 21.38 -0.04
CA VAL I 152 -38.76 20.94 0.69
C VAL I 152 -37.63 20.55 -0.27
N PHE I 153 -37.97 19.98 -1.43
CA PHE I 153 -36.93 19.71 -2.42
C PHE I 153 -36.30 21.01 -2.91
N TYR I 154 -37.12 22.04 -3.12
CA TYR I 154 -36.56 23.34 -3.52
C TYR I 154 -35.66 23.92 -2.43
N LEU I 155 -36.03 23.72 -1.17
CA LEU I 155 -35.19 24.22 -0.08
C LEU I 155 -33.85 23.50 -0.03
N LEU I 156 -33.85 22.17 -0.13
CA LEU I 156 -32.60 21.42 0.03
C LEU I 156 -31.71 21.55 -1.19
N TYR I 157 -32.28 21.48 -2.39
CA TYR I 157 -31.52 21.47 -3.64
C TYR I 157 -32.09 22.52 -4.57
N PRO I 158 -31.67 23.78 -4.43
CA PRO I 158 -32.29 24.87 -5.21
C PRO I 158 -32.22 24.66 -6.72
N GLY I 159 -31.11 24.16 -7.23
CA GLY I 159 -30.95 23.93 -8.66
C GLY I 159 -31.30 22.51 -9.04
N TYR I 160 -31.95 22.35 -10.20
CA TYR I 160 -32.29 21.02 -10.67
C TYR I 160 -31.08 20.25 -11.16
N ALA I 161 -29.97 20.93 -11.41
CA ALA I 161 -28.75 20.30 -11.92
C ALA I 161 -27.79 19.98 -10.79
N MET I 162 -27.05 18.89 -10.95
CA MET I 162 -26.04 18.46 -10.00
C MET I 162 -24.66 18.72 -10.59
N VAL I 163 -23.75 19.21 -9.76
CA VAL I 163 -22.43 19.64 -10.21
C VAL I 163 -21.41 18.55 -9.94
N ARG I 164 -20.31 18.58 -10.71
CA ARG I 164 -19.26 17.57 -10.57
C ARG I 164 -18.41 17.80 -9.32
N LEU I 165 -18.05 19.05 -9.03
CA LEU I 165 -17.11 19.38 -7.97
C LEU I 165 -17.76 20.27 -6.94
N VAL I 166 -17.54 19.95 -5.66
CA VAL I 166 -18.04 20.74 -4.56
C VAL I 166 -16.90 21.09 -3.61
N LYS I 167 -17.07 22.20 -2.89
CA LYS I 167 -16.07 22.72 -1.97
C LYS I 167 -16.58 22.51 -0.55
N CYS I 168 -15.78 21.84 0.28
CA CYS I 168 -16.19 21.43 1.61
C CYS I 168 -15.21 21.97 2.64
N ASP I 169 -15.74 22.59 3.70
CA ASP I 169 -14.88 23.14 4.76
C ASP I 169 -15.39 22.75 6.14
N VAL I 170 -16.08 21.62 6.24
CA VAL I 170 -16.61 21.15 7.52
C VAL I 170 -15.51 20.46 8.31
N TYR I 171 -15.52 20.65 9.62
CA TYR I 171 -14.57 19.96 10.49
C TYR I 171 -14.76 18.45 10.36
N PRO I 172 -13.67 17.66 10.34
CA PRO I 172 -12.27 18.03 10.55
C PRO I 172 -11.47 18.35 9.29
N CYS I 173 -12.11 18.60 8.15
CA CYS I 173 -11.36 18.88 6.93
C CYS I 173 -10.59 20.19 7.09
N PRO I 174 -9.30 20.22 6.77
CA PRO I 174 -8.52 21.46 6.93
C PRO I 174 -8.73 22.39 5.74
N ASN I 175 -8.98 23.67 6.04
CA ASN I 175 -9.20 24.72 5.04
C ASN I 175 -10.39 24.29 4.19
N THR I 176 -10.30 24.34 2.86
CA THR I 176 -11.36 23.89 1.96
C THR I 176 -10.81 22.79 1.08
N VAL I 177 -11.61 21.74 0.87
CA VAL I 177 -11.21 20.60 0.06
C VAL I 177 -12.19 20.44 -1.10
N ASP I 178 -11.70 19.84 -2.18
CA ASP I 178 -12.48 19.52 -3.35
C ASP I 178 -13.02 18.11 -3.24
N CYS I 179 -14.31 17.93 -3.52
CA CYS I 179 -14.93 16.62 -3.51
C CYS I 179 -15.72 16.43 -4.80
N PHE I 180 -15.84 15.18 -5.23
CA PHE I 180 -16.37 14.85 -6.54
C PHE I 180 -17.59 13.94 -6.42
N VAL I 181 -18.63 14.27 -7.18
CA VAL I 181 -19.93 13.60 -7.13
C VAL I 181 -20.00 12.53 -8.21
N SER I 182 -20.71 11.44 -7.92
CA SER I 182 -20.88 10.35 -8.86
C SER I 182 -22.09 10.60 -9.76
N ARG I 183 -21.89 10.40 -11.05
CA ARG I 183 -22.96 10.47 -12.05
C ARG I 183 -23.84 11.72 -11.97
N PRO I 184 -23.25 12.92 -12.04
CA PRO I 184 -24.10 14.13 -11.97
C PRO I 184 -25.12 14.24 -13.09
N THR I 185 -24.75 13.87 -14.32
CA THR I 185 -25.62 14.12 -15.47
C THR I 185 -26.84 13.19 -15.47
N GLU I 186 -26.62 11.90 -15.20
CA GLU I 186 -27.73 10.96 -15.15
C GLU I 186 -28.70 11.31 -14.02
N LYS I 187 -28.16 11.71 -12.87
CA LYS I 187 -28.99 12.15 -11.76
C LYS I 187 -29.78 13.39 -12.14
N THR I 188 -29.18 14.32 -12.88
CA THR I 188 -29.91 15.50 -13.35
C THR I 188 -31.07 15.10 -14.25
N VAL I 189 -30.83 14.16 -15.17
CA VAL I 189 -31.89 13.72 -16.09
C VAL I 189 -33.06 13.13 -15.31
N PHE I 190 -32.76 12.24 -14.37
CA PHE I 190 -33.84 11.61 -13.60
C PHE I 190 -34.54 12.61 -12.70
N THR I 191 -33.81 13.60 -12.16
CA THR I 191 -34.44 14.65 -11.38
C THR I 191 -35.43 15.44 -12.22
N VAL I 192 -35.05 15.77 -13.45
CA VAL I 192 -35.97 16.50 -14.33
C VAL I 192 -37.22 15.68 -14.59
N PHE I 193 -37.06 14.39 -14.87
CA PHE I 193 -38.22 13.53 -15.08
C PHE I 193 -39.16 13.54 -13.87
N MET I 194 -38.59 13.34 -12.68
CA MET I 194 -39.41 13.24 -11.47
C MET I 194 -40.11 14.55 -11.15
N LEU I 195 -39.41 15.68 -11.29
CA LEU I 195 -40.02 16.97 -11.02
C LEU I 195 -41.14 17.28 -12.00
N ALA I 196 -40.95 16.96 -13.28
CA ALA I 196 -42.02 17.19 -14.26
C ALA I 196 -43.25 16.35 -13.92
N ALA I 197 -43.03 15.08 -13.55
CA ALA I 197 -44.16 14.23 -13.18
C ALA I 197 -44.90 14.78 -11.96
N SER I 198 -44.16 15.25 -10.95
CA SER I 198 -44.81 15.81 -9.77
C SER I 198 -45.61 17.06 -10.10
N GLY I 199 -45.06 17.93 -10.95
CA GLY I 199 -45.81 19.12 -11.35
C GLY I 199 -47.09 18.78 -12.08
N ILE I 200 -47.02 17.79 -12.99
CA ILE I 200 -48.23 17.35 -13.68
C ILE I 200 -49.26 16.83 -12.69
N CYS I 201 -48.81 16.06 -11.70
CA CYS I 201 -49.73 15.54 -10.69
C CYS I 201 -50.40 16.67 -9.91
N ILE I 202 -49.64 17.71 -9.55
CA ILE I 202 -50.22 18.84 -8.83
C ILE I 202 -51.29 19.52 -9.68
N ILE I 203 -50.98 19.76 -10.95
CA ILE I 203 -51.96 20.41 -11.82
C ILE I 203 -53.22 19.56 -11.95
N LEU I 204 -53.05 18.24 -12.11
CA LEU I 204 -54.21 17.37 -12.24
C LEU I 204 -55.06 17.34 -10.97
N ASN I 205 -54.42 17.37 -9.80
CA ASN I 205 -55.19 17.40 -8.56
C ASN I 205 -55.99 18.69 -8.42
N VAL I 206 -55.39 19.82 -8.79
CA VAL I 206 -56.12 21.09 -8.74
C VAL I 206 -57.30 21.04 -9.70
N ALA I 207 -57.08 20.53 -10.91
CA ALA I 207 -58.19 20.39 -11.85
C ALA I 207 -59.27 19.47 -11.30
N GLU I 208 -58.89 18.41 -10.59
CA GLU I 208 -59.87 17.48 -10.03
C GLU I 208 -60.75 18.17 -9.00
N VAL I 209 -60.15 18.89 -8.06
CA VAL I 209 -60.96 19.55 -7.04
C VAL I 209 -61.86 20.61 -7.66
N VAL I 210 -61.33 21.37 -8.63
CA VAL I 210 -62.16 22.39 -9.28
C VAL I 210 -63.32 21.75 -10.01
N TYR I 211 -63.07 20.65 -10.73
CA TYR I 211 -64.13 19.98 -11.47
C TYR I 211 -65.19 19.42 -10.53
N LEU I 212 -64.78 18.83 -9.42
CA LEU I 212 -65.73 18.30 -8.46
C LEU I 212 -66.59 19.41 -7.86
N ILE I 213 -65.97 20.55 -7.52
CA ILE I 213 -66.73 21.66 -6.98
C ILE I 213 -67.73 22.18 -8.00
N ILE I 214 -67.30 22.29 -9.27
CA ILE I 214 -68.21 22.77 -10.31
C ILE I 214 -69.38 21.82 -10.48
N ARG I 215 -69.11 20.51 -10.52
CA ARG I 215 -70.19 19.54 -10.66
C ARG I 215 -71.12 19.56 -9.45
N ALA I 216 -70.60 19.93 -8.27
CA ALA I 216 -71.44 19.98 -7.07
C ALA I 216 -72.55 21.01 -7.22
N CYS I 217 -72.24 22.18 -7.76
CA CYS I 217 -73.25 23.22 -7.95
C CYS I 217 -73.48 23.49 -9.43
N THR J 4 -46.72 -13.31 -18.90
CA THR J 4 -46.60 -12.78 -20.26
C THR J 4 -47.85 -11.99 -20.64
N GLY J 5 -48.96 -12.25 -19.95
CA GLY J 5 -50.18 -11.51 -20.22
C GLY J 5 -50.05 -10.03 -19.92
N LEU J 6 -49.35 -9.69 -18.83
CA LEU J 6 -49.08 -8.29 -18.53
C LEU J 6 -48.24 -7.66 -19.62
N TYR J 7 -47.27 -8.40 -20.16
CA TYR J 7 -46.45 -7.88 -21.25
C TYR J 7 -47.27 -7.61 -22.50
N THR J 8 -48.19 -8.52 -22.84
CA THR J 8 -49.04 -8.31 -24.00
C THR J 8 -49.99 -7.14 -23.77
N LEU J 9 -50.45 -6.96 -22.54
CA LEU J 9 -51.25 -5.79 -22.22
C LEU J 9 -50.44 -4.50 -22.41
N LEU J 10 -49.19 -4.50 -21.96
CA LEU J 10 -48.33 -3.33 -22.12
C LEU J 10 -47.95 -3.09 -23.57
N SER J 11 -47.98 -4.12 -24.41
CA SER J 11 -47.64 -3.94 -25.82
C SER J 11 -48.64 -3.04 -26.53
N GLY J 12 -49.93 -3.20 -26.23
CA GLY J 12 -50.95 -2.40 -26.88
C GLY J 12 -51.98 -3.23 -27.61
N VAL J 13 -52.17 -4.48 -27.18
CA VAL J 13 -53.15 -5.35 -27.80
C VAL J 13 -54.54 -4.82 -27.53
N ASN J 14 -55.33 -4.62 -28.59
CA ASN J 14 -56.66 -4.06 -28.47
C ASN J 14 -57.60 -4.88 -29.35
N ARG J 15 -58.90 -4.75 -29.08
CA ARG J 15 -59.89 -5.46 -29.90
C ARG J 15 -59.92 -4.96 -31.33
N HIS J 16 -59.50 -3.71 -31.57
CA HIS J 16 -59.39 -3.18 -32.92
C HIS J 16 -58.05 -3.47 -33.57
N SER J 17 -57.14 -4.12 -32.86
CA SER J 17 -55.82 -4.41 -33.42
C SER J 17 -55.91 -5.51 -34.47
N THR J 18 -55.11 -5.38 -35.52
CA THR J 18 -55.03 -6.41 -36.55
C THR J 18 -54.03 -7.47 -36.11
N ALA J 19 -53.64 -8.35 -37.04
CA ALA J 19 -52.66 -9.37 -36.72
C ALA J 19 -51.30 -8.77 -36.39
N ILE J 20 -50.91 -7.72 -37.11
CA ILE J 20 -49.59 -7.13 -36.94
C ILE J 20 -49.42 -6.61 -35.51
N GLY J 21 -50.41 -5.89 -35.00
CA GLY J 21 -50.32 -5.34 -33.66
C GLY J 21 -50.57 -6.34 -32.55
N ARG J 22 -51.23 -7.44 -32.86
CA ARG J 22 -51.63 -8.39 -31.84
C ARG J 22 -50.66 -9.55 -31.66
N VAL J 23 -50.03 -10.03 -32.73
CA VAL J 23 -49.18 -11.21 -32.65
C VAL J 23 -47.70 -10.90 -32.92
N TRP J 24 -47.39 -9.81 -33.60
CA TRP J 24 -46.00 -9.49 -33.94
C TRP J 24 -45.40 -8.42 -33.04
N LEU J 25 -46.10 -7.32 -32.82
CA LEU J 25 -45.55 -6.23 -32.02
C LEU J 25 -45.34 -6.65 -30.57
N SER J 26 -46.29 -7.40 -30.01
CA SER J 26 -46.19 -7.84 -28.63
C SER J 26 -45.00 -8.75 -28.41
N VAL J 27 -44.73 -9.64 -29.38
CA VAL J 27 -43.60 -10.55 -29.26
C VAL J 27 -42.29 -9.78 -29.24
N ILE J 28 -42.15 -8.77 -30.11
CA ILE J 28 -40.94 -7.96 -30.12
C ILE J 28 -40.81 -7.18 -28.82
N PHE J 29 -41.92 -6.70 -28.27
CA PHE J 29 -41.88 -6.01 -26.98
C PHE J 29 -41.36 -6.94 -25.88
N ILE J 30 -41.87 -8.17 -25.84
CA ILE J 30 -41.43 -9.13 -24.83
C ILE J 30 -39.96 -9.49 -25.04
N PHE J 31 -39.54 -9.60 -26.31
CA PHE J 31 -38.14 -9.90 -26.62
C PHE J 31 -37.23 -8.80 -26.09
N ARG J 32 -37.60 -7.53 -26.30
CA ARG J 32 -36.80 -6.44 -25.79
C ARG J 32 -36.75 -6.45 -24.27
N ILE J 33 -37.89 -6.73 -23.62
CA ILE J 33 -37.91 -6.82 -22.16
C ILE J 33 -36.94 -7.90 -21.68
N MET J 34 -37.00 -9.07 -22.30
CA MET J 34 -36.16 -10.19 -21.86
C MET J 34 -34.68 -9.90 -22.08
N VAL J 35 -34.32 -9.33 -23.23
CA VAL J 35 -32.92 -9.02 -23.48
C VAL J 35 -32.42 -7.98 -22.50
N LEU J 36 -33.24 -6.96 -22.21
CA LEU J 36 -32.84 -5.95 -21.23
C LEU J 36 -32.66 -6.56 -19.85
N VAL J 37 -33.55 -7.46 -19.44
CA VAL J 37 -33.42 -8.10 -18.14
C VAL J 37 -32.14 -8.92 -18.08
N VAL J 38 -31.81 -9.62 -19.16
CA VAL J 38 -30.58 -10.40 -19.20
C VAL J 38 -29.34 -9.51 -19.10
N ALA J 39 -29.34 -8.40 -19.82
CA ALA J 39 -28.13 -7.59 -19.97
C ALA J 39 -28.00 -6.46 -18.95
N ALA J 40 -29.01 -6.22 -18.10
CA ALA J 40 -28.98 -5.05 -17.23
C ALA J 40 -27.80 -5.09 -16.28
N GLU J 41 -27.79 -6.04 -15.35
CA GLU J 41 -26.77 -6.07 -14.31
C GLU J 41 -25.64 -7.04 -14.60
N SER J 42 -25.80 -7.95 -15.56
CA SER J 42 -24.72 -8.88 -15.88
C SER J 42 -23.54 -8.17 -16.53
N VAL J 43 -23.80 -7.34 -17.53
CA VAL J 43 -22.73 -6.76 -18.33
C VAL J 43 -22.56 -5.27 -18.10
N TRP J 44 -23.61 -4.54 -17.70
CA TRP J 44 -23.50 -3.13 -17.38
C TRP J 44 -23.39 -2.87 -15.88
N GLY J 45 -23.28 -3.92 -15.07
CA GLY J 45 -23.25 -3.73 -13.63
C GLY J 45 -21.99 -3.03 -13.14
N ASP J 46 -20.83 -3.38 -13.70
CA ASP J 46 -19.55 -2.83 -13.26
C ASP J 46 -19.03 -1.78 -14.23
N GLU J 47 -19.91 -1.02 -14.87
CA GLU J 47 -19.49 -0.05 -15.87
C GLU J 47 -18.61 1.04 -15.26
N LYS J 48 -18.95 1.50 -14.05
CA LYS J 48 -18.22 2.59 -13.42
C LYS J 48 -17.15 2.12 -12.44
N SER J 49 -17.39 1.00 -11.75
CA SER J 49 -16.40 0.52 -10.78
C SER J 49 -15.15 -0.03 -11.45
N SER J 50 -15.27 -0.53 -12.67
CA SER J 50 -14.12 -1.05 -13.41
C SER J 50 -13.53 -0.02 -14.38
N PHE J 51 -14.11 1.17 -14.46
CA PHE J 51 -13.58 2.23 -15.32
C PHE J 51 -12.36 2.85 -14.66
N ILE J 52 -11.21 2.76 -15.34
CA ILE J 52 -9.95 3.24 -14.79
C ILE J 52 -9.24 4.12 -15.80
N CYS J 53 -8.43 5.05 -15.29
CA CYS J 53 -7.63 5.94 -16.11
C CYS J 53 -6.20 5.91 -15.63
N ASN J 54 -5.27 6.16 -16.56
CA ASN J 54 -3.84 6.11 -16.26
C ASN J 54 -3.41 7.49 -15.74
N THR J 55 -3.58 7.69 -14.44
CA THR J 55 -3.23 8.95 -13.81
C THR J 55 -3.18 8.76 -12.30
N LEU J 56 -2.54 9.71 -11.63
CA LEU J 56 -2.54 9.81 -10.17
C LEU J 56 -3.43 10.92 -9.65
N GLN J 57 -4.13 11.63 -10.52
CA GLN J 57 -4.94 12.77 -10.12
C GLN J 57 -6.23 12.29 -9.44
N PRO J 58 -6.51 12.71 -8.22
CA PRO J 58 -7.76 12.31 -7.57
C PRO J 58 -8.97 12.94 -8.27
N GLY J 59 -10.01 12.13 -8.45
CA GLY J 59 -11.24 12.60 -9.05
C GLY J 59 -11.30 12.54 -10.56
N CYS J 60 -10.25 12.11 -11.23
CA CYS J 60 -10.25 12.10 -12.69
C CYS J 60 -11.12 10.96 -13.24
N ASN J 61 -11.13 9.80 -12.57
CA ASN J 61 -11.95 8.68 -13.03
C ASN J 61 -13.43 9.06 -13.09
N SER J 62 -13.94 9.68 -12.03
CA SER J 62 -15.37 10.00 -11.97
C SER J 62 -15.76 11.03 -13.01
N VAL J 63 -14.96 12.09 -13.17
CA VAL J 63 -15.31 13.14 -14.13
C VAL J 63 -15.20 12.61 -15.56
N CYS J 64 -14.20 11.76 -15.84
CA CYS J 64 -14.10 11.21 -17.18
C CYS J 64 -15.25 10.26 -17.48
N TYR J 65 -15.63 9.42 -16.51
CA TYR J 65 -16.78 8.54 -16.72
C TYR J 65 -18.04 9.35 -16.97
N ASP J 66 -18.27 10.41 -16.19
CA ASP J 66 -19.45 11.24 -16.40
C ASP J 66 -19.41 11.93 -17.76
N GLN J 67 -18.22 12.37 -18.21
CA GLN J 67 -18.11 13.00 -19.50
C GLN J 67 -18.44 12.05 -20.64
N PHE J 68 -17.96 10.81 -20.57
CA PHE J 68 -18.13 9.89 -21.70
C PHE J 68 -19.42 9.09 -21.66
N PHE J 69 -20.07 8.97 -20.50
CA PHE J 69 -21.33 8.23 -20.36
C PHE J 69 -22.32 9.08 -19.60
N PRO J 70 -22.90 10.09 -20.25
CA PRO J 70 -23.88 10.95 -19.54
C PRO J 70 -25.06 10.18 -18.99
N ILE J 71 -25.52 9.16 -19.70
CA ILE J 71 -26.55 8.25 -19.23
C ILE J 71 -26.29 6.88 -19.83
N SER J 72 -26.39 5.85 -19.00
CA SER J 72 -26.07 4.50 -19.44
C SER J 72 -27.08 4.01 -20.49
N HIS J 73 -26.61 3.09 -21.33
CA HIS J 73 -27.48 2.52 -22.37
C HIS J 73 -28.69 1.82 -21.75
N VAL J 74 -28.47 1.10 -20.66
CA VAL J 74 -29.54 0.33 -20.02
C VAL J 74 -30.63 1.26 -19.50
N ARG J 75 -30.24 2.38 -18.88
CA ARG J 75 -31.23 3.33 -18.39
C ARG J 75 -32.02 3.96 -19.54
N LEU J 76 -31.34 4.27 -20.65
CA LEU J 76 -32.04 4.79 -21.81
C LEU J 76 -33.06 3.79 -22.33
N TRP J 77 -32.68 2.52 -22.43
CA TRP J 77 -33.62 1.51 -22.91
C TRP J 77 -34.78 1.31 -21.94
N SER J 78 -34.50 1.38 -20.64
CA SER J 78 -35.57 1.26 -19.65
C SER J 78 -36.58 2.40 -19.77
N LEU J 79 -36.08 3.63 -19.88
CA LEU J 79 -36.97 4.78 -20.04
C LEU J 79 -37.77 4.66 -21.33
N GLN J 80 -37.13 4.21 -22.41
CA GLN J 80 -37.83 4.04 -23.68
C GLN J 80 -38.96 3.03 -23.54
N LEU J 81 -38.69 1.89 -22.88
CA LEU J 81 -39.74 0.89 -22.71
C LEU J 81 -40.89 1.42 -21.86
N ILE J 82 -40.58 2.14 -20.78
CA ILE J 82 -41.64 2.68 -19.93
C ILE J 82 -42.52 3.65 -20.71
N LEU J 83 -41.89 4.58 -21.44
CA LEU J 83 -42.65 5.58 -22.18
C LEU J 83 -43.43 4.95 -23.32
N VAL J 84 -42.89 3.91 -23.96
CA VAL J 84 -43.61 3.24 -25.03
C VAL J 84 -44.83 2.49 -24.47
N SER J 85 -44.68 1.88 -23.30
CA SER J 85 -45.79 1.14 -22.73
C SER J 85 -46.84 2.03 -22.06
N THR J 86 -46.52 3.30 -21.80
CA THR J 86 -47.50 4.17 -21.14
C THR J 86 -48.81 4.34 -21.91
N PRO J 87 -48.82 4.69 -23.21
CA PRO J 87 -50.11 4.89 -23.88
C PRO J 87 -50.99 3.65 -23.93
N ALA J 88 -50.40 2.45 -24.00
CA ALA J 88 -51.20 1.23 -24.02
C ALA J 88 -51.99 1.07 -22.73
N LEU J 89 -51.35 1.27 -21.58
CA LEU J 89 -52.08 1.17 -20.33
C LEU J 89 -53.00 2.35 -20.09
N LEU J 90 -52.70 3.51 -20.68
CA LEU J 90 -53.66 4.62 -20.66
C LEU J 90 -54.95 4.22 -21.37
N VAL J 91 -54.81 3.62 -22.56
CA VAL J 91 -55.98 3.16 -23.29
C VAL J 91 -56.71 2.07 -22.51
N ALA J 92 -55.97 1.16 -21.89
CA ALA J 92 -56.60 0.08 -21.13
C ALA J 92 -57.40 0.63 -19.96
N MET J 93 -56.85 1.61 -19.24
CA MET J 93 -57.58 2.22 -18.14
C MET J 93 -58.81 2.97 -18.64
N HIS J 94 -58.70 3.64 -19.80
CA HIS J 94 -59.88 4.30 -20.36
C HIS J 94 -60.98 3.29 -20.70
N VAL J 95 -60.59 2.14 -21.27
CA VAL J 95 -61.56 1.10 -21.59
C VAL J 95 -62.21 0.55 -20.33
N ALA J 96 -61.41 0.32 -19.28
CA ALA J 96 -61.96 -0.15 -18.02
C ALA J 96 -62.92 0.86 -17.42
N HIS J 97 -62.58 2.15 -17.51
CA HIS J 97 -63.48 3.20 -17.03
C HIS J 97 -64.79 3.20 -17.81
N GLN J 98 -64.71 3.05 -19.14
CA GLN J 98 -65.92 3.01 -19.95
C GLN J 98 -66.80 1.81 -19.60
N GLN J 99 -66.17 0.64 -19.40
CA GLN J 99 -66.94 -0.55 -19.06
C GLN J 99 -67.56 -0.42 -17.67
N HIS J 100 -66.85 0.17 -16.71
CA HIS J 100 -67.42 0.40 -15.39
C HIS J 100 -68.61 1.36 -15.45
N ILE J 101 -68.48 2.41 -16.27
CA ILE J 101 -69.60 3.34 -16.44
C ILE J 101 -70.81 2.63 -17.05
N GLU J 102 -70.56 1.78 -18.04
CA GLU J 102 -71.65 1.01 -18.65
C GLU J 102 -72.29 0.07 -17.63
N LYS J 103 -71.48 -0.57 -16.79
CA LYS J 103 -72.02 -1.50 -15.80
C LYS J 103 -72.85 -0.77 -14.75
N LYS J 104 -72.40 0.40 -14.29
CA LYS J 104 -73.11 1.12 -13.25
C LYS J 104 -74.38 1.80 -13.74
N MET J 105 -74.60 1.88 -15.04
CA MET J 105 -75.81 2.49 -15.58
C MET J 105 -76.78 1.41 -16.06
N ILE J 127 -69.02 4.75 -27.73
CA ILE J 127 -69.23 4.04 -28.98
C ILE J 127 -67.92 3.44 -29.47
N SER J 128 -67.98 2.76 -30.63
CA SER J 128 -66.79 2.12 -31.18
C SER J 128 -65.85 3.13 -31.82
N GLY J 129 -66.39 4.25 -32.33
CA GLY J 129 -65.54 5.24 -32.97
C GLY J 129 -64.54 5.86 -32.02
N THR J 130 -64.97 6.13 -30.78
CA THR J 130 -64.05 6.66 -29.78
C THR J 130 -62.91 5.68 -29.52
N LEU J 131 -63.23 4.39 -29.41
CA LEU J 131 -62.20 3.37 -29.25
C LEU J 131 -61.24 3.35 -30.42
N TRP J 132 -61.78 3.44 -31.65
CA TRP J 132 -60.94 3.41 -32.84
C TRP J 132 -59.97 4.59 -32.86
N TRP J 133 -60.49 5.79 -32.59
CA TRP J 133 -59.64 6.98 -32.58
C TRP J 133 -58.61 6.93 -31.46
N THR J 134 -59.01 6.44 -30.28
CA THR J 134 -58.05 6.31 -29.18
C THR J 134 -56.93 5.34 -29.56
N TYR J 135 -57.28 4.23 -30.22
CA TYR J 135 -56.28 3.26 -30.62
C TYR J 135 -55.31 3.85 -31.63
N VAL J 136 -55.81 4.58 -32.63
CA VAL J 136 -54.90 5.13 -33.63
C VAL J 136 -54.00 6.20 -33.02
N ILE J 137 -54.56 7.01 -32.10
CA ILE J 137 -53.74 8.04 -31.45
C ILE J 137 -52.65 7.39 -30.60
N SER J 138 -52.99 6.32 -29.88
CA SER J 138 -51.99 5.65 -29.06
C SER J 138 -50.88 5.04 -29.91
N VAL J 139 -51.25 4.46 -31.07
CA VAL J 139 -50.21 3.90 -31.95
C VAL J 139 -49.30 5.01 -32.46
N VAL J 140 -49.87 6.15 -32.83
CA VAL J 140 -49.06 7.28 -33.29
C VAL J 140 -48.10 7.73 -32.20
N PHE J 141 -48.59 7.80 -30.96
CA PHE J 141 -47.73 8.23 -29.86
C PHE J 141 -46.61 7.23 -29.60
N ARG J 142 -46.90 5.93 -29.70
CA ARG J 142 -45.83 4.93 -29.57
C ARG J 142 -44.77 5.12 -30.64
N LEU J 143 -45.21 5.36 -31.88
CA LEU J 143 -44.25 5.60 -32.96
C LEU J 143 -43.39 6.82 -32.68
N LEU J 144 -44.01 7.90 -32.19
CA LEU J 144 -43.25 9.11 -31.88
C LEU J 144 -42.22 8.87 -30.78
N PHE J 145 -42.61 8.14 -29.74
CA PHE J 145 -41.67 7.88 -28.65
C PHE J 145 -40.49 7.05 -29.12
N GLU J 146 -40.76 6.00 -29.92
CA GLU J 146 -39.66 5.19 -30.43
C GLU J 146 -38.73 6.02 -31.31
N ALA J 147 -39.29 6.86 -32.18
CA ALA J 147 -38.46 7.68 -33.05
C ALA J 147 -37.60 8.65 -32.26
N VAL J 148 -38.17 9.32 -31.26
CA VAL J 148 -37.38 10.30 -30.52
C VAL J 148 -36.29 9.62 -29.70
N PHE J 149 -36.56 8.42 -29.17
CA PHE J 149 -35.50 7.74 -28.42
C PHE J 149 -34.39 7.25 -29.36
N MET J 150 -34.75 6.81 -30.57
CA MET J 150 -33.72 6.48 -31.55
C MET J 150 -32.86 7.70 -31.86
N TYR J 151 -33.50 8.86 -32.05
CA TYR J 151 -32.75 10.06 -32.37
C TYR J 151 -31.84 10.49 -31.22
N VAL J 152 -32.31 10.41 -29.98
CA VAL J 152 -31.46 10.82 -28.86
C VAL J 152 -30.31 9.84 -28.68
N PHE J 153 -30.53 8.54 -28.93
CA PHE J 153 -29.42 7.60 -28.89
C PHE J 153 -28.39 7.92 -29.97
N TYR J 154 -28.85 8.28 -31.16
CA TYR J 154 -27.93 8.66 -32.23
C TYR J 154 -27.14 9.91 -31.84
N LEU J 155 -27.79 10.86 -31.14
CA LEU J 155 -27.09 12.07 -30.71
C LEU J 155 -26.01 11.76 -29.68
N LEU J 156 -26.33 10.95 -28.68
CA LEU J 156 -25.37 10.70 -27.59
C LEU J 156 -24.25 9.77 -28.03
N TYR J 157 -24.58 8.72 -28.77
CA TYR J 157 -23.60 7.69 -29.16
C TYR J 157 -23.69 7.47 -30.66
N PRO J 158 -23.00 8.29 -31.46
CA PRO J 158 -23.17 8.20 -32.92
C PRO J 158 -22.84 6.83 -33.50
N GLY J 159 -21.81 6.16 -32.99
CA GLY J 159 -21.42 4.85 -33.49
C GLY J 159 -22.03 3.74 -32.67
N TYR J 160 -22.48 2.68 -33.35
CA TYR J 160 -23.04 1.53 -32.65
C TYR J 160 -22.00 0.74 -31.89
N ALA J 161 -20.71 0.93 -32.21
CA ALA J 161 -19.64 0.19 -31.57
C ALA J 161 -19.03 1.00 -30.43
N MET J 162 -18.55 0.28 -29.42
CA MET J 162 -17.90 0.88 -28.26
C MET J 162 -16.41 0.58 -28.32
N VAL J 163 -15.59 1.58 -27.98
CA VAL J 163 -14.14 1.49 -28.13
C VAL J 163 -13.52 1.14 -26.79
N ARG J 164 -12.32 0.56 -26.84
CA ARG J 164 -11.62 0.16 -25.61
C ARG J 164 -10.98 1.33 -24.89
N LEU J 165 -10.42 2.29 -25.62
CA LEU J 165 -9.64 3.38 -25.04
C LEU J 165 -10.24 4.72 -25.44
N VAL J 166 -10.37 5.62 -24.46
CA VAL J 166 -10.87 6.96 -24.69
C VAL J 166 -9.88 7.97 -24.13
N LYS J 167 -9.90 9.17 -24.70
CA LYS J 167 -9.02 10.26 -24.33
C LYS J 167 -9.84 11.33 -23.60
N CYS J 168 -9.41 11.67 -22.39
CA CYS J 168 -10.17 12.56 -21.51
C CYS J 168 -9.31 13.76 -21.12
N ASP J 169 -9.87 14.96 -21.24
CA ASP J 169 -9.15 16.17 -20.86
C ASP J 169 -10.00 17.10 -20.00
N VAL J 170 -10.95 16.54 -19.27
CA VAL J 170 -11.83 17.34 -18.42
C VAL J 170 -11.13 17.65 -17.12
N TYR J 171 -11.34 18.87 -16.61
CA TYR J 171 -10.81 19.25 -15.31
C TYR J 171 -11.35 18.30 -14.24
N PRO J 172 -10.52 17.89 -13.26
CA PRO J 172 -9.14 18.30 -12.99
C PRO J 172 -8.05 17.45 -13.64
N CYS J 173 -8.36 16.61 -14.61
CA CYS J 173 -7.32 15.77 -15.22
C CYS J 173 -6.30 16.65 -15.94
N PRO J 174 -5.01 16.45 -15.70
CA PRO J 174 -3.98 17.27 -16.36
C PRO J 174 -3.71 16.77 -17.78
N ASN J 175 -3.68 17.70 -18.73
CA ASN J 175 -3.42 17.42 -20.15
C ASN J 175 -4.48 16.44 -20.63
N THR J 176 -4.11 15.34 -21.29
CA THR J 176 -5.04 14.32 -21.74
C THR J 176 -4.64 12.99 -21.12
N VAL J 177 -5.62 12.23 -20.67
CA VAL J 177 -5.37 10.93 -20.05
C VAL J 177 -6.10 9.85 -20.83
N ASP J 178 -5.58 8.63 -20.72
CA ASP J 178 -6.16 7.45 -21.33
C ASP J 178 -7.05 6.74 -20.32
N CYS J 179 -8.26 6.40 -20.72
CA CYS J 179 -9.19 5.67 -19.87
C CYS J 179 -9.71 4.45 -20.62
N PHE J 180 -10.05 3.41 -19.88
CA PHE J 180 -10.38 2.11 -20.45
C PHE J 180 -11.79 1.68 -20.06
N VAL J 181 -12.53 1.16 -21.04
CA VAL J 181 -13.94 0.82 -20.91
C VAL J 181 -14.07 -0.67 -20.62
N SER J 182 -15.08 -1.03 -19.83
CA SER J 182 -15.35 -2.42 -19.49
C SER J 182 -16.24 -3.07 -20.54
N ARG J 183 -15.83 -4.25 -21.00
CA ARG J 183 -16.62 -5.09 -21.90
C ARG J 183 -17.15 -4.35 -23.14
N PRO J 184 -16.29 -3.73 -23.94
CA PRO J 184 -16.79 -3.03 -25.14
C PRO J 184 -17.50 -3.93 -26.14
N THR J 185 -16.99 -5.16 -26.35
CA THR J 185 -17.52 -6.00 -27.42
C THR J 185 -18.90 -6.55 -27.08
N GLU J 186 -19.08 -7.04 -25.84
CA GLU J 186 -20.39 -7.55 -25.44
C GLU J 186 -21.44 -6.45 -25.45
N LYS J 187 -21.06 -5.26 -25.00
CA LYS J 187 -21.96 -4.12 -25.06
C LYS J 187 -22.32 -3.77 -26.51
N THR J 188 -21.35 -3.86 -27.42
CA THR J 188 -21.65 -3.64 -28.83
C THR J 188 -22.66 -4.65 -29.35
N VAL J 189 -22.51 -5.92 -28.99
CA VAL J 189 -23.43 -6.96 -29.44
C VAL J 189 -24.85 -6.67 -28.95
N PHE J 190 -24.97 -6.36 -27.65
CA PHE J 190 -26.31 -6.10 -27.12
C PHE J 190 -26.91 -4.81 -27.68
N THR J 191 -26.08 -3.81 -27.95
CA THR J 191 -26.56 -2.59 -28.59
C THR J 191 -27.12 -2.89 -29.98
N VAL J 192 -26.43 -3.74 -30.75
CA VAL J 192 -26.93 -4.10 -32.07
C VAL J 192 -28.27 -4.80 -31.95
N PHE J 193 -28.40 -5.74 -31.02
CA PHE J 193 -29.68 -6.42 -30.82
C PHE J 193 -30.79 -5.43 -30.52
N MET J 194 -30.55 -4.52 -29.56
CA MET J 194 -31.60 -3.59 -29.13
C MET J 194 -31.99 -2.63 -30.26
N LEU J 195 -31.00 -2.11 -30.99
CA LEU J 195 -31.31 -1.20 -32.09
C LEU J 195 -32.10 -1.89 -33.19
N ALA J 196 -31.74 -3.13 -33.52
CA ALA J 196 -32.50 -3.86 -34.54
C ALA J 196 -33.94 -4.07 -34.09
N ALA J 197 -34.14 -4.44 -32.82
CA ALA J 197 -35.50 -4.62 -32.33
C ALA J 197 -36.30 -3.33 -32.39
N SER J 198 -35.68 -2.20 -32.01
CA SER J 198 -36.39 -0.93 -32.06
C SER J 198 -36.76 -0.54 -33.49
N GLY J 199 -35.85 -0.77 -34.44
CA GLY J 199 -36.18 -0.48 -35.83
C GLY J 199 -37.33 -1.32 -36.35
N ILE J 200 -37.34 -2.61 -35.99
CA ILE J 200 -38.45 -3.47 -36.38
C ILE J 200 -39.76 -2.96 -35.79
N CYS J 201 -39.72 -2.52 -34.53
CA CYS J 201 -40.93 -1.99 -33.90
C CYS J 201 -41.44 -0.74 -34.63
N ILE J 202 -40.52 0.15 -35.02
CA ILE J 202 -40.93 1.36 -35.74
C ILE J 202 -41.60 0.98 -37.06
N ILE J 203 -40.99 0.06 -37.80
CA ILE J 203 -41.57 -0.35 -39.08
C ILE J 203 -42.95 -0.96 -38.87
N LEU J 204 -43.10 -1.80 -37.85
CA LEU J 204 -44.39 -2.44 -37.59
C LEU J 204 -45.46 -1.40 -37.20
N ASN J 205 -45.08 -0.39 -36.41
CA ASN J 205 -46.06 0.64 -36.06
C ASN J 205 -46.50 1.44 -37.28
N VAL J 206 -45.57 1.77 -38.17
CA VAL J 206 -45.95 2.47 -39.39
C VAL J 206 -46.89 1.62 -40.23
N ALA J 207 -46.57 0.33 -40.37
CA ALA J 207 -47.46 -0.57 -41.09
C ALA J 207 -48.83 -0.65 -40.44
N GLU J 208 -48.87 -0.63 -39.10
CA GLU J 208 -50.15 -0.70 -38.40
C GLU J 208 -51.02 0.51 -38.69
N VAL J 209 -50.46 1.72 -38.60
CA VAL J 209 -51.27 2.90 -38.86
C VAL J 209 -51.72 2.93 -40.32
N VAL J 210 -50.83 2.57 -41.25
CA VAL J 210 -51.22 2.57 -42.66
C VAL J 210 -52.34 1.56 -42.91
N TYR J 211 -52.23 0.36 -42.32
CA TYR J 211 -53.26 -0.67 -42.51
C TYR J 211 -54.59 -0.23 -41.92
N LEU J 212 -54.57 0.39 -40.75
CA LEU J 212 -55.81 0.87 -40.14
C LEU J 212 -56.46 1.95 -40.99
N ILE J 213 -55.66 2.87 -41.52
CA ILE J 213 -56.21 3.92 -42.38
C ILE J 213 -56.81 3.31 -43.64
N ILE J 214 -56.13 2.34 -44.24
CA ILE J 214 -56.64 1.69 -45.45
C ILE J 214 -57.96 0.98 -45.16
N ARG J 215 -58.03 0.24 -44.05
CA ARG J 215 -59.26 -0.44 -43.70
C ARG J 215 -60.38 0.53 -43.37
N ALA J 216 -60.04 1.74 -42.90
CA ALA J 216 -61.06 2.73 -42.59
C ALA J 216 -61.83 3.14 -43.84
N CYS J 217 -61.12 3.36 -44.95
CA CYS J 217 -61.77 3.76 -46.20
C CYS J 217 -61.64 2.66 -47.25
N THR K 4 -43.86 -24.51 -14.13
CA THR K 4 -43.36 -25.38 -15.19
C THR K 4 -44.24 -25.31 -16.43
N GLY K 5 -45.50 -24.89 -16.23
CA GLY K 5 -46.41 -24.75 -17.35
C GLY K 5 -45.97 -23.69 -18.34
N LEU K 6 -45.43 -22.58 -17.82
CA LEU K 6 -44.88 -21.54 -18.69
C LEU K 6 -43.70 -22.09 -19.48
N TYR K 7 -42.86 -22.92 -18.85
CA TYR K 7 -41.74 -23.52 -19.55
C TYR K 7 -42.20 -24.44 -20.66
N THR K 8 -43.23 -25.26 -20.41
CA THR K 8 -43.74 -26.14 -21.45
C THR K 8 -44.39 -25.34 -22.57
N LEU K 9 -45.02 -24.21 -22.24
CA LEU K 9 -45.53 -23.33 -23.29
C LEU K 9 -44.40 -22.76 -24.13
N LEU K 10 -43.31 -22.35 -23.49
CA LEU K 10 -42.16 -21.82 -24.22
C LEU K 10 -41.44 -22.88 -25.03
N SER K 11 -41.58 -24.16 -24.65
CA SER K 11 -40.93 -25.23 -25.40
C SER K 11 -41.50 -25.35 -26.80
N GLY K 12 -42.82 -25.24 -26.94
CA GLY K 12 -43.45 -25.37 -28.23
C GLY K 12 -44.50 -26.47 -28.28
N VAL K 13 -45.07 -26.79 -27.12
CA VAL K 13 -46.11 -27.82 -27.07
C VAL K 13 -47.35 -27.33 -27.81
N ASN K 14 -47.83 -28.15 -28.74
CA ASN K 14 -48.96 -27.78 -29.58
C ASN K 14 -49.89 -28.98 -29.69
N ARG K 15 -51.13 -28.73 -30.09
CA ARG K 15 -52.08 -29.82 -30.25
C ARG K 15 -51.70 -30.75 -31.40
N HIS K 16 -50.91 -30.27 -32.35
CA HIS K 16 -50.40 -31.11 -33.43
C HIS K 16 -49.07 -31.77 -33.08
N SER K 17 -48.52 -31.50 -31.90
CA SER K 17 -47.25 -32.09 -31.51
C SER K 17 -47.40 -33.56 -31.20
N THR K 18 -46.39 -34.34 -31.57
CA THR K 18 -46.38 -35.76 -31.26
C THR K 18 -45.78 -35.95 -29.86
N ALA K 19 -45.46 -37.20 -29.52
CA ALA K 19 -44.85 -37.47 -28.21
C ALA K 19 -43.48 -36.82 -28.10
N ILE K 20 -42.69 -36.83 -29.17
CA ILE K 20 -41.32 -36.32 -29.12
C ILE K 20 -41.32 -34.85 -28.74
N GLY K 21 -42.18 -34.05 -29.39
CA GLY K 21 -42.22 -32.64 -29.11
C GLY K 21 -42.93 -32.27 -27.83
N ARG K 22 -43.78 -33.15 -27.31
CA ARG K 22 -44.60 -32.82 -26.15
C ARG K 22 -44.00 -33.28 -24.84
N VAL K 23 -43.33 -34.42 -24.80
CA VAL K 23 -42.82 -34.96 -23.54
C VAL K 23 -41.30 -34.96 -23.45
N TRP K 24 -40.58 -34.94 -24.57
CA TRP K 24 -39.12 -35.00 -24.55
C TRP K 24 -38.46 -33.66 -24.74
N LEU K 25 -38.90 -32.89 -25.75
CA LEU K 25 -38.25 -31.60 -26.03
C LEU K 25 -38.45 -30.61 -24.88
N SER K 26 -39.66 -30.59 -24.30
CA SER K 26 -39.95 -29.66 -23.21
C SER K 26 -39.10 -29.95 -21.98
N VAL K 27 -38.88 -31.23 -21.68
CA VAL K 27 -38.07 -31.59 -20.52
C VAL K 27 -36.64 -31.12 -20.70
N ILE K 28 -36.08 -31.29 -21.91
CA ILE K 28 -34.72 -30.83 -22.16
C ILE K 28 -34.66 -29.31 -22.08
N PHE K 29 -35.69 -28.62 -22.56
CA PHE K 29 -35.74 -27.17 -22.44
C PHE K 29 -35.70 -26.74 -20.97
N ILE K 30 -36.51 -27.37 -20.14
CA ILE K 30 -36.53 -27.04 -18.71
C ILE K 30 -35.19 -27.38 -18.06
N PHE K 31 -34.57 -28.48 -18.48
CA PHE K 31 -33.26 -28.86 -17.96
C PHE K 31 -32.22 -27.79 -18.27
N ARG K 32 -32.21 -27.29 -19.51
CA ARG K 32 -31.28 -26.23 -19.87
C ARG K 32 -31.55 -24.97 -19.06
N ILE K 33 -32.82 -24.61 -18.88
CA ILE K 33 -33.15 -23.43 -18.08
C ILE K 33 -32.61 -23.59 -16.66
N MET K 34 -32.83 -24.76 -16.05
CA MET K 34 -32.42 -24.96 -14.66
C MET K 34 -30.89 -24.95 -14.53
N VAL K 35 -30.18 -25.59 -15.45
CA VAL K 35 -28.73 -25.59 -15.38
C VAL K 35 -28.19 -24.17 -15.55
N LEU K 36 -28.76 -23.41 -16.47
CA LEU K 36 -28.33 -22.02 -16.65
C LEU K 36 -28.60 -21.19 -15.41
N VAL K 37 -29.75 -21.37 -14.77
CA VAL K 37 -30.06 -20.63 -13.55
C VAL K 37 -29.07 -20.98 -12.45
N VAL K 38 -28.72 -22.26 -12.34
CA VAL K 38 -27.75 -22.68 -11.32
C VAL K 38 -26.38 -22.07 -11.58
N ALA K 39 -25.94 -22.06 -12.84
CA ALA K 39 -24.56 -21.71 -13.16
C ALA K 39 -24.35 -20.23 -13.51
N ALA K 40 -25.41 -19.43 -13.60
CA ALA K 40 -25.25 -18.07 -14.09
C ALA K 40 -24.34 -17.25 -13.18
N GLU K 41 -24.79 -16.98 -11.94
CA GLU K 41 -24.04 -16.11 -11.06
C GLU K 41 -23.15 -16.84 -10.08
N SER K 42 -23.33 -18.14 -9.89
CA SER K 42 -22.48 -18.88 -8.96
C SER K 42 -21.06 -19.00 -9.49
N VAL K 43 -20.88 -19.41 -10.74
CA VAL K 43 -19.56 -19.72 -11.26
C VAL K 43 -19.06 -18.70 -12.27
N TRP K 44 -19.95 -18.01 -12.98
CA TRP K 44 -19.54 -16.98 -13.92
C TRP K 44 -19.65 -15.58 -13.34
N GLY K 45 -19.98 -15.47 -12.04
CA GLY K 45 -20.20 -14.16 -11.46
C GLY K 45 -18.94 -13.32 -11.36
N ASP K 46 -17.82 -13.95 -11.02
CA ASP K 46 -16.54 -13.25 -10.83
C ASP K 46 -15.59 -13.49 -11.99
N GLU K 47 -16.11 -13.63 -13.21
CA GLU K 47 -15.27 -13.93 -14.36
C GLU K 47 -14.28 -12.80 -14.63
N LYS K 48 -14.71 -11.55 -14.48
CA LYS K 48 -13.87 -10.40 -14.80
C LYS K 48 -13.18 -9.82 -13.58
N SER K 49 -13.83 -9.83 -12.41
CA SER K 49 -13.22 -9.22 -11.23
C SER K 49 -12.06 -10.05 -10.71
N SER K 50 -12.04 -11.34 -10.97
CA SER K 50 -10.94 -12.21 -10.56
C SER K 50 -9.93 -12.45 -11.67
N PHE K 51 -10.14 -11.89 -12.86
CA PHE K 51 -9.21 -12.03 -13.97
C PHE K 51 -8.02 -11.10 -13.73
N ILE K 52 -6.81 -11.67 -13.63
CA ILE K 52 -5.62 -10.90 -13.33
C ILE K 52 -4.52 -11.27 -14.32
N CYS K 53 -3.62 -10.31 -14.53
CA CYS K 53 -2.47 -10.48 -15.41
C CYS K 53 -1.21 -10.05 -14.67
N ASN K 54 -0.08 -10.66 -15.04
CA ASN K 54 1.20 -10.39 -14.39
C ASN K 54 1.85 -9.20 -15.09
N THR K 55 1.47 -8.00 -14.64
CA THR K 55 2.00 -6.76 -15.22
C THR K 55 1.68 -5.61 -14.29
N LEU K 56 2.43 -4.51 -14.48
CA LEU K 56 2.15 -3.25 -13.81
C LEU K 56 1.47 -2.23 -14.73
N GLN K 57 1.16 -2.60 -15.95
CA GLN K 57 0.60 -1.67 -16.92
C GLN K 57 -0.86 -1.40 -16.62
N PRO K 58 -1.27 -0.15 -16.40
CA PRO K 58 -2.69 0.13 -16.18
C PRO K 58 -3.52 -0.15 -17.42
N GLY K 59 -4.68 -0.76 -17.21
CA GLY K 59 -5.61 -1.04 -18.28
C GLY K 59 -5.39 -2.34 -19.03
N CYS K 60 -4.35 -3.12 -18.68
CA CYS K 60 -4.08 -4.35 -19.41
C CYS K 60 -5.06 -5.46 -19.06
N ASN K 61 -5.50 -5.52 -17.80
CA ASN K 61 -6.47 -6.53 -17.40
C ASN K 61 -7.76 -6.42 -18.21
N SER K 62 -8.31 -5.21 -18.33
CA SER K 62 -9.59 -5.04 -19.01
C SER K 62 -9.48 -5.36 -20.50
N VAL K 63 -8.42 -4.89 -21.16
CA VAL K 63 -8.30 -5.14 -22.60
C VAL K 63 -8.04 -6.63 -22.86
N CYS K 64 -7.26 -7.29 -22.01
CA CYS K 64 -7.03 -8.72 -22.22
C CYS K 64 -8.30 -9.51 -21.98
N TYR K 65 -9.07 -9.17 -20.95
CA TYR K 65 -10.34 -9.86 -20.72
C TYR K 65 -11.28 -9.66 -21.90
N ASP K 66 -11.37 -8.44 -22.42
CA ASP K 66 -12.23 -8.19 -23.56
C ASP K 66 -11.76 -8.94 -24.80
N GLN K 67 -10.45 -9.05 -24.99
CA GLN K 67 -9.92 -9.79 -26.13
C GLN K 67 -10.26 -11.28 -26.05
N PHE K 68 -10.11 -11.88 -24.86
CA PHE K 68 -10.29 -13.32 -24.76
C PHE K 68 -11.71 -13.77 -24.50
N PHE K 69 -12.59 -12.88 -24.06
CA PHE K 69 -14.00 -13.20 -23.80
C PHE K 69 -14.88 -12.13 -24.42
N PRO K 70 -15.03 -12.14 -25.74
CA PRO K 70 -15.87 -11.12 -26.40
C PRO K 70 -17.30 -11.11 -25.89
N ILE K 71 -17.85 -12.29 -25.58
CA ILE K 71 -19.16 -12.40 -24.96
C ILE K 71 -19.14 -13.65 -24.07
N SER K 72 -19.66 -13.51 -22.86
CA SER K 72 -19.62 -14.60 -21.89
C SER K 72 -20.48 -15.77 -22.36
N HIS K 73 -20.11 -16.98 -21.91
CA HIS K 73 -20.86 -18.18 -22.27
C HIS K 73 -22.30 -18.08 -21.78
N VAL K 74 -22.50 -17.54 -20.57
CA VAL K 74 -23.84 -17.47 -19.98
C VAL K 74 -24.74 -16.57 -20.81
N ARG K 75 -24.21 -15.44 -21.27
CA ARG K 75 -25.02 -14.54 -22.10
C ARG K 75 -25.37 -15.18 -23.44
N LEU K 76 -24.42 -15.92 -24.03
CA LEU K 76 -24.72 -16.65 -25.26
C LEU K 76 -25.84 -17.64 -25.05
N TRP K 77 -25.79 -18.41 -23.96
CA TRP K 77 -26.83 -19.39 -23.69
C TRP K 77 -28.17 -18.73 -23.41
N SER K 78 -28.16 -17.58 -22.71
CA SER K 78 -29.40 -16.85 -22.46
C SER K 78 -30.03 -16.37 -23.77
N LEU K 79 -29.22 -15.79 -24.65
CA LEU K 79 -29.74 -15.34 -25.94
C LEU K 79 -30.27 -16.51 -26.76
N GLN K 80 -29.55 -17.64 -26.74
CA GLN K 80 -30.01 -18.82 -27.46
C GLN K 80 -31.36 -19.28 -26.95
N LEU K 81 -31.54 -19.33 -25.63
CA LEU K 81 -32.81 -19.77 -25.07
C LEU K 81 -33.94 -18.80 -25.44
N ILE K 82 -33.68 -17.49 -25.37
CA ILE K 82 -34.72 -16.51 -25.71
C ILE K 82 -35.14 -16.66 -27.17
N LEU K 83 -34.15 -16.74 -28.08
CA LEU K 83 -34.48 -16.84 -29.49
C LEU K 83 -35.14 -18.16 -29.83
N VAL K 84 -34.77 -19.25 -29.14
CA VAL K 84 -35.42 -20.53 -29.40
C VAL K 84 -36.86 -20.51 -28.91
N SER K 85 -37.12 -19.85 -27.78
CA SER K 85 -38.47 -19.80 -27.25
C SER K 85 -39.37 -18.79 -27.97
N THR K 86 -38.80 -17.87 -28.74
CA THR K 86 -39.63 -16.88 -29.43
C THR K 86 -40.68 -17.47 -30.37
N PRO K 87 -40.33 -18.38 -31.31
CA PRO K 87 -41.37 -18.87 -32.23
C PRO K 87 -42.52 -19.61 -31.55
N ALA K 88 -42.25 -20.30 -30.44
CA ALA K 88 -43.32 -21.00 -29.74
C ALA K 88 -44.37 -20.03 -29.22
N LEU K 89 -43.94 -18.94 -28.58
CA LEU K 89 -44.91 -17.97 -28.10
C LEU K 89 -45.52 -17.16 -29.23
N LEU K 90 -44.81 -17.00 -30.35
CA LEU K 90 -45.44 -16.42 -31.54
C LEU K 90 -46.62 -17.27 -32.00
N VAL K 91 -46.42 -18.59 -32.07
CA VAL K 91 -47.49 -19.50 -32.45
C VAL K 91 -48.62 -19.46 -31.43
N ALA K 92 -48.27 -19.41 -30.15
CA ALA K 92 -49.30 -19.36 -29.10
C ALA K 92 -50.15 -18.11 -29.21
N MET K 93 -49.52 -16.95 -29.46
CA MET K 93 -50.28 -15.73 -29.64
C MET K 93 -51.14 -15.78 -30.89
N HIS K 94 -50.64 -16.39 -31.97
CA HIS K 94 -51.48 -16.54 -33.16
C HIS K 94 -52.70 -17.40 -32.88
N VAL K 95 -52.51 -18.48 -32.13
CA VAL K 95 -53.64 -19.35 -31.77
C VAL K 95 -54.64 -18.61 -30.91
N ALA K 96 -54.16 -17.82 -29.94
CA ALA K 96 -55.05 -17.04 -29.10
C ALA K 96 -55.82 -16.02 -29.93
N HIS K 97 -55.16 -15.39 -30.89
CA HIS K 97 -55.83 -14.45 -31.78
C HIS K 97 -56.92 -15.14 -32.60
N GLN K 98 -56.61 -16.33 -33.13
CA GLN K 98 -57.59 -17.07 -33.90
C GLN K 98 -58.80 -17.44 -33.04
N GLN K 99 -58.55 -17.90 -31.81
CA GLN K 99 -59.66 -18.28 -30.94
C GLN K 99 -60.50 -17.07 -30.55
N HIS K 100 -59.86 -15.92 -30.31
CA HIS K 100 -60.61 -14.71 -30.00
C HIS K 100 -61.46 -14.27 -31.19
N ILE K 101 -60.92 -14.37 -32.40
CA ILE K 101 -61.70 -14.04 -33.60
C ILE K 101 -62.89 -14.98 -33.73
N GLU K 102 -62.68 -16.28 -33.47
CA GLU K 102 -63.79 -17.23 -33.51
C GLU K 102 -64.84 -16.90 -32.47
N LYS K 103 -64.41 -16.52 -31.26
CA LYS K 103 -65.36 -16.21 -30.20
C LYS K 103 -66.18 -14.96 -30.51
N LYS K 104 -65.53 -13.92 -31.07
CA LYS K 104 -66.24 -12.68 -31.34
C LYS K 104 -67.17 -12.77 -32.53
N MET K 105 -67.10 -13.83 -33.33
CA MET K 105 -68.00 -13.98 -34.47
C MET K 105 -69.09 -15.02 -34.17
N ILE K 127 -58.53 -22.71 -40.25
CA ILE K 127 -58.65 -24.16 -40.39
C ILE K 127 -57.47 -24.85 -39.73
N SER K 128 -57.47 -26.18 -39.78
CA SER K 128 -56.40 -26.95 -39.15
C SER K 128 -55.11 -26.91 -39.98
N GLY K 129 -55.22 -26.75 -41.30
CA GLY K 129 -54.04 -26.72 -42.14
C GLY K 129 -53.13 -25.56 -41.83
N THR K 130 -53.71 -24.39 -41.54
CA THR K 130 -52.90 -23.24 -41.16
C THR K 130 -52.13 -23.53 -39.87
N LEU K 131 -52.78 -24.16 -38.89
CA LEU K 131 -52.10 -24.53 -37.66
C LEU K 131 -50.97 -25.51 -37.93
N TRP K 132 -51.21 -26.50 -38.80
CA TRP K 132 -50.19 -27.49 -39.10
C TRP K 132 -48.97 -26.84 -39.75
N TRP K 133 -49.20 -25.97 -40.74
CA TRP K 133 -48.09 -25.30 -41.41
C TRP K 133 -47.36 -24.36 -40.46
N THR K 134 -48.09 -23.64 -39.61
CA THR K 134 -47.44 -22.78 -38.64
C THR K 134 -46.56 -23.58 -37.70
N TYR K 135 -47.04 -24.74 -37.25
CA TYR K 135 -46.26 -25.58 -36.36
C TYR K 135 -44.98 -26.07 -37.03
N VAL K 136 -45.07 -26.54 -38.28
CA VAL K 136 -43.87 -27.05 -38.93
C VAL K 136 -42.88 -25.93 -39.19
N ILE K 137 -43.37 -24.74 -39.55
CA ILE K 137 -42.46 -23.60 -39.78
C ILE K 137 -41.77 -23.21 -38.48
N SER K 138 -42.51 -23.20 -37.37
CA SER K 138 -41.90 -22.84 -36.09
C SER K 138 -40.85 -23.86 -35.68
N VAL K 139 -41.10 -25.15 -35.92
CA VAL K 139 -40.10 -26.16 -35.58
C VAL K 139 -38.84 -25.96 -36.43
N VAL K 140 -39.01 -25.66 -37.72
CA VAL K 140 -37.86 -25.41 -38.58
C VAL K 140 -37.07 -24.21 -38.08
N PHE K 141 -37.76 -23.15 -37.66
CA PHE K 141 -37.06 -21.97 -37.16
C PHE K 141 -36.30 -22.26 -35.87
N ARG K 142 -36.89 -23.06 -34.98
CA ARG K 142 -36.16 -23.46 -33.78
C ARG K 142 -34.89 -24.23 -34.13
N LEU K 143 -35.00 -25.15 -35.09
CA LEU K 143 -33.83 -25.90 -35.52
C LEU K 143 -32.75 -24.97 -36.07
N LEU K 144 -33.15 -24.00 -36.88
CA LEU K 144 -32.19 -23.06 -37.45
C LEU K 144 -31.50 -22.24 -36.36
N PHE K 145 -32.26 -21.76 -35.37
CA PHE K 145 -31.67 -20.97 -34.30
C PHE K 145 -30.67 -21.79 -33.51
N GLU K 146 -31.03 -23.03 -33.16
CA GLU K 146 -30.10 -23.86 -32.42
C GLU K 146 -28.83 -24.13 -33.22
N ALA K 147 -28.97 -24.40 -34.52
CA ALA K 147 -27.80 -24.67 -35.35
C ALA K 147 -26.88 -23.45 -35.44
N VAL K 148 -27.46 -22.26 -35.65
CA VAL K 148 -26.61 -21.09 -35.80
C VAL K 148 -25.92 -20.74 -34.49
N PHE K 149 -26.58 -20.95 -33.35
CA PHE K 149 -25.90 -20.68 -32.08
C PHE K 149 -24.80 -21.69 -31.81
N MET K 150 -25.01 -22.96 -32.18
CA MET K 150 -23.92 -23.93 -32.08
C MET K 150 -22.73 -23.49 -32.94
N TYR K 151 -23.01 -23.04 -34.16
CA TYR K 151 -21.93 -22.63 -35.05
C TYR K 151 -21.17 -21.41 -34.51
N VAL K 152 -21.89 -20.42 -33.98
CA VAL K 152 -21.20 -19.25 -33.46
C VAL K 152 -20.39 -19.61 -32.22
N PHE K 153 -20.89 -20.53 -31.39
CA PHE K 153 -20.09 -20.96 -30.25
C PHE K 153 -18.82 -21.66 -30.72
N TYR K 154 -18.92 -22.48 -31.77
CA TYR K 154 -17.74 -23.12 -32.32
C TYR K 154 -16.76 -22.09 -32.86
N LEU K 155 -17.27 -21.03 -33.48
CA LEU K 155 -16.38 -19.99 -34.01
C LEU K 155 -15.64 -19.26 -32.90
N LEU K 156 -16.36 -18.86 -31.85
CA LEU K 156 -15.74 -18.06 -30.80
C LEU K 156 -14.82 -18.89 -29.91
N TYR K 157 -15.24 -20.10 -29.54
CA TYR K 157 -14.51 -20.95 -28.60
C TYR K 157 -14.35 -22.33 -29.22
N PRO K 158 -13.33 -22.53 -30.05
CA PRO K 158 -13.21 -23.82 -30.76
C PRO K 158 -13.14 -25.03 -29.86
N GLY K 159 -12.43 -24.93 -28.73
CA GLY K 159 -12.30 -26.05 -27.80
C GLY K 159 -13.35 -25.98 -26.71
N TYR K 160 -13.88 -27.15 -26.35
CA TYR K 160 -14.85 -27.22 -25.27
C TYR K 160 -14.22 -26.97 -23.90
N ALA K 161 -12.90 -27.08 -23.80
CA ALA K 161 -12.20 -26.92 -22.54
C ALA K 161 -11.65 -25.50 -22.41
N MET K 162 -11.59 -25.03 -21.17
CA MET K 162 -11.04 -23.72 -20.84
C MET K 162 -9.71 -23.89 -20.15
N VAL K 163 -8.74 -23.04 -20.50
CA VAL K 163 -7.36 -23.19 -20.03
C VAL K 163 -7.12 -22.23 -18.87
N ARG K 164 -6.12 -22.55 -18.04
CA ARG K 164 -5.81 -21.73 -16.88
C ARG K 164 -5.05 -20.46 -17.25
N LEU K 165 -4.12 -20.54 -18.20
CA LEU K 165 -3.23 -19.44 -18.53
C LEU K 165 -3.38 -19.06 -19.99
N VAL K 166 -3.46 -17.76 -20.25
CA VAL K 166 -3.55 -17.24 -21.61
C VAL K 166 -2.46 -16.18 -21.80
N LYS K 167 -2.07 -16.01 -23.07
CA LYS K 167 -1.03 -15.06 -23.46
C LYS K 167 -1.67 -13.90 -24.20
N CYS K 168 -1.43 -12.68 -23.73
CA CYS K 168 -2.10 -11.49 -24.24
C CYS K 168 -1.07 -10.48 -24.71
N ASP K 169 -1.25 -9.95 -25.92
CA ASP K 169 -0.34 -8.95 -26.45
C ASP K 169 -1.07 -7.75 -27.03
N VAL K 170 -2.28 -7.49 -26.53
CA VAL K 170 -3.08 -6.37 -27.02
C VAL K 170 -2.58 -5.07 -26.38
N TYR K 171 -2.59 -4.00 -27.17
CA TYR K 171 -2.24 -2.68 -26.64
C TYR K 171 -3.20 -2.31 -25.51
N PRO K 172 -2.73 -1.69 -24.43
CA PRO K 172 -1.38 -1.19 -24.16
C PRO K 172 -0.43 -2.16 -23.45
N CYS K 173 -0.73 -3.44 -23.37
CA CYS K 173 0.15 -4.37 -22.68
C CYS K 173 1.48 -4.46 -23.41
N PRO K 174 2.61 -4.33 -22.70
CA PRO K 174 3.92 -4.41 -23.37
C PRO K 174 4.34 -5.85 -23.60
N ASN K 175 4.80 -6.13 -24.82
CA ASN K 175 5.26 -7.46 -25.24
C ASN K 175 4.10 -8.42 -25.04
N THR K 176 4.29 -9.57 -24.39
CA THR K 176 3.25 -10.53 -24.10
C THR K 176 3.16 -10.74 -22.60
N VAL K 177 1.94 -10.80 -22.07
CA VAL K 177 1.73 -10.97 -20.64
C VAL K 177 0.92 -12.24 -20.41
N ASP K 178 1.09 -12.80 -19.21
CA ASP K 178 0.35 -13.98 -18.77
C ASP K 178 -0.88 -13.53 -17.99
N CYS K 179 -2.02 -14.13 -18.30
CA CYS K 179 -3.26 -13.83 -17.58
C CYS K 179 -3.92 -15.14 -17.17
N PHE K 180 -4.67 -15.10 -16.08
CA PHE K 180 -5.19 -16.30 -15.43
C PHE K 180 -6.71 -16.24 -15.34
N VAL K 181 -7.35 -17.36 -15.69
CA VAL K 181 -8.80 -17.48 -15.79
C VAL K 181 -9.35 -18.06 -14.50
N SER K 182 -10.55 -17.63 -14.14
CA SER K 182 -11.23 -18.11 -12.93
C SER K 182 -12.02 -19.38 -13.24
N ARG K 183 -11.86 -20.40 -12.39
CA ARG K 183 -12.62 -21.63 -12.44
C ARG K 183 -12.70 -22.29 -13.83
N PRO K 184 -11.55 -22.59 -14.45
CA PRO K 184 -11.61 -23.23 -15.78
C PRO K 184 -12.31 -24.59 -15.78
N THR K 185 -12.11 -25.41 -14.75
CA THR K 185 -12.61 -26.78 -14.79
C THR K 185 -14.13 -26.83 -14.61
N GLU K 186 -14.66 -26.07 -13.67
CA GLU K 186 -16.11 -26.03 -13.47
C GLU K 186 -16.81 -25.49 -14.70
N LYS K 187 -16.25 -24.45 -15.31
CA LYS K 187 -16.80 -23.92 -16.55
C LYS K 187 -16.75 -24.94 -17.67
N THR K 188 -15.69 -25.72 -17.75
CA THR K 188 -15.62 -26.79 -18.74
C THR K 188 -16.73 -27.82 -18.53
N VAL K 189 -16.97 -28.20 -17.27
CA VAL K 189 -18.02 -29.18 -16.98
C VAL K 189 -19.38 -28.66 -17.41
N PHE K 190 -19.69 -27.41 -17.04
CA PHE K 190 -20.99 -26.86 -17.41
C PHE K 190 -21.12 -26.64 -18.91
N THR K 191 -20.02 -26.30 -19.59
CA THR K 191 -20.04 -26.18 -21.04
C THR K 191 -20.37 -27.52 -21.69
N VAL K 192 -19.78 -28.61 -21.19
CA VAL K 192 -20.08 -29.92 -21.73
C VAL K 192 -21.55 -30.25 -21.55
N PHE K 193 -22.10 -29.98 -20.36
CA PHE K 193 -23.51 -30.22 -20.12
C PHE K 193 -24.38 -29.46 -21.12
N MET K 194 -24.12 -28.17 -21.29
CA MET K 194 -24.96 -27.33 -22.13
C MET K 194 -24.86 -27.75 -23.60
N LEU K 195 -23.64 -28.06 -24.07
CA LEU K 195 -23.49 -28.48 -25.46
C LEU K 195 -24.19 -29.81 -25.73
N ALA K 196 -24.09 -30.76 -24.80
CA ALA K 196 -24.79 -32.02 -24.98
C ALA K 196 -26.30 -31.81 -25.05
N ALA K 197 -26.83 -30.96 -24.17
CA ALA K 197 -28.27 -30.69 -24.20
C ALA K 197 -28.68 -30.05 -25.52
N SER K 198 -27.89 -29.11 -26.02
CA SER K 198 -28.23 -28.47 -27.30
C SER K 198 -28.20 -29.46 -28.45
N GLY K 199 -27.21 -30.35 -28.47
CA GLY K 199 -27.15 -31.37 -29.52
C GLY K 199 -28.35 -32.30 -29.47
N ILE K 200 -28.76 -32.70 -28.27
CA ILE K 200 -29.95 -33.54 -28.14
C ILE K 200 -31.18 -32.81 -28.67
N CYS K 201 -31.29 -31.51 -28.36
CA CYS K 201 -32.42 -30.73 -28.86
C CYS K 201 -32.44 -30.67 -30.38
N ILE K 202 -31.27 -30.49 -30.99
CA ILE K 202 -31.20 -30.45 -32.46
C ILE K 202 -31.66 -31.77 -33.05
N ILE K 203 -31.18 -32.88 -32.49
CA ILE K 203 -31.57 -34.20 -33.00
C ILE K 203 -33.08 -34.40 -32.86
N LEU K 204 -33.64 -34.00 -31.72
CA LEU K 204 -35.07 -34.16 -31.50
C LEU K 204 -35.89 -33.31 -32.47
N ASN K 205 -35.44 -32.09 -32.76
CA ASN K 205 -36.17 -31.25 -33.72
C ASN K 205 -36.14 -31.86 -35.12
N VAL K 206 -34.99 -32.40 -35.53
CA VAL K 206 -34.93 -33.05 -36.83
C VAL K 206 -35.86 -34.25 -36.88
N ALA K 207 -35.87 -35.05 -35.82
CA ALA K 207 -36.80 -36.17 -35.75
C ALA K 207 -38.25 -35.71 -35.81
N GLU K 208 -38.56 -34.57 -35.16
CA GLU K 208 -39.92 -34.05 -35.17
C GLU K 208 -40.37 -33.67 -36.57
N VAL K 209 -39.53 -32.92 -37.30
CA VAL K 209 -39.94 -32.53 -38.64
C VAL K 209 -40.07 -33.75 -39.55
N VAL K 210 -39.14 -34.70 -39.44
CA VAL K 210 -39.22 -35.90 -40.26
C VAL K 210 -40.50 -36.68 -39.97
N TYR K 211 -40.83 -36.83 -38.68
CA TYR K 211 -42.02 -37.57 -38.29
C TYR K 211 -43.29 -36.89 -38.79
N LEU K 212 -43.34 -35.55 -38.67
CA LEU K 212 -44.51 -34.83 -39.16
C LEU K 212 -44.66 -34.97 -40.66
N ILE K 213 -43.56 -34.88 -41.41
CA ILE K 213 -43.63 -35.05 -42.86
C ILE K 213 -44.11 -36.45 -43.21
N ILE K 214 -43.59 -37.47 -42.51
CA ILE K 214 -44.01 -38.84 -42.79
C ILE K 214 -45.50 -39.02 -42.51
N ARG K 215 -45.98 -38.49 -41.38
CA ARG K 215 -47.40 -38.60 -41.06
C ARG K 215 -48.26 -37.84 -42.05
N ALA K 216 -47.72 -36.78 -42.66
CA ALA K 216 -48.49 -36.00 -43.62
C ALA K 216 -48.86 -36.85 -44.84
N CYS K 217 -47.92 -37.65 -45.34
CA CYS K 217 -48.18 -38.51 -46.49
C CYS K 217 -48.11 -39.98 -46.10
N THR L 4 -44.83 -26.50 -1.93
CA THR L 4 -44.41 -27.87 -1.61
C THR L 4 -44.99 -28.87 -2.59
N GLY L 5 -46.10 -28.50 -3.24
CA GLY L 5 -46.70 -29.38 -4.22
C GLY L 5 -45.80 -29.63 -5.42
N LEU L 6 -45.08 -28.59 -5.87
CA LEU L 6 -44.12 -28.77 -6.94
C LEU L 6 -42.99 -29.70 -6.49
N TYR L 7 -42.56 -29.59 -5.23
CA TYR L 7 -41.51 -30.48 -4.72
C TYR L 7 -41.99 -31.93 -4.68
N THR L 8 -43.23 -32.17 -4.25
CA THR L 8 -43.74 -33.52 -4.23
C THR L 8 -43.92 -34.07 -5.64
N LEU L 9 -44.27 -33.20 -6.59
CA LEU L 9 -44.32 -33.62 -7.99
C LEU L 9 -42.93 -34.02 -8.49
N LEU L 10 -41.91 -33.22 -8.14
CA LEU L 10 -40.55 -33.52 -8.56
C LEU L 10 -39.99 -34.75 -7.86
N SER L 11 -40.52 -35.11 -6.69
CA SER L 11 -40.04 -36.29 -5.99
C SER L 11 -40.33 -37.57 -6.78
N GLY L 12 -41.51 -37.65 -7.38
CA GLY L 12 -41.88 -38.84 -8.12
C GLY L 12 -43.15 -39.50 -7.62
N VAL L 13 -44.01 -38.72 -6.97
CA VAL L 13 -45.27 -39.26 -6.46
C VAL L 13 -46.16 -39.65 -7.64
N ASN L 14 -46.63 -40.89 -7.63
CA ASN L 14 -47.43 -41.43 -8.71
C ASN L 14 -48.60 -42.20 -8.11
N ARG L 15 -49.64 -42.41 -8.92
CA ARG L 15 -50.78 -43.18 -8.45
C ARG L 15 -50.44 -44.63 -8.15
N HIS L 16 -49.37 -45.16 -8.75
CA HIS L 16 -48.90 -46.49 -8.45
C HIS L 16 -47.88 -46.52 -7.31
N SER L 17 -47.53 -45.37 -6.76
CA SER L 17 -46.55 -45.32 -5.69
C SER L 17 -47.13 -45.87 -4.40
N THR L 18 -46.31 -46.58 -3.63
CA THR L 18 -46.72 -47.09 -2.34
C THR L 18 -46.49 -46.02 -1.28
N ALA L 19 -46.56 -46.39 0.00
CA ALA L 19 -46.33 -45.43 1.07
C ALA L 19 -44.89 -44.93 1.06
N ILE L 20 -43.93 -45.82 0.78
CA ILE L 20 -42.52 -45.46 0.84
C ILE L 20 -42.21 -44.33 -0.14
N GLY L 21 -42.69 -44.47 -1.39
CA GLY L 21 -42.41 -43.45 -2.39
C GLY L 21 -43.25 -42.20 -2.25
N ARG L 22 -44.40 -42.29 -1.58
CA ARG L 22 -45.33 -41.17 -1.50
C ARG L 22 -45.13 -40.29 -0.28
N VAL L 23 -44.79 -40.87 0.86
CA VAL L 23 -44.71 -40.09 2.10
C VAL L 23 -43.28 -39.98 2.65
N TRP L 24 -42.37 -40.88 2.28
CA TRP L 24 -41.02 -40.85 2.81
C TRP L 24 -40.00 -40.26 1.85
N LEU L 25 -40.01 -40.68 0.58
CA LEU L 25 -39.02 -40.20 -0.37
C LEU L 25 -39.18 -38.71 -0.63
N SER L 26 -40.44 -38.25 -0.75
CA SER L 26 -40.69 -36.83 -1.04
C SER L 26 -40.21 -35.94 0.10
N VAL L 27 -40.39 -36.38 1.34
CA VAL L 27 -39.95 -35.59 2.48
C VAL L 27 -38.43 -35.44 2.48
N ILE L 28 -37.71 -36.52 2.18
CA ILE L 28 -36.26 -36.44 2.13
C ILE L 28 -35.82 -35.54 0.97
N PHE L 29 -36.54 -35.59 -0.15
CA PHE L 29 -36.23 -34.70 -1.27
C PHE L 29 -36.37 -33.24 -0.85
N ILE L 30 -37.48 -32.91 -0.18
CA ILE L 30 -37.70 -31.54 0.27
C ILE L 30 -36.65 -31.13 1.30
N PHE L 31 -36.26 -32.07 2.17
CA PHE L 31 -35.22 -31.80 3.16
C PHE L 31 -33.90 -31.44 2.49
N ARG L 32 -33.52 -32.20 1.47
CA ARG L 32 -32.29 -31.90 0.74
C ARG L 32 -32.38 -30.55 0.05
N ILE L 33 -33.54 -30.23 -0.55
CA ILE L 33 -33.71 -28.93 -1.18
C ILE L 33 -33.52 -27.81 -0.17
N MET L 34 -34.15 -27.94 1.00
CA MET L 34 -34.09 -26.88 2.01
C MET L 34 -32.67 -26.71 2.54
N VAL L 35 -31.98 -27.82 2.83
CA VAL L 35 -30.61 -27.72 3.33
C VAL L 35 -29.72 -27.07 2.29
N LEU L 36 -29.87 -27.45 1.02
CA LEU L 36 -29.07 -26.83 -0.03
C LEU L 36 -29.36 -25.34 -0.16
N VAL L 37 -30.63 -24.95 -0.06
CA VAL L 37 -30.97 -23.53 -0.14
C VAL L 37 -30.35 -22.77 1.02
N VAL L 38 -30.37 -23.35 2.22
CA VAL L 38 -29.78 -22.70 3.38
C VAL L 38 -28.26 -22.54 3.21
N ALA L 39 -27.59 -23.57 2.71
CA ALA L 39 -26.14 -23.60 2.71
C ALA L 39 -25.49 -23.10 1.42
N ALA L 40 -26.28 -22.77 0.39
CA ALA L 40 -25.68 -22.42 -0.90
C ALA L 40 -24.77 -21.20 -0.80
N GLU L 41 -25.34 -20.04 -0.52
CA GLU L 41 -24.58 -18.80 -0.55
C GLU L 41 -24.14 -18.34 0.83
N SER L 42 -24.68 -18.91 1.91
CA SER L 42 -24.28 -18.49 3.25
C SER L 42 -22.86 -18.96 3.56
N VAL L 43 -22.55 -20.23 3.29
CA VAL L 43 -21.28 -20.80 3.71
C VAL L 43 -20.34 -21.08 2.54
N TRP L 44 -20.84 -21.33 1.34
CA TRP L 44 -20.02 -21.53 0.17
C TRP L 44 -19.89 -20.28 -0.68
N GLY L 45 -20.44 -19.15 -0.23
CA GLY L 45 -20.41 -17.94 -1.05
C GLY L 45 -19.03 -17.36 -1.25
N ASP L 46 -18.21 -17.36 -0.20
CA ASP L 46 -16.86 -16.78 -0.24
C ASP L 46 -15.78 -17.86 -0.35
N GLU L 47 -16.07 -18.96 -1.04
CA GLU L 47 -15.12 -20.06 -1.12
C GLU L 47 -13.84 -19.66 -1.84
N LYS L 48 -13.96 -18.86 -2.90
CA LYS L 48 -12.81 -18.47 -3.71
C LYS L 48 -12.24 -17.12 -3.34
N SER L 49 -13.09 -16.16 -2.94
CA SER L 49 -12.60 -14.84 -2.61
C SER L 49 -11.81 -14.82 -1.31
N SER L 50 -12.09 -15.75 -0.40
CA SER L 50 -11.36 -15.86 0.85
C SER L 50 -10.24 -16.89 0.81
N PHE L 51 -10.06 -17.56 -0.31
CA PHE L 51 -8.97 -18.53 -0.48
C PHE L 51 -7.67 -17.79 -0.70
N ILE L 52 -6.69 -17.98 0.18
CA ILE L 52 -5.42 -17.28 0.09
C ILE L 52 -4.27 -18.26 0.25
N CYS L 53 -3.14 -17.90 -0.34
CA CYS L 53 -1.92 -18.69 -0.27
C CYS L 53 -0.76 -17.79 0.18
N ASN L 54 0.22 -18.41 0.84
CA ASN L 54 1.38 -17.69 1.36
C ASN L 54 2.44 -17.61 0.26
N THR L 55 2.30 -16.59 -0.59
CA THR L 55 3.22 -16.38 -1.69
C THR L 55 3.03 -14.98 -2.25
N LEU L 56 4.05 -14.51 -2.98
CA LEU L 56 3.98 -13.27 -3.74
C LEU L 56 3.78 -13.50 -5.23
N GLN L 57 3.63 -14.74 -5.65
CA GLN L 57 3.54 -15.07 -7.07
C GLN L 57 2.17 -14.71 -7.62
N PRO L 58 2.06 -13.87 -8.64
CA PRO L 58 0.73 -13.56 -9.20
C PRO L 58 0.13 -14.78 -9.88
N GLY L 59 -1.18 -14.97 -9.65
CA GLY L 59 -1.91 -16.05 -10.26
C GLY L 59 -1.86 -17.38 -9.54
N CYS L 60 -1.16 -17.48 -8.41
CA CYS L 60 -1.06 -18.75 -7.71
C CYS L 60 -2.35 -19.10 -6.98
N ASN L 61 -3.05 -18.09 -6.43
CA ASN L 61 -4.30 -18.34 -5.73
C ASN L 61 -5.33 -18.99 -6.65
N SER L 62 -5.51 -18.45 -7.86
CA SER L 62 -6.53 -18.97 -8.76
C SER L 62 -6.21 -20.40 -9.22
N VAL L 63 -4.97 -20.66 -9.59
CA VAL L 63 -4.62 -21.99 -10.07
C VAL L 63 -4.71 -23.01 -8.94
N CYS L 64 -4.30 -22.64 -7.72
CA CYS L 64 -4.41 -23.58 -6.61
C CYS L 64 -5.86 -23.86 -6.25
N TYR L 65 -6.71 -22.83 -6.25
CA TYR L 65 -8.13 -23.07 -5.99
C TYR L 65 -8.73 -23.97 -7.05
N ASP L 66 -8.40 -23.74 -8.32
CA ASP L 66 -8.93 -24.59 -9.38
C ASP L 66 -8.42 -26.02 -9.24
N GLN L 67 -7.16 -26.20 -8.84
CA GLN L 67 -6.62 -27.54 -8.66
C GLN L 67 -7.34 -28.29 -7.54
N PHE L 68 -7.60 -27.62 -6.41
CA PHE L 68 -8.15 -28.35 -5.26
C PHE L 68 -9.67 -28.41 -5.25
N PHE L 69 -10.36 -27.58 -6.01
CA PHE L 69 -11.82 -27.59 -6.07
C PHE L 69 -12.26 -27.54 -7.53
N PRO L 70 -12.14 -28.66 -8.25
CA PRO L 70 -12.55 -28.66 -9.67
C PRO L 70 -14.01 -28.28 -9.87
N ILE L 71 -14.88 -28.68 -8.96
CA ILE L 71 -16.27 -28.25 -8.95
C ILE L 71 -16.74 -28.20 -7.52
N SER L 72 -17.45 -27.13 -7.17
CA SER L 72 -17.88 -26.92 -5.80
C SER L 72 -18.91 -27.98 -5.37
N HIS L 73 -18.95 -28.26 -4.07
CA HIS L 73 -19.90 -29.22 -3.54
C HIS L 73 -21.34 -28.81 -3.83
N VAL L 74 -21.64 -27.51 -3.70
CA VAL L 74 -22.99 -27.02 -3.90
C VAL L 74 -23.45 -27.23 -5.34
N ARG L 75 -22.56 -26.98 -6.30
CA ARG L 75 -22.93 -27.20 -7.70
C ARG L 75 -23.15 -28.68 -7.99
N LEU L 76 -22.34 -29.56 -7.40
CA LEU L 76 -22.56 -30.99 -7.54
C LEU L 76 -23.92 -31.40 -7.00
N TRP L 77 -24.27 -30.90 -5.82
CA TRP L 77 -25.56 -31.25 -5.24
C TRP L 77 -26.73 -30.68 -6.06
N SER L 78 -26.56 -29.47 -6.61
CA SER L 78 -27.60 -28.91 -7.47
C SER L 78 -27.80 -29.74 -8.72
N LEU L 79 -26.72 -30.15 -9.38
CA LEU L 79 -26.84 -30.99 -10.56
C LEU L 79 -27.47 -32.33 -10.22
N GLN L 80 -27.08 -32.90 -9.07
CA GLN L 80 -27.67 -34.17 -8.65
C GLN L 80 -29.18 -34.04 -8.45
N LEU L 81 -29.61 -32.96 -7.79
CA LEU L 81 -31.04 -32.78 -7.58
C LEU L 81 -31.79 -32.60 -8.90
N ILE L 82 -31.22 -31.82 -9.82
CA ILE L 82 -31.89 -31.60 -11.11
C ILE L 82 -32.03 -32.92 -11.87
N LEU L 83 -30.94 -33.68 -11.95
CA LEU L 83 -30.99 -34.94 -12.69
C LEU L 83 -31.88 -35.97 -12.02
N VAL L 84 -31.95 -35.97 -10.69
CA VAL L 84 -32.82 -36.90 -9.99
C VAL L 84 -34.29 -36.53 -10.22
N SER L 85 -34.59 -35.24 -10.26
CA SER L 85 -35.97 -34.81 -10.46
C SER L 85 -36.41 -34.89 -11.92
N THR L 86 -35.49 -35.01 -12.87
CA THR L 86 -35.88 -35.07 -14.28
C THR L 86 -36.83 -36.22 -14.63
N PRO L 87 -36.55 -37.48 -14.27
CA PRO L 87 -37.47 -38.56 -14.69
C PRO L 87 -38.88 -38.43 -14.12
N ALA L 88 -39.03 -37.86 -12.92
CA ALA L 88 -40.37 -37.70 -12.35
C ALA L 88 -41.21 -36.77 -13.21
N LEU L 89 -40.67 -35.62 -13.61
CA LEU L 89 -41.43 -34.73 -14.46
C LEU L 89 -41.57 -35.25 -15.87
N LEU L 90 -40.63 -36.08 -16.33
CA LEU L 90 -40.82 -36.76 -17.62
C LEU L 90 -42.05 -37.67 -17.55
N VAL L 91 -42.18 -38.44 -16.47
CA VAL L 91 -43.35 -39.30 -16.29
C VAL L 91 -44.62 -38.46 -16.19
N ALA L 92 -44.55 -37.35 -15.46
CA ALA L 92 -45.74 -36.50 -15.31
C ALA L 92 -46.19 -35.94 -16.65
N MET L 93 -45.24 -35.49 -17.48
CA MET L 93 -45.59 -34.99 -18.81
C MET L 93 -46.15 -36.10 -19.68
N HIS L 94 -45.62 -37.32 -19.57
CA HIS L 94 -46.18 -38.43 -20.33
C HIS L 94 -47.61 -38.72 -19.92
N VAL L 95 -47.89 -38.67 -18.62
CA VAL L 95 -49.25 -38.88 -18.13
C VAL L 95 -50.18 -37.79 -18.63
N ALA L 96 -49.72 -36.54 -18.60
CA ALA L 96 -50.53 -35.44 -19.12
C ALA L 96 -50.81 -35.61 -20.61
N HIS L 97 -49.81 -36.05 -21.37
CA HIS L 97 -50.01 -36.31 -22.80
C HIS L 97 -51.03 -37.41 -23.03
N GLN L 98 -50.94 -38.49 -22.26
CA GLN L 98 -51.90 -39.59 -22.39
C GLN L 98 -53.31 -39.12 -22.07
N GLN L 99 -53.46 -38.34 -21.00
CA GLN L 99 -54.79 -37.84 -20.62
C GLN L 99 -55.33 -36.88 -21.67
N HIS L 100 -54.48 -36.05 -22.26
CA HIS L 100 -54.92 -35.16 -23.34
C HIS L 100 -55.37 -35.95 -24.56
N ILE L 101 -54.63 -37.01 -24.90
CA ILE L 101 -55.03 -37.87 -26.01
C ILE L 101 -56.38 -38.52 -25.72
N GLU L 102 -56.58 -38.98 -24.49
CA GLU L 102 -57.87 -39.56 -24.12
C GLU L 102 -58.99 -38.53 -24.21
N LYS L 103 -58.72 -37.30 -23.77
CA LYS L 103 -59.75 -36.26 -23.80
C LYS L 103 -60.13 -35.89 -25.22
N LYS L 104 -59.14 -35.79 -26.13
CA LYS L 104 -59.43 -35.37 -27.49
C LYS L 104 -60.09 -36.47 -28.33
N MET L 105 -60.12 -37.71 -27.84
CA MET L 105 -60.78 -38.80 -28.57
C MET L 105 -62.13 -39.12 -27.94
N ILE L 127 -53.00 -47.97 -21.29
CA ILE L 127 -53.46 -48.88 -20.26
C ILE L 127 -52.67 -48.67 -18.97
N SER L 128 -53.00 -49.44 -17.94
CA SER L 128 -52.32 -49.30 -16.66
C SER L 128 -50.93 -49.92 -16.68
N GLY L 129 -50.73 -50.95 -17.50
CA GLY L 129 -49.42 -51.61 -17.56
C GLY L 129 -48.33 -50.68 -18.03
N THR L 130 -48.63 -49.82 -19.01
CA THR L 130 -47.65 -48.86 -19.47
C THR L 130 -47.26 -47.89 -18.35
N LEU L 131 -48.24 -47.44 -17.58
CA LEU L 131 -47.96 -46.58 -16.43
C LEU L 131 -47.08 -47.29 -15.42
N TRP L 132 -47.38 -48.56 -15.13
CA TRP L 132 -46.61 -49.32 -14.15
C TRP L 132 -45.16 -49.47 -14.60
N TRP L 133 -44.96 -49.83 -15.87
CA TRP L 133 -43.60 -49.99 -16.39
C TRP L 133 -42.85 -48.66 -16.42
N THR L 134 -43.54 -47.58 -16.80
CA THR L 134 -42.90 -46.27 -16.79
C THR L 134 -42.47 -45.88 -15.37
N TYR L 135 -43.32 -46.16 -14.38
CA TYR L 135 -42.97 -45.85 -13.00
C TYR L 135 -41.76 -46.63 -12.54
N VAL L 136 -41.71 -47.94 -12.83
CA VAL L 136 -40.58 -48.72 -12.36
C VAL L 136 -39.29 -48.29 -13.07
N ILE L 137 -39.38 -47.96 -14.37
CA ILE L 137 -38.19 -47.51 -15.08
C ILE L 137 -37.69 -46.18 -14.52
N SER L 138 -38.62 -45.27 -14.20
CA SER L 138 -38.21 -43.98 -13.64
C SER L 138 -37.56 -44.15 -12.28
N VAL L 139 -38.08 -45.07 -11.45
CA VAL L 139 -37.46 -45.31 -10.15
C VAL L 139 -36.05 -45.87 -10.33
N VAL L 140 -35.88 -46.79 -11.28
CA VAL L 140 -34.55 -47.35 -11.54
C VAL L 140 -33.58 -46.25 -11.99
N PHE L 141 -34.05 -45.35 -12.85
CA PHE L 141 -33.19 -44.26 -13.32
C PHE L 141 -32.81 -43.31 -12.19
N ARG L 142 -33.75 -43.02 -11.28
CA ARG L 142 -33.41 -42.21 -10.12
C ARG L 142 -32.34 -42.88 -9.27
N LEU L 143 -32.47 -44.19 -9.05
CA LEU L 143 -31.47 -44.92 -8.29
C LEU L 143 -30.11 -44.84 -8.96
N LEU L 144 -30.08 -45.00 -10.28
CA LEU L 144 -28.81 -44.93 -11.02
C LEU L 144 -28.17 -43.55 -10.89
N PHE L 145 -28.97 -42.49 -11.03
CA PHE L 145 -28.42 -41.14 -10.92
C PHE L 145 -27.84 -40.88 -9.54
N GLU L 146 -28.57 -41.29 -8.49
CA GLU L 146 -28.04 -41.09 -7.14
C GLU L 146 -26.75 -41.87 -6.93
N ALA L 147 -26.70 -43.11 -7.41
CA ALA L 147 -25.49 -43.91 -7.24
C ALA L 147 -24.30 -43.30 -7.97
N VAL L 148 -24.50 -42.85 -9.20
CA VAL L 148 -23.36 -42.31 -9.95
C VAL L 148 -22.89 -41.00 -9.34
N PHE L 149 -23.80 -40.17 -8.81
CA PHE L 149 -23.33 -38.95 -8.17
C PHE L 149 -22.59 -39.23 -6.87
N MET L 150 -23.04 -40.24 -6.11
CA MET L 150 -22.28 -40.66 -4.94
C MET L 150 -20.88 -41.11 -5.33
N TYR L 151 -20.77 -41.88 -6.40
CA TYR L 151 -19.47 -42.37 -6.83
C TYR L 151 -18.56 -41.23 -7.28
N VAL L 152 -19.10 -40.26 -8.05
CA VAL L 152 -18.25 -39.18 -8.50
C VAL L 152 -17.82 -38.29 -7.33
N PHE L 153 -18.69 -38.11 -6.32
CA PHE L 153 -18.27 -37.38 -5.14
C PHE L 153 -17.16 -38.12 -4.41
N TYR L 154 -17.25 -39.45 -4.32
CA TYR L 154 -16.19 -40.22 -3.71
C TYR L 154 -14.89 -40.09 -4.48
N LEU L 155 -14.96 -40.04 -5.81
CA LEU L 155 -13.76 -39.89 -6.62
C LEU L 155 -13.10 -38.52 -6.39
N LEU L 156 -13.90 -37.46 -6.41
CA LEU L 156 -13.31 -36.12 -6.31
C LEU L 156 -12.83 -35.80 -4.90
N TYR L 157 -13.62 -36.17 -3.89
CA TYR L 157 -13.34 -35.82 -2.49
C TYR L 157 -13.42 -37.09 -1.64
N PRO L 158 -12.33 -37.87 -1.58
CA PRO L 158 -12.40 -39.17 -0.89
C PRO L 158 -12.83 -39.08 0.57
N GLY L 159 -12.39 -38.07 1.30
CA GLY L 159 -12.73 -37.92 2.70
C GLY L 159 -13.92 -36.97 2.88
N TYR L 160 -14.79 -37.32 3.81
CA TYR L 160 -15.94 -36.46 4.10
C TYR L 160 -15.53 -35.17 4.79
N ALA L 161 -14.34 -35.11 5.35
CA ALA L 161 -13.87 -33.95 6.09
C ALA L 161 -13.03 -33.05 5.20
N MET L 162 -13.09 -31.74 5.48
CA MET L 162 -12.32 -30.74 4.76
C MET L 162 -11.23 -30.21 5.69
N VAL L 163 -10.03 -30.02 5.14
CA VAL L 163 -8.85 -29.66 5.94
C VAL L 163 -8.61 -28.16 5.84
N ARG L 164 -7.92 -27.61 6.84
CA ARG L 164 -7.65 -26.18 6.88
C ARG L 164 -6.54 -25.77 5.93
N LEU L 165 -5.49 -26.58 5.80
CA LEU L 165 -4.29 -26.22 5.05
C LEU L 165 -4.05 -27.25 3.95
N VAL L 166 -3.74 -26.76 2.75
CA VAL L 166 -3.41 -27.61 1.61
C VAL L 166 -2.08 -27.17 1.02
N LYS L 167 -1.41 -28.11 0.37
CA LYS L 167 -0.10 -27.89 -0.24
C LYS L 167 -0.27 -27.90 -1.75
N CYS L 168 0.17 -26.83 -2.41
CA CYS L 168 -0.05 -26.63 -3.83
C CYS L 168 1.27 -26.43 -4.54
N ASP L 169 1.49 -27.17 -5.64
CA ASP L 169 2.72 -27.03 -6.41
C ASP L 169 2.44 -26.88 -7.90
N VAL L 170 1.26 -26.36 -8.26
CA VAL L 170 0.90 -26.18 -9.66
C VAL L 170 1.56 -24.93 -10.20
N TYR L 171 1.98 -24.99 -11.47
CA TYR L 171 2.54 -23.83 -12.12
C TYR L 171 1.50 -22.71 -12.16
N PRO L 172 1.90 -21.44 -11.95
CA PRO L 172 3.26 -20.91 -11.77
C PRO L 172 3.75 -20.82 -10.33
N CYS L 173 3.12 -21.48 -9.36
CA CYS L 173 3.58 -21.37 -7.98
C CYS L 173 4.96 -21.99 -7.84
N PRO L 174 5.92 -21.30 -7.22
CA PRO L 174 7.27 -21.86 -7.08
C PRO L 174 7.35 -22.83 -5.92
N ASN L 175 7.96 -23.99 -6.17
CA ASN L 175 8.13 -25.06 -5.17
C ASN L 175 6.75 -25.45 -4.67
N THR L 176 6.52 -25.54 -3.37
CA THR L 176 5.22 -25.85 -2.79
C THR L 176 4.79 -24.70 -1.88
N VAL L 177 3.53 -24.32 -1.97
CA VAL L 177 2.99 -23.23 -1.17
C VAL L 177 1.85 -23.75 -0.31
N ASP L 178 1.63 -23.06 0.81
CA ASP L 178 0.54 -23.34 1.73
C ASP L 178 -0.66 -22.48 1.38
N CYS L 179 -1.84 -23.10 1.31
CA CYS L 179 -3.08 -22.38 1.05
C CYS L 179 -4.12 -22.77 2.09
N PHE L 180 -5.03 -21.85 2.38
CA PHE L 180 -5.97 -21.99 3.49
C PHE L 180 -7.40 -21.94 3.00
N VAL L 181 -8.22 -22.86 3.51
CA VAL L 181 -9.59 -23.05 3.09
C VAL L 181 -10.53 -22.29 4.04
N SER L 182 -11.63 -21.79 3.49
CA SER L 182 -12.63 -21.06 4.27
C SER L 182 -13.65 -22.03 4.86
N ARG L 183 -13.93 -21.87 6.16
CA ARG L 183 -14.97 -22.60 6.86
C ARG L 183 -14.92 -24.12 6.66
N PRO L 184 -13.79 -24.77 6.96
CA PRO L 184 -13.75 -26.24 6.78
C PRO L 184 -14.75 -27.00 7.63
N THR L 185 -14.99 -26.58 8.88
CA THR L 185 -15.80 -27.38 9.79
C THR L 185 -17.29 -27.31 9.43
N GLU L 186 -17.78 -26.12 9.12
CA GLU L 186 -19.18 -25.98 8.72
C GLU L 186 -19.46 -26.73 7.43
N LYS L 187 -18.53 -26.64 6.47
CA LYS L 187 -18.66 -27.40 5.24
C LYS L 187 -18.66 -28.90 5.50
N THR L 188 -17.83 -29.37 6.44
CA THR L 188 -17.85 -30.79 6.80
C THR L 188 -19.21 -31.20 7.37
N VAL L 189 -19.79 -30.36 8.23
CA VAL L 189 -21.09 -30.68 8.83
C VAL L 189 -22.15 -30.80 7.75
N PHE L 190 -22.20 -29.82 6.84
CA PHE L 190 -23.22 -29.87 5.79
C PHE L 190 -22.97 -31.03 4.82
N THR L 191 -21.70 -31.37 4.56
CA THR L 191 -21.41 -32.53 3.73
C THR L 191 -21.93 -33.80 4.36
N VAL L 192 -21.75 -33.95 5.67
CA VAL L 192 -22.27 -35.15 6.36
C VAL L 192 -23.78 -35.22 6.23
N PHE L 193 -24.46 -34.08 6.44
CA PHE L 193 -25.92 -34.06 6.29
C PHE L 193 -26.34 -34.51 4.89
N MET L 194 -25.72 -33.93 3.87
CA MET L 194 -26.13 -34.22 2.50
C MET L 194 -25.85 -35.67 2.11
N LEU L 195 -24.70 -36.19 2.52
CA LEU L 195 -24.36 -37.59 2.19
C LEU L 195 -25.32 -38.55 2.90
N ALA L 196 -25.65 -38.28 4.16
CA ALA L 196 -26.60 -39.15 4.85
C ALA L 196 -27.96 -39.13 4.16
N ALA L 197 -28.42 -37.95 3.76
CA ALA L 197 -29.71 -37.88 3.06
C ALA L 197 -29.67 -38.65 1.74
N SER L 198 -28.58 -38.53 0.98
CA SER L 198 -28.48 -39.26 -0.28
C SER L 198 -28.47 -40.78 -0.05
N GLY L 199 -27.76 -41.24 0.97
CA GLY L 199 -27.76 -42.66 1.27
C GLY L 199 -29.14 -43.18 1.65
N ILE L 200 -29.87 -42.40 2.45
CA ILE L 200 -31.23 -42.79 2.79
C ILE L 200 -32.10 -42.87 1.54
N CYS L 201 -31.94 -41.91 0.63
CA CYS L 201 -32.71 -41.94 -0.61
C CYS L 201 -32.40 -43.17 -1.44
N ILE L 202 -31.13 -43.55 -1.52
CA ILE L 202 -30.76 -44.75 -2.27
C ILE L 202 -31.42 -45.99 -1.66
N ILE L 203 -31.36 -46.12 -0.33
CA ILE L 203 -31.96 -47.28 0.33
C ILE L 203 -33.47 -47.30 0.07
N LEU L 204 -34.13 -46.14 0.16
CA LEU L 204 -35.56 -46.10 -0.07
C LEU L 204 -35.92 -46.47 -1.50
N ASN L 205 -35.12 -46.03 -2.48
CA ASN L 205 -35.41 -46.40 -3.86
C ASN L 205 -35.26 -47.90 -4.08
N VAL L 206 -34.23 -48.52 -3.49
CA VAL L 206 -34.07 -49.95 -3.61
C VAL L 206 -35.26 -50.68 -2.98
N ALA L 207 -35.69 -50.22 -1.81
CA ALA L 207 -36.87 -50.81 -1.17
C ALA L 207 -38.10 -50.64 -2.04
N GLU L 208 -38.23 -49.49 -2.71
CA GLU L 208 -39.39 -49.25 -3.57
C GLU L 208 -39.44 -50.23 -4.73
N VAL L 209 -38.31 -50.42 -5.43
CA VAL L 209 -38.34 -51.34 -6.57
C VAL L 209 -38.59 -52.76 -6.10
N VAL L 210 -37.97 -53.16 -4.97
CA VAL L 210 -38.19 -54.51 -4.47
C VAL L 210 -39.66 -54.72 -4.09
N TYR L 211 -40.27 -53.73 -3.43
CA TYR L 211 -41.66 -53.84 -3.02
C TYR L 211 -42.59 -53.92 -4.23
N LEU L 212 -42.32 -53.10 -5.25
CA LEU L 212 -43.14 -53.15 -6.46
C LEU L 212 -43.03 -54.50 -7.15
N ILE L 213 -41.82 -55.04 -7.24
CA ILE L 213 -41.64 -56.35 -7.87
C ILE L 213 -42.38 -57.43 -7.07
N ILE L 214 -42.29 -57.37 -5.74
CA ILE L 214 -42.98 -58.36 -4.91
C ILE L 214 -44.49 -58.27 -5.10
N ARG L 215 -45.04 -57.04 -5.11
CA ARG L 215 -46.47 -56.88 -5.32
C ARG L 215 -46.89 -57.32 -6.71
N ALA L 216 -45.99 -57.24 -7.70
CA ALA L 216 -46.32 -57.67 -9.05
C ALA L 216 -46.64 -59.15 -9.10
N CYS L 217 -45.86 -59.97 -8.41
CA CYS L 217 -46.09 -61.42 -8.40
C CYS L 217 -46.47 -61.90 -7.00
#